data_1VL6
#
_entry.id   1VL6
#
_cell.length_a   143.963
_cell.length_b   143.963
_cell.length_c   163.428
_cell.angle_alpha   90.00
_cell.angle_beta   90.00
_cell.angle_gamma   120.00
#
_symmetry.space_group_name_H-M   'P 65'
#
loop_
_entity.id
_entity.type
_entity.pdbx_description
1 polymer 'malate oxidoreductase'
2 water water
#
_entity_poly.entity_id   1
_entity_poly.type   'polypeptide(L)'
_entity_poly.pdbx_seq_one_letter_code
;(MSE)GSDKIHHHHHHVDALEVHRFLKGKIRTALPVEKVDRETLSLLYTPGVADVARACAEDPEKTYVYTSRWNTVAVVS
DGSAVLGLGNIGPYGALPV(MSE)EGKAFLFKAFADIDAFPICLSESEEEKIISIVKSLEPSFGGINLEDIGAPKCFRIL
QRLSEE(MSE)NIPVFHDDQQGTAVVVSAAFLNALKLTEKKIEEVKVVVNGIGAAGYNIVKFLLDLGVKNVVAVDRKGIL
NENDPETCLNEYHLEIARITNPERLSGDLETALEGADFFIGVSRGNILKPEWIKK(MSE)SRKPVIFALANPVPEIDPEL
AREAGAFIVATGRSDHPNQVNNLLAFPGI(MSE)KGAVEKRSKITKN(MSE)LLSAVEAIARSCEPEPERIIPEAFD
(MSE)KVHLNVYTAVKGSA
;
_entity_poly.pdbx_strand_id   A,B,C,D
#
# COMPACT_ATOMS: atom_id res chain seq x y z
N HIS A 12 -22.58 16.84 2.30
CA HIS A 12 -22.13 18.18 1.84
C HIS A 12 -20.64 18.13 1.40
N VAL A 13 -20.18 16.99 0.84
CA VAL A 13 -18.75 16.57 0.86
C VAL A 13 -17.81 17.18 -0.16
N ASP A 14 -16.96 18.01 0.36
CA ASP A 14 -16.19 18.96 -0.39
C ASP A 14 -14.94 18.35 -0.97
N ALA A 15 -14.50 18.81 -2.12
CA ALA A 15 -13.15 18.49 -2.56
C ALA A 15 -12.11 19.00 -1.58
N LEU A 16 -12.32 20.19 -1.01
CA LEU A 16 -11.35 20.76 -0.06
C LEU A 16 -11.28 19.95 1.21
N GLU A 17 -12.44 19.64 1.77
CA GLU A 17 -12.50 18.86 3.00
C GLU A 17 -11.77 17.54 2.81
N VAL A 18 -11.98 16.88 1.67
CA VAL A 18 -11.41 15.56 1.45
C VAL A 18 -9.92 15.67 1.27
N HIS A 19 -9.45 16.71 0.57
CA HIS A 19 -8.00 16.91 0.40
C HIS A 19 -7.31 17.14 1.76
N ARG A 20 -7.99 17.89 2.61
CA ARG A 20 -7.48 18.17 3.91
C ARG A 20 -7.38 16.94 4.75
N PHE A 21 -8.44 16.13 4.76
CA PHE A 21 -8.42 14.84 5.47
C PHE A 21 -7.35 13.89 4.93
N LEU A 22 -7.17 13.80 3.62
CA LEU A 22 -6.18 12.87 3.09
C LEU A 22 -4.74 13.40 3.26
N LYS A 23 -4.62 14.72 3.48
CA LYS A 23 -3.33 15.42 3.48
C LYS A 23 -2.52 14.90 2.32
N GLY A 24 -3.07 14.96 1.11
CA GLY A 24 -2.33 14.54 -0.10
C GLY A 24 -2.80 13.22 -0.68
N LYS A 25 -2.65 13.05 -1.98
CA LYS A 25 -3.19 11.90 -2.69
C LYS A 25 -2.07 10.90 -3.03
N ILE A 26 -0.84 11.32 -2.68
CA ILE A 26 0.42 10.60 -2.93
C ILE A 26 0.99 9.95 -1.66
N ARG A 27 1.05 8.61 -1.67
CA ARG A 27 1.73 7.86 -0.61
C ARG A 27 3.04 7.33 -1.22
N THR A 28 4.06 7.07 -0.41
CA THR A 28 5.05 6.06 -0.76
C THR A 28 4.73 4.83 0.08
N ALA A 29 5.40 3.73 -0.23
CA ALA A 29 5.20 2.44 0.43
C ALA A 29 6.44 1.51 0.27
N LEU A 30 6.70 0.67 1.28
CA LEU A 30 7.95 -0.12 1.30
C LEU A 30 7.69 -1.57 0.86
N PRO A 31 8.65 -2.18 0.18
CA PRO A 31 8.54 -3.58 -0.18
C PRO A 31 8.36 -4.53 1.01
N VAL A 32 9.04 -4.21 2.12
CA VAL A 32 9.06 -5.10 3.26
C VAL A 32 8.50 -4.39 4.46
N GLU A 33 8.04 -5.17 5.42
CA GLU A 33 7.42 -4.61 6.59
C GLU A 33 8.52 -4.45 7.63
N LYS A 34 9.11 -5.56 8.12
CA LYS A 34 10.18 -5.41 9.12
C LYS A 34 11.48 -4.96 8.46
N VAL A 35 12.21 -4.16 9.22
CA VAL A 35 13.51 -3.67 8.80
C VAL A 35 14.48 -4.05 9.86
N ASP A 36 15.42 -4.91 9.52
CA ASP A 36 16.41 -5.36 10.50
C ASP A 36 17.80 -5.21 9.89
N ARG A 37 18.83 -5.62 10.63
CA ARG A 37 20.22 -5.55 10.16
C ARG A 37 20.37 -6.19 8.77
N GLU A 38 19.83 -7.39 8.63
CA GLU A 38 19.96 -8.13 7.36
C GLU A 38 19.34 -7.38 6.20
N THR A 39 18.15 -6.84 6.40
CA THR A 39 17.49 -6.07 5.36
C THR A 39 18.33 -4.88 4.91
N LEU A 40 18.86 -4.12 5.85
CA LEU A 40 19.67 -2.95 5.52
C LEU A 40 20.90 -3.32 4.74
N SER A 41 21.56 -4.39 5.18
CA SER A 41 22.78 -4.84 4.57
C SER A 41 22.52 -5.25 3.15
N LEU A 42 21.29 -5.61 2.82
CA LEU A 42 20.91 -5.85 1.41
C LEU A 42 20.45 -4.63 0.63
N LEU A 43 19.56 -3.83 1.20
CA LEU A 43 18.94 -2.73 0.48
C LEU A 43 19.70 -1.39 0.60
N TYR A 44 20.64 -1.30 1.53
CA TYR A 44 21.49 -0.14 1.70
C TYR A 44 22.91 -0.72 1.90
N THR A 45 23.77 -0.09 2.69
CA THR A 45 25.15 -0.52 2.75
C THR A 45 25.24 -1.82 3.55
N PRO A 46 26.13 -2.73 3.17
CA PRO A 46 27.06 -2.56 2.05
C PRO A 46 26.56 -3.13 0.73
N GLY A 47 25.49 -3.91 0.73
CA GLY A 47 24.97 -4.54 -0.49
C GLY A 47 24.67 -3.61 -1.66
N VAL A 48 24.13 -2.44 -1.35
CA VAL A 48 23.72 -1.52 -2.40
C VAL A 48 24.91 -1.05 -3.24
N ALA A 49 26.13 -1.12 -2.70
CA ALA A 49 27.30 -0.72 -3.48
C ALA A 49 27.49 -1.56 -4.76
N ASP A 50 27.21 -2.86 -4.70
CA ASP A 50 27.22 -3.69 -5.91
C ASP A 50 26.21 -3.21 -6.93
N VAL A 51 25.05 -2.72 -6.48
CA VAL A 51 24.01 -2.25 -7.43
C VAL A 51 24.41 -0.92 -7.99
N ALA A 52 25.04 -0.10 -7.16
CA ALA A 52 25.55 1.19 -7.62
C ALA A 52 26.64 0.98 -8.69
N ARG A 53 27.61 0.11 -8.43
CA ARG A 53 28.65 -0.23 -9.40
C ARG A 53 28.01 -0.64 -10.72
N ALA A 54 27.08 -1.58 -10.65
CA ALA A 54 26.38 -2.10 -11.84
C ALA A 54 25.69 -1.02 -12.69
N CYS A 55 25.03 -0.08 -12.02
CA CYS A 55 24.32 0.95 -12.72
C CYS A 55 25.26 2.04 -13.26
N ALA A 56 26.34 2.29 -12.56
CA ALA A 56 27.29 3.24 -13.09
C ALA A 56 27.93 2.62 -14.34
N GLU A 57 28.41 1.37 -14.27
CA GLU A 57 28.96 0.64 -15.43
C GLU A 57 27.99 0.58 -16.59
N ASP A 58 26.68 0.56 -16.32
CA ASP A 58 25.71 0.43 -17.39
C ASP A 58 24.36 0.99 -16.95
N PRO A 59 24.12 2.26 -17.29
CA PRO A 59 22.90 2.94 -16.89
C PRO A 59 21.62 2.21 -17.25
N GLU A 60 21.60 1.44 -18.35
CA GLU A 60 20.36 0.69 -18.69
C GLU A 60 19.96 -0.25 -17.53
N LYS A 61 20.89 -0.64 -16.67
CA LYS A 61 20.60 -1.58 -15.60
C LYS A 61 19.71 -0.91 -14.55
N THR A 62 19.59 0.43 -14.56
CA THR A 62 18.55 1.07 -13.69
C THR A 62 17.15 0.51 -13.93
N TYR A 63 16.88 0.08 -15.16
CA TYR A 63 15.59 -0.52 -15.50
C TYR A 63 15.40 -1.89 -14.85
N VAL A 64 16.49 -2.51 -14.44
CA VAL A 64 16.45 -3.83 -13.80
C VAL A 64 16.48 -3.75 -12.27
N TYR A 65 17.23 -2.81 -11.74
CA TYR A 65 17.54 -2.74 -10.31
C TYR A 65 16.90 -1.60 -9.51
N THR A 66 16.23 -0.67 -10.20
CA THR A 66 15.49 0.40 -9.53
C THR A 66 14.06 0.44 -10.03
N SER A 67 13.32 1.43 -9.55
CA SER A 67 11.97 1.65 -9.96
C SER A 67 11.86 2.44 -11.25
N ARG A 68 12.99 2.84 -11.83
CA ARG A 68 12.99 3.72 -12.99
C ARG A 68 12.12 3.19 -14.14
N TRP A 69 11.98 1.87 -14.23
CA TRP A 69 11.20 1.23 -15.29
C TRP A 69 9.73 1.61 -15.26
N ASN A 70 9.30 2.18 -14.14
CA ASN A 70 7.91 2.46 -13.92
C ASN A 70 7.66 3.78 -13.21
N THR A 71 8.60 4.72 -13.24
CA THR A 71 8.35 6.04 -12.65
C THR A 71 8.28 7.14 -13.68
N VAL A 72 7.44 8.10 -13.43
CA VAL A 72 7.16 9.15 -14.40
C VAL A 72 7.11 10.48 -13.63
N ALA A 73 7.77 11.52 -14.16
CA ALA A 73 7.69 12.83 -13.56
C ALA A 73 6.53 13.57 -14.20
N VAL A 74 5.66 14.16 -13.39
CA VAL A 74 4.58 14.99 -13.90
C VAL A 74 5.07 16.42 -13.69
N VAL A 75 5.44 17.06 -14.79
CA VAL A 75 6.19 18.31 -14.74
C VAL A 75 5.33 19.51 -15.14
N SER A 76 5.18 20.49 -14.25
CA SER A 76 4.50 21.73 -14.65
C SER A 76 5.14 22.91 -13.97
N ASP A 77 5.00 24.09 -14.59
CA ASP A 77 5.33 25.35 -13.93
C ASP A 77 4.07 26.08 -13.59
N GLY A 78 2.94 25.46 -13.90
CA GLY A 78 1.62 26.02 -13.59
C GLY A 78 1.25 27.22 -14.45
N SER A 79 1.80 27.29 -15.64
CA SER A 79 1.52 28.40 -16.53
C SER A 79 0.17 28.22 -17.22
N ALA A 80 -0.42 27.05 -17.15
CA ALA A 80 -1.76 26.81 -17.73
C ALA A 80 -2.49 25.69 -17.01
N VAL A 81 -2.93 25.98 -15.79
CA VAL A 81 -3.58 24.95 -15.00
C VAL A 81 -5.05 24.87 -15.36
N LEU A 82 -5.45 23.67 -15.73
CA LEU A 82 -6.87 23.38 -15.97
C LEU A 82 -7.44 24.52 -16.79
N GLY A 83 -8.57 25.09 -16.35
CA GLY A 83 -9.16 26.24 -16.97
C GLY A 83 -8.79 27.52 -16.30
N LEU A 84 -7.85 27.46 -15.34
CA LEU A 84 -7.58 28.60 -14.44
C LEU A 84 -6.53 29.55 -14.96
N GLY A 85 -5.66 29.07 -15.83
CA GLY A 85 -4.54 29.88 -16.35
C GLY A 85 -3.23 29.80 -15.58
N ASN A 86 -2.54 30.92 -15.52
CA ASN A 86 -1.18 30.95 -15.06
C ASN A 86 -1.15 31.22 -13.56
N ILE A 87 -1.52 30.19 -12.79
CA ILE A 87 -1.64 30.31 -11.33
C ILE A 87 -0.36 29.92 -10.62
N GLY A 88 0.56 29.26 -11.34
CA GLY A 88 1.83 28.88 -10.75
C GLY A 88 1.92 27.51 -10.14
N PRO A 89 3.12 27.16 -9.66
CA PRO A 89 3.47 25.83 -9.25
C PRO A 89 2.81 25.36 -7.98
N TYR A 90 2.47 26.29 -7.09
CA TYR A 90 1.73 25.89 -5.87
C TYR A 90 0.27 25.49 -6.16
N GLY A 91 -0.42 26.29 -6.98
CA GLY A 91 -1.75 25.99 -7.40
C GLY A 91 -1.70 24.72 -8.19
N ALA A 92 -0.60 24.50 -8.92
CA ALA A 92 -0.52 23.33 -9.78
C ALA A 92 -0.36 22.06 -8.96
N LEU A 93 0.26 22.15 -7.79
CA LEU A 93 0.67 20.93 -7.08
C LEU A 93 -0.48 19.96 -6.80
N PRO A 94 -1.61 20.41 -6.27
CA PRO A 94 -2.69 19.48 -6.00
C PRO A 94 -3.26 18.89 -7.29
N VAL A 95 -3.10 19.62 -8.39
CA VAL A 95 -3.54 19.11 -9.67
C VAL A 95 -2.57 18.00 -10.14
N GLU A 97 -0.78 16.19 -8.26
CA GLU A 97 -1.02 15.06 -7.39
C GLU A 97 -2.22 14.23 -7.93
N GLY A 98 -3.26 14.90 -8.36
CA GLY A 98 -4.37 14.23 -9.00
C GLY A 98 -3.95 13.46 -10.23
N LYS A 99 -3.19 14.09 -11.13
CA LYS A 99 -2.67 13.35 -12.25
C LYS A 99 -1.86 12.13 -11.82
N ALA A 100 -1.05 12.28 -10.79
CA ALA A 100 -0.22 11.17 -10.36
C ALA A 100 -1.15 10.05 -9.91
N PHE A 101 -2.18 10.39 -9.15
CA PHE A 101 -3.15 9.42 -8.65
C PHE A 101 -3.79 8.66 -9.85
N LEU A 102 -4.15 9.39 -10.91
CA LEU A 102 -4.66 8.77 -12.15
C LEU A 102 -3.66 7.79 -12.81
N PHE A 103 -2.39 8.21 -12.88
CA PHE A 103 -1.34 7.41 -13.44
C PHE A 103 -1.26 6.08 -12.73
N LYS A 104 -1.33 6.10 -11.40
CA LYS A 104 -1.29 4.88 -10.61
C LYS A 104 -2.55 4.04 -10.80
N ALA A 105 -3.69 4.71 -10.84
CA ALA A 105 -4.94 3.99 -10.86
C ALA A 105 -5.21 3.36 -12.21
N PHE A 106 -4.89 4.06 -13.29
CA PHE A 106 -5.24 3.51 -14.60
C PHE A 106 -4.10 2.77 -15.30
N ALA A 107 -2.87 2.94 -14.85
CA ALA A 107 -1.72 2.32 -15.53
C ALA A 107 -0.76 1.66 -14.59
N ASP A 108 -0.95 1.84 -13.29
CA ASP A 108 -0.09 1.32 -12.23
C ASP A 108 1.29 1.94 -12.31
N ILE A 109 1.33 3.16 -12.83
CA ILE A 109 2.60 3.89 -12.96
C ILE A 109 2.83 4.70 -11.73
N ASP A 110 4.06 4.66 -11.23
CA ASP A 110 4.44 5.44 -10.08
C ASP A 110 4.80 6.83 -10.56
N ALA A 111 3.88 7.76 -10.46
CA ALA A 111 4.12 9.09 -10.97
C ALA A 111 4.37 10.07 -9.81
N PHE A 112 5.31 11.00 -10.02
N PHE A 112 5.29 11.02 -10.00
CA PHE A 112 5.71 11.99 -8.99
CA PHE A 112 5.64 11.99 -8.95
C PHE A 112 5.48 13.40 -9.57
C PHE A 112 5.62 13.43 -9.48
N PRO A 113 4.85 14.30 -8.82
CA PRO A 113 4.70 15.66 -9.25
C PRO A 113 5.96 16.45 -9.10
N ILE A 114 6.36 17.11 -10.18
CA ILE A 114 7.45 18.01 -10.19
C ILE A 114 7.00 19.35 -10.72
N CYS A 115 6.66 20.21 -9.78
CA CYS A 115 6.14 21.51 -10.01
C CYS A 115 7.24 22.53 -9.76
N LEU A 116 7.59 23.25 -10.82
CA LEU A 116 8.78 24.07 -10.86
C LEU A 116 8.46 25.53 -10.65
N SER A 117 9.28 26.22 -9.87
CA SER A 117 9.14 27.68 -9.75
C SER A 117 9.95 28.42 -10.80
N GLU A 118 10.08 27.88 -12.00
CA GLU A 118 10.83 28.53 -13.05
C GLU A 118 9.98 28.43 -14.27
N SER A 119 9.87 29.52 -15.00
CA SER A 119 8.99 29.51 -16.12
C SER A 119 9.59 29.99 -17.47
N GLU A 120 10.85 30.46 -17.48
CA GLU A 120 11.53 30.70 -18.78
C GLU A 120 11.74 29.36 -19.46
N GLU A 121 11.45 29.30 -20.76
CA GLU A 121 11.47 28.01 -21.46
C GLU A 121 12.85 27.33 -21.46
N GLU A 122 13.94 28.04 -21.74
CA GLU A 122 15.24 27.35 -21.80
C GLU A 122 15.59 26.76 -20.46
N LYS A 123 15.21 27.47 -19.41
CA LYS A 123 15.50 27.02 -18.06
C LYS A 123 14.71 25.77 -17.68
N ILE A 124 13.41 25.77 -18.01
CA ILE A 124 12.59 24.56 -17.82
C ILE A 124 13.27 23.41 -18.57
N ILE A 125 13.66 23.65 -19.82
CA ILE A 125 14.25 22.58 -20.65
C ILE A 125 15.46 21.97 -19.93
N SER A 126 16.36 22.81 -19.46
CA SER A 126 17.55 22.26 -18.85
C SER A 126 17.26 21.60 -17.51
N ILE A 127 16.24 22.07 -16.79
CA ILE A 127 15.88 21.41 -15.54
C ILE A 127 15.37 20.01 -15.83
N VAL A 128 14.49 19.89 -16.78
CA VAL A 128 13.91 18.60 -16.99
C VAL A 128 14.94 17.60 -17.55
N LYS A 129 15.82 18.08 -18.45
CA LYS A 129 16.90 17.21 -18.95
C LYS A 129 17.72 16.64 -17.82
N SER A 130 17.94 17.44 -16.79
CA SER A 130 18.78 17.06 -15.67
C SER A 130 18.16 15.95 -14.86
N LEU A 131 16.84 15.76 -15.00
CA LEU A 131 16.12 14.76 -14.24
C LEU A 131 16.10 13.42 -14.92
N GLU A 132 16.67 13.31 -16.11
CA GLU A 132 16.56 12.06 -16.85
C GLU A 132 16.95 10.80 -16.09
N PRO A 133 18.02 10.82 -15.29
CA PRO A 133 18.42 9.62 -14.56
C PRO A 133 17.42 9.14 -13.55
N SER A 134 16.52 10.02 -13.14
CA SER A 134 15.59 9.69 -12.05
C SER A 134 14.23 9.14 -12.49
N PHE A 135 13.98 9.14 -13.82
CA PHE A 135 12.67 8.74 -14.34
C PHE A 135 12.74 7.89 -15.57
N GLY A 136 11.70 7.09 -15.77
CA GLY A 136 11.52 6.33 -17.02
C GLY A 136 10.79 7.07 -18.10
N GLY A 137 10.17 8.19 -17.71
CA GLY A 137 9.30 8.99 -18.60
C GLY A 137 8.99 10.36 -18.04
N ILE A 138 8.68 11.32 -18.91
CA ILE A 138 8.29 12.65 -18.51
C ILE A 138 6.91 12.99 -19.05
N ASN A 139 6.02 13.41 -18.16
CA ASN A 139 4.73 13.91 -18.56
C ASN A 139 4.66 15.40 -18.31
N LEU A 140 4.79 16.17 -19.37
CA LEU A 140 4.64 17.63 -19.28
C LEU A 140 3.15 17.89 -19.18
N GLU A 141 2.78 18.79 -18.28
CA GLU A 141 1.38 19.06 -18.02
C GLU A 141 1.17 20.51 -17.64
N ASP A 142 0.15 21.14 -18.25
CA ASP A 142 -0.33 22.48 -17.84
C ASP A 142 0.76 23.53 -17.93
N ILE A 143 1.44 23.48 -19.07
CA ILE A 143 2.47 24.47 -19.44
C ILE A 143 1.94 25.21 -20.64
N GLY A 144 1.92 26.52 -20.55
CA GLY A 144 1.25 27.34 -21.57
C GLY A 144 1.83 27.31 -22.96
N ALA A 145 0.98 27.65 -23.93
CA ALA A 145 1.40 27.88 -25.31
C ALA A 145 1.72 29.35 -25.48
N PRO A 146 2.59 29.71 -26.40
CA PRO A 146 3.31 28.81 -27.28
C PRO A 146 4.64 28.22 -26.70
N LYS A 147 5.06 28.58 -25.48
CA LYS A 147 6.33 28.03 -25.05
C LYS A 147 6.33 26.50 -24.99
N CYS A 148 5.18 25.87 -24.78
CA CYS A 148 5.15 24.43 -24.66
C CYS A 148 5.48 23.74 -26.01
N PHE A 149 5.38 24.44 -27.11
CA PHE A 149 5.69 23.79 -28.35
C PHE A 149 7.19 23.46 -28.39
N ARG A 150 8.00 24.49 -28.15
CA ARG A 150 9.46 24.38 -28.16
C ARG A 150 9.88 23.41 -27.05
N ILE A 151 9.22 23.51 -25.89
CA ILE A 151 9.63 22.67 -24.76
C ILE A 151 9.44 21.19 -25.08
N LEU A 152 8.27 20.83 -25.59
CA LEU A 152 8.05 19.44 -25.97
C LEU A 152 9.05 18.95 -27.02
N GLN A 153 9.24 19.74 -28.06
CA GLN A 153 10.04 19.32 -29.17
C GLN A 153 11.48 19.11 -28.72
N ARG A 154 12.00 20.07 -27.96
CA ARG A 154 13.39 19.98 -27.55
C ARG A 154 13.62 18.78 -26.63
N LEU A 155 12.75 18.59 -25.67
CA LEU A 155 12.95 17.53 -24.70
C LEU A 155 12.80 16.18 -25.36
N SER A 156 11.81 16.04 -26.23
CA SER A 156 11.64 14.74 -26.88
C SER A 156 12.80 14.48 -27.81
N GLU A 157 13.34 15.52 -28.45
CA GLU A 157 14.51 15.36 -29.32
C GLU A 157 15.77 15.01 -28.53
N GLU A 158 15.94 15.65 -27.37
CA GLU A 158 17.20 15.59 -26.63
C GLU A 158 17.26 14.55 -25.51
N ASN A 160 16.34 10.70 -23.73
CA ASN A 160 16.26 9.32 -24.14
C ASN A 160 15.29 8.55 -23.31
N ILE A 161 14.34 9.25 -22.73
CA ILE A 161 13.17 8.66 -22.18
C ILE A 161 12.04 9.40 -22.86
N PRO A 162 10.87 8.78 -22.97
CA PRO A 162 9.77 9.41 -23.69
C PRO A 162 9.32 10.66 -22.94
N VAL A 163 8.87 11.65 -23.71
CA VAL A 163 8.30 12.85 -23.17
C VAL A 163 7.00 13.07 -23.88
N PHE A 164 5.96 13.30 -23.09
CA PHE A 164 4.59 13.40 -23.55
C PHE A 164 4.00 14.62 -22.89
N HIS A 165 3.28 15.46 -23.65
CA HIS A 165 2.47 16.57 -23.06
C HIS A 165 0.98 16.37 -23.38
N ASP A 166 0.20 16.03 -22.36
CA ASP A 166 -1.22 15.78 -22.53
C ASP A 166 -1.97 16.72 -23.43
N ASP A 167 -1.94 17.98 -23.06
CA ASP A 167 -2.80 18.97 -23.68
C ASP A 167 -2.53 19.10 -25.15
N GLN A 168 -1.35 18.72 -25.57
CA GLN A 168 -0.98 18.68 -26.95
C GLN A 168 -1.30 17.32 -27.54
N GLN A 169 -0.59 16.29 -27.08
CA GLN A 169 -0.60 14.97 -27.78
C GLN A 169 -1.80 14.11 -27.37
N GLY A 170 -2.14 14.17 -26.10
CA GLY A 170 -3.30 13.44 -25.60
C GLY A 170 -4.60 13.98 -26.17
N THR A 171 -4.79 15.27 -26.10
CA THR A 171 -6.00 15.84 -26.63
C THR A 171 -6.10 15.54 -28.08
N ALA A 172 -4.99 15.66 -28.81
CA ALA A 172 -5.03 15.38 -30.24
C ALA A 172 -5.39 13.92 -30.52
N VAL A 173 -4.88 12.99 -29.72
CA VAL A 173 -5.19 11.57 -29.92
C VAL A 173 -6.67 11.29 -29.72
N VAL A 174 -7.22 11.76 -28.61
CA VAL A 174 -8.60 11.49 -28.32
C VAL A 174 -9.53 12.23 -29.28
N VAL A 175 -9.22 13.47 -29.62
CA VAL A 175 -10.07 14.22 -30.56
C VAL A 175 -10.10 13.48 -31.91
N SER A 176 -8.94 12.99 -32.34
CA SER A 176 -8.81 12.29 -33.58
C SER A 176 -9.63 11.02 -33.58
N ALA A 177 -9.58 10.22 -32.53
CA ALA A 177 -10.39 9.01 -32.51
C ALA A 177 -11.86 9.36 -32.55
N ALA A 178 -12.26 10.36 -31.76
CA ALA A 178 -13.66 10.78 -31.75
C ALA A 178 -14.05 11.22 -33.15
N PHE A 179 -13.16 11.96 -33.81
CA PHE A 179 -13.45 12.49 -35.14
C PHE A 179 -13.64 11.37 -36.13
N LEU A 180 -12.73 10.41 -36.11
CA LEU A 180 -12.86 9.24 -37.03
C LEU A 180 -14.18 8.50 -36.88
N ASN A 181 -14.61 8.28 -35.64
CA ASN A 181 -15.86 7.58 -35.41
C ASN A 181 -17.08 8.45 -35.79
N ALA A 182 -17.03 9.71 -35.44
CA ALA A 182 -18.11 10.59 -35.85
C ALA A 182 -18.23 10.62 -37.39
N LEU A 183 -17.09 10.69 -38.06
CA LEU A 183 -17.04 10.71 -39.52
C LEU A 183 -17.69 9.47 -40.14
N LYS A 184 -17.38 8.32 -39.58
CA LYS A 184 -17.98 7.09 -39.99
C LYS A 184 -19.50 7.19 -39.91
N LEU A 185 -20.02 7.64 -38.77
CA LEU A 185 -21.46 7.74 -38.57
C LEU A 185 -22.13 8.70 -39.52
N THR A 186 -21.42 9.75 -39.83
CA THR A 186 -21.75 10.72 -40.85
C THR A 186 -21.81 10.21 -42.29
N GLU A 187 -21.05 9.16 -42.55
CA GLU A 187 -20.97 8.54 -43.88
C GLU A 187 -20.32 9.41 -44.95
N LYS A 188 -19.56 10.41 -44.55
CA LYS A 188 -18.86 11.30 -45.46
C LYS A 188 -17.39 10.85 -45.63
N LYS A 189 -16.74 11.33 -46.70
CA LYS A 189 -15.33 10.95 -47.03
C LYS A 189 -14.35 11.94 -46.39
N ILE A 190 -13.30 11.44 -45.77
CA ILE A 190 -12.40 12.29 -45.02
C ILE A 190 -11.68 13.36 -45.86
N GLU A 191 -11.32 12.99 -47.07
CA GLU A 191 -10.72 13.95 -47.99
C GLU A 191 -11.75 15.00 -48.50
N GLU A 192 -13.04 14.87 -48.17
CA GLU A 192 -14.03 15.85 -48.66
C GLU A 192 -14.65 16.76 -47.62
N VAL A 193 -14.49 16.46 -46.34
CA VAL A 193 -15.12 17.28 -45.30
C VAL A 193 -14.38 18.56 -44.96
N LYS A 194 -15.16 19.61 -44.62
CA LYS A 194 -14.63 20.85 -44.10
C LYS A 194 -14.70 20.82 -42.59
N VAL A 195 -13.55 20.94 -41.94
CA VAL A 195 -13.47 20.87 -40.51
C VAL A 195 -12.93 22.17 -39.94
N VAL A 196 -13.71 22.81 -39.07
CA VAL A 196 -13.30 24.06 -38.48
C VAL A 196 -12.70 23.76 -37.12
N VAL A 197 -11.45 24.15 -36.88
CA VAL A 197 -10.86 24.07 -35.57
C VAL A 197 -10.72 25.46 -34.96
N ASN A 198 -11.34 25.70 -33.81
CA ASN A 198 -11.28 27.00 -33.19
C ASN A 198 -10.50 26.96 -31.88
N GLY A 199 -9.48 27.82 -31.78
CA GLY A 199 -8.62 27.94 -30.59
C GLY A 199 -7.33 27.19 -30.84
N ILE A 200 -6.35 27.90 -31.37
CA ILE A 200 -5.10 27.25 -31.81
C ILE A 200 -4.02 27.44 -30.75
N GLY A 201 -4.28 26.87 -29.59
CA GLY A 201 -3.31 26.81 -28.51
C GLY A 201 -2.67 25.43 -28.53
N ALA A 202 -2.40 24.88 -27.36
CA ALA A 202 -1.63 23.65 -27.26
C ALA A 202 -2.35 22.51 -27.95
N ALA A 203 -3.67 22.44 -27.74
CA ALA A 203 -4.46 21.41 -28.33
C ALA A 203 -4.72 21.69 -29.79
N GLY A 204 -5.18 22.92 -30.10
CA GLY A 204 -5.64 23.23 -31.45
C GLY A 204 -4.61 23.01 -32.54
N TYR A 205 -3.42 23.52 -32.29
CA TYR A 205 -2.25 23.32 -33.13
C TYR A 205 -2.06 21.84 -33.47
N ASN A 206 -2.12 20.98 -32.44
CA ASN A 206 -1.86 19.58 -32.67
C ASN A 206 -3.03 18.87 -33.34
N ILE A 207 -4.24 19.29 -32.97
CA ILE A 207 -5.45 18.73 -33.60
C ILE A 207 -5.40 19.00 -35.10
N VAL A 208 -5.03 20.22 -35.47
CA VAL A 208 -4.93 20.53 -36.89
C VAL A 208 -3.97 19.57 -37.58
N LYS A 209 -2.79 19.40 -37.03
CA LYS A 209 -1.78 18.54 -37.64
C LYS A 209 -2.20 17.06 -37.71
N PHE A 210 -2.86 16.54 -36.68
CA PHE A 210 -3.35 15.16 -36.73
C PHE A 210 -4.40 15.01 -37.79
N LEU A 211 -5.34 15.94 -37.89
CA LEU A 211 -6.38 15.83 -38.93
C LEU A 211 -5.74 15.82 -40.31
N LEU A 212 -4.73 16.66 -40.51
CA LEU A 212 -4.07 16.65 -41.81
C LEU A 212 -3.40 15.33 -42.05
N ASP A 213 -2.62 14.82 -41.12
CA ASP A 213 -2.04 13.48 -41.22
C ASP A 213 -3.04 12.42 -41.54
N LEU A 214 -4.22 12.51 -40.91
CA LEU A 214 -5.24 11.48 -41.08
C LEU A 214 -5.87 11.50 -42.47
N GLY A 215 -5.84 12.65 -43.14
CA GLY A 215 -6.31 12.75 -44.50
C GLY A 215 -7.27 13.88 -44.83
N VAL A 216 -7.61 14.68 -43.82
CA VAL A 216 -8.50 15.79 -44.02
C VAL A 216 -7.78 16.83 -44.88
N LYS A 217 -8.48 17.42 -45.83
CA LYS A 217 -7.85 18.35 -46.73
C LYS A 217 -8.33 19.74 -46.47
N ASN A 218 -9.59 19.92 -46.16
CA ASN A 218 -10.10 21.24 -45.84
C ASN A 218 -10.22 21.51 -44.34
N VAL A 219 -9.09 21.78 -43.70
CA VAL A 219 -9.09 22.19 -42.31
C VAL A 219 -9.03 23.70 -42.26
N VAL A 220 -9.91 24.30 -41.49
CA VAL A 220 -9.95 25.74 -41.35
C VAL A 220 -9.71 26.08 -39.89
N ALA A 221 -8.59 26.75 -39.64
CA ALA A 221 -8.16 27.13 -38.31
C ALA A 221 -8.67 28.53 -37.95
N VAL A 222 -9.11 28.70 -36.72
CA VAL A 222 -9.67 29.99 -36.28
C VAL A 222 -9.20 30.27 -34.86
N ASP A 223 -8.87 31.52 -34.59
CA ASP A 223 -8.50 31.95 -33.26
C ASP A 223 -9.13 33.36 -33.06
N ARG A 224 -8.64 34.10 -32.08
CA ARG A 224 -9.34 35.25 -31.55
C ARG A 224 -9.53 36.38 -32.53
N LYS A 225 -8.64 36.50 -33.49
CA LYS A 225 -8.72 37.58 -34.49
C LYS A 225 -9.27 37.04 -35.82
N GLY A 226 -9.88 35.87 -35.81
CA GLY A 226 -10.46 35.31 -37.03
C GLY A 226 -9.77 34.09 -37.64
N ILE A 227 -10.20 33.75 -38.85
CA ILE A 227 -9.62 32.65 -39.60
C ILE A 227 -8.14 32.91 -39.91
N LEU A 228 -7.30 31.90 -39.70
CA LEU A 228 -5.86 32.01 -39.95
C LEU A 228 -5.56 31.93 -41.43
N ASN A 229 -4.97 33.00 -41.92
CA ASN A 229 -4.78 33.19 -43.33
C ASN A 229 -3.52 34.08 -43.49
N GLU A 230 -2.41 33.53 -44.01
CA GLU A 230 -1.19 34.37 -44.23
C GLU A 230 -1.47 35.78 -44.78
N ASN A 231 -2.42 35.88 -45.71
CA ASN A 231 -2.77 37.18 -46.35
C ASN A 231 -3.39 38.22 -45.40
N ASP A 232 -3.99 37.80 -44.27
CA ASP A 232 -4.48 38.78 -43.25
C ASP A 232 -3.59 38.59 -42.01
N PRO A 233 -2.52 39.37 -41.89
CA PRO A 233 -1.42 39.07 -40.94
C PRO A 233 -1.87 39.26 -39.48
N GLU A 234 -2.87 40.11 -39.31
CA GLU A 234 -3.58 40.25 -38.03
C GLU A 234 -3.86 38.90 -37.41
N THR A 235 -4.22 37.92 -38.24
CA THR A 235 -4.68 36.61 -37.76
C THR A 235 -3.59 35.72 -37.19
N CYS A 236 -2.33 36.16 -37.27
CA CYS A 236 -1.18 35.36 -36.86
C CYS A 236 -0.39 35.91 -35.67
N LEU A 237 -0.86 35.37 -34.53
CA LEU A 237 -0.50 35.81 -33.17
C LEU A 237 0.88 35.33 -32.77
N ASN A 238 1.36 34.22 -33.35
CA ASN A 238 2.78 33.86 -33.27
C ASN A 238 3.21 33.17 -34.53
N GLU A 239 4.49 32.85 -34.59
CA GLU A 239 5.03 31.94 -35.59
C GLU A 239 4.22 30.64 -35.76
N TYR A 240 3.61 30.12 -34.70
CA TYR A 240 2.94 28.81 -34.82
C TYR A 240 1.60 28.94 -35.54
N HIS A 241 0.95 30.08 -35.41
CA HIS A 241 -0.27 30.35 -36.14
C HIS A 241 0.07 30.55 -37.62
N LEU A 242 1.17 31.23 -37.87
CA LEU A 242 1.63 31.37 -39.25
C LEU A 242 1.88 29.96 -39.83
N GLU A 243 2.52 29.09 -39.07
CA GLU A 243 2.78 27.76 -39.58
C GLU A 243 1.46 27.07 -39.96
N ILE A 244 0.45 27.20 -39.09
CA ILE A 244 -0.85 26.60 -39.35
C ILE A 244 -1.56 27.19 -40.55
N ALA A 245 -1.49 28.50 -40.66
CA ALA A 245 -2.13 29.16 -41.78
C ALA A 245 -1.56 28.60 -43.10
N ARG A 246 -0.30 28.22 -43.09
CA ARG A 246 0.34 27.77 -44.32
C ARG A 246 -0.04 26.36 -44.75
N ILE A 247 -0.55 25.56 -43.82
CA ILE A 247 -0.93 24.21 -44.19
C ILE A 247 -2.43 24.04 -44.11
N THR A 248 -3.18 25.14 -44.06
CA THR A 248 -4.66 25.05 -43.88
C THR A 248 -5.38 25.92 -44.87
N ASN A 249 -6.69 25.87 -44.81
CA ASN A 249 -7.56 26.76 -45.54
C ASN A 249 -7.31 26.81 -47.03
N PRO A 250 -7.48 25.67 -47.70
CA PRO A 250 -7.25 25.57 -49.15
C PRO A 250 -8.09 26.49 -50.01
N GLU A 251 -9.36 26.67 -49.63
CA GLU A 251 -10.26 27.62 -50.28
C GLU A 251 -9.88 29.07 -50.03
N ARG A 252 -8.89 29.31 -49.15
CA ARG A 252 -8.39 30.67 -48.89
C ARG A 252 -9.51 31.59 -48.38
N LEU A 253 -10.34 31.04 -47.51
CA LEU A 253 -11.34 31.79 -46.76
C LEU A 253 -10.78 32.82 -45.79
N SER A 254 -11.61 33.85 -45.54
CA SER A 254 -11.22 34.95 -44.67
C SER A 254 -12.42 35.57 -43.93
N GLY A 255 -12.30 35.80 -42.61
CA GLY A 255 -13.39 36.31 -41.81
C GLY A 255 -13.45 35.62 -40.45
N ASP A 256 -14.60 35.73 -39.78
CA ASP A 256 -14.77 35.28 -38.39
C ASP A 256 -15.21 33.82 -38.32
N LEU A 257 -15.37 33.30 -37.12
CA LEU A 257 -15.84 31.92 -36.92
C LEU A 257 -17.13 31.63 -37.68
N GLU A 258 -18.02 32.61 -37.68
CA GLU A 258 -19.32 32.43 -38.31
C GLU A 258 -19.20 32.16 -39.80
N THR A 259 -18.37 32.94 -40.47
CA THR A 259 -18.00 32.72 -41.85
C THR A 259 -17.37 31.32 -42.10
N ALA A 260 -16.45 30.93 -41.22
CA ALA A 260 -15.80 29.62 -41.31
C ALA A 260 -16.77 28.48 -41.28
N LEU A 261 -17.85 28.63 -40.51
CA LEU A 261 -18.76 27.54 -40.30
C LEU A 261 -19.72 27.33 -41.45
N GLU A 262 -19.83 28.26 -42.39
CA GLU A 262 -20.75 28.09 -43.50
C GLU A 262 -20.37 26.81 -44.22
N GLY A 263 -21.28 25.84 -44.23
CA GLY A 263 -21.08 24.61 -44.94
C GLY A 263 -20.15 23.64 -44.25
N ALA A 264 -19.60 24.02 -43.11
CA ALA A 264 -18.68 23.13 -42.45
C ALA A 264 -19.36 21.85 -41.99
N ASP A 265 -18.62 20.76 -42.02
CA ASP A 265 -19.11 19.49 -41.55
C ASP A 265 -18.80 19.22 -40.09
N PHE A 266 -17.67 19.75 -39.62
CA PHE A 266 -17.29 19.60 -38.22
C PHE A 266 -16.83 20.92 -37.66
N PHE A 267 -17.14 21.13 -36.38
CA PHE A 267 -16.54 22.19 -35.63
C PHE A 267 -15.83 21.49 -34.51
N ILE A 268 -14.54 21.83 -34.35
CA ILE A 268 -13.80 21.41 -33.19
C ILE A 268 -13.27 22.61 -32.44
N GLY A 269 -13.82 22.81 -31.25
CA GLY A 269 -13.48 23.95 -30.45
C GLY A 269 -12.77 23.54 -29.20
N VAL A 270 -11.65 24.23 -28.97
CA VAL A 270 -10.80 23.94 -27.84
C VAL A 270 -10.40 25.35 -27.40
N SER A 271 -11.42 26.14 -26.99
CA SER A 271 -11.35 27.59 -26.90
C SER A 271 -12.14 28.20 -25.72
N ARG A 272 -13.18 28.97 -25.97
CA ARG A 272 -13.90 29.65 -24.91
C ARG A 272 -15.39 29.26 -24.86
N GLY A 273 -16.06 29.68 -23.80
CA GLY A 273 -17.45 29.26 -23.59
C GLY A 273 -18.49 30.15 -24.29
N ASN A 274 -19.58 29.51 -24.69
CA ASN A 274 -20.71 30.19 -25.29
C ASN A 274 -20.36 31.16 -26.40
N ILE A 275 -19.63 30.70 -27.39
CA ILE A 275 -19.27 31.57 -28.52
C ILE A 275 -19.92 31.16 -29.82
N LEU A 276 -20.35 29.92 -29.94
CA LEU A 276 -20.98 29.44 -31.17
C LEU A 276 -22.49 29.60 -31.07
N LYS A 277 -23.05 30.55 -31.81
CA LYS A 277 -24.49 30.82 -31.71
C LYS A 277 -25.30 29.67 -32.37
N PRO A 278 -26.41 29.28 -31.76
CA PRO A 278 -27.17 28.12 -32.26
C PRO A 278 -27.58 28.28 -33.71
N GLU A 279 -28.04 29.45 -34.13
CA GLU A 279 -28.44 29.61 -35.53
C GLU A 279 -27.33 29.34 -36.56
N TRP A 280 -26.07 29.47 -36.16
CA TRP A 280 -24.95 29.12 -37.06
C TRP A 280 -24.99 27.66 -37.47
N ILE A 281 -25.46 26.82 -36.57
CA ILE A 281 -25.50 25.39 -36.85
C ILE A 281 -26.31 25.08 -38.09
N LYS A 282 -27.35 25.85 -38.31
CA LYS A 282 -28.22 25.66 -39.43
C LYS A 282 -27.54 26.07 -40.74
N LYS A 283 -26.44 26.82 -40.69
CA LYS A 283 -25.73 27.21 -41.93
C LYS A 283 -24.55 26.30 -42.16
N SER A 285 -23.17 22.31 -42.86
CA SER A 285 -23.75 21.31 -43.75
C SER A 285 -24.75 20.42 -43.03
N ARG A 286 -25.34 19.50 -43.77
CA ARG A 286 -26.24 18.49 -43.17
C ARG A 286 -25.45 17.56 -42.24
N LYS A 287 -26.16 17.09 -41.20
CA LYS A 287 -25.62 16.22 -40.15
C LYS A 287 -24.31 16.74 -39.55
N PRO A 288 -24.31 18.01 -39.13
CA PRO A 288 -23.14 18.63 -38.57
C PRO A 288 -22.73 18.07 -37.23
N VAL A 289 -21.43 18.07 -37.00
CA VAL A 289 -20.83 17.52 -35.83
C VAL A 289 -20.13 18.63 -35.11
N ILE A 290 -20.37 18.69 -33.79
CA ILE A 290 -19.92 19.78 -32.91
C ILE A 290 -19.18 19.16 -31.71
N PHE A 291 -17.85 19.32 -31.70
CA PHE A 291 -17.01 18.92 -30.60
C PHE A 291 -16.77 20.26 -29.90
N ALA A 292 -17.43 20.50 -28.78
CA ALA A 292 -17.26 21.77 -28.11
C ALA A 292 -16.56 21.49 -26.82
N LEU A 293 -15.25 21.56 -26.86
CA LEU A 293 -14.39 21.05 -25.79
C LEU A 293 -13.81 22.16 -24.90
N ALA A 294 -14.22 23.40 -25.07
CA ALA A 294 -13.77 24.41 -24.10
C ALA A 294 -14.04 23.94 -22.67
N ASN A 295 -13.08 24.18 -21.81
CA ASN A 295 -13.18 23.79 -20.42
C ASN A 295 -13.09 25.03 -19.55
N PRO A 296 -14.03 25.21 -18.65
CA PRO A 296 -15.05 24.26 -18.32
C PRO A 296 -16.41 24.46 -18.98
N VAL A 297 -16.70 25.64 -19.55
CA VAL A 297 -17.95 25.84 -20.28
C VAL A 297 -17.75 25.57 -21.77
N PRO A 298 -18.57 24.72 -22.39
CA PRO A 298 -18.42 24.45 -23.84
C PRO A 298 -18.72 25.65 -24.70
N GLU A 299 -18.17 25.65 -25.94
CA GLU A 299 -18.39 26.70 -26.92
C GLU A 299 -19.89 26.94 -27.21
N ILE A 300 -20.68 25.87 -27.11
CA ILE A 300 -22.13 26.01 -27.11
C ILE A 300 -22.73 24.99 -26.21
N ASP A 301 -23.83 25.31 -25.54
CA ASP A 301 -24.48 24.36 -24.66
C ASP A 301 -24.87 23.15 -25.50
N PRO A 302 -24.57 21.94 -25.03
CA PRO A 302 -24.84 20.75 -25.83
C PRO A 302 -26.30 20.54 -26.18
N GLU A 303 -27.20 20.73 -25.23
CA GLU A 303 -28.62 20.51 -25.55
C GLU A 303 -29.02 21.55 -26.62
N LEU A 304 -28.66 22.81 -26.37
CA LEU A 304 -28.96 23.86 -27.31
C LEU A 304 -28.49 23.48 -28.71
N ALA A 305 -27.29 22.93 -28.78
CA ALA A 305 -26.79 22.52 -30.06
C ALA A 305 -27.64 21.43 -30.69
N ARG A 306 -28.03 20.40 -29.90
CA ARG A 306 -28.91 19.33 -30.40
C ARG A 306 -30.17 20.00 -30.91
N GLU A 307 -30.75 20.88 -30.11
CA GLU A 307 -31.99 21.53 -30.46
C GLU A 307 -31.93 22.32 -31.76
N ALA A 308 -30.75 22.82 -32.07
CA ALA A 308 -30.53 23.62 -33.26
C ALA A 308 -30.17 22.77 -34.46
N GLY A 309 -30.08 21.46 -34.29
CA GLY A 309 -29.89 20.58 -35.40
C GLY A 309 -28.61 19.74 -35.42
N ALA A 310 -27.79 19.83 -34.39
CA ALA A 310 -26.53 19.08 -34.38
C ALA A 310 -26.80 17.58 -34.50
N PHE A 311 -26.06 16.89 -35.35
CA PHE A 311 -26.19 15.40 -35.46
C PHE A 311 -25.44 14.72 -34.36
N ILE A 312 -24.27 15.24 -33.99
CA ILE A 312 -23.45 14.66 -32.87
C ILE A 312 -22.79 15.79 -32.10
N VAL A 313 -22.83 15.67 -30.78
CA VAL A 313 -22.27 16.69 -29.94
C VAL A 313 -21.34 16.03 -28.93
N ALA A 314 -20.18 16.63 -28.77
CA ALA A 314 -19.21 16.13 -27.81
C ALA A 314 -18.66 17.28 -27.02
N THR A 315 -18.28 17.01 -25.77
CA THR A 315 -17.60 18.03 -24.95
C THR A 315 -16.52 17.43 -24.11
N GLY A 316 -15.88 18.30 -23.36
CA GLY A 316 -14.85 17.89 -22.42
C GLY A 316 -15.37 17.47 -21.08
N ARG A 317 -16.67 17.64 -20.82
CA ARG A 317 -17.24 17.27 -19.52
C ARG A 317 -17.80 15.86 -19.34
N SER A 318 -17.83 15.39 -18.09
CA SER A 318 -18.43 14.10 -17.73
C SER A 318 -19.96 14.21 -17.54
N ASP A 319 -20.40 15.42 -17.34
CA ASP A 319 -21.77 15.85 -17.39
C ASP A 319 -22.59 15.43 -18.64
N HIS A 320 -21.94 15.10 -19.74
CA HIS A 320 -22.66 14.88 -20.99
C HIS A 320 -22.12 13.66 -21.71
N PRO A 321 -22.87 13.11 -22.63
CA PRO A 321 -22.34 12.04 -23.45
C PRO A 321 -21.15 12.52 -24.25
N ASN A 322 -20.40 11.56 -24.80
CA ASN A 322 -19.34 11.85 -25.74
C ASN A 322 -18.30 12.79 -25.13
N GLN A 323 -17.82 12.41 -23.97
CA GLN A 323 -16.76 13.15 -23.35
C GLN A 323 -15.40 12.84 -24.02
N VAL A 324 -14.87 13.81 -24.74
CA VAL A 324 -13.53 13.71 -25.29
C VAL A 324 -12.53 14.07 -24.19
N ASN A 325 -11.92 13.09 -23.58
CA ASN A 325 -11.01 13.41 -22.49
C ASN A 325 -9.70 12.61 -22.49
N ASN A 326 -8.63 13.37 -22.24
CA ASN A 326 -7.24 12.95 -22.25
C ASN A 326 -6.99 11.65 -21.53
N LEU A 327 -7.83 11.36 -20.53
CA LEU A 327 -7.68 10.19 -19.72
C LEU A 327 -7.77 8.90 -20.49
N LEU A 328 -8.47 8.91 -21.61
CA LEU A 328 -8.51 7.70 -22.43
C LEU A 328 -7.17 7.40 -23.06
N ALA A 329 -6.29 8.41 -23.12
CA ALA A 329 -5.04 8.28 -23.92
C ALA A 329 -3.78 8.12 -23.08
N PHE A 330 -3.59 9.02 -22.11
CA PHE A 330 -2.28 9.06 -21.43
C PHE A 330 -1.87 7.79 -20.65
N PRO A 331 -2.77 7.07 -20.01
CA PRO A 331 -2.31 5.93 -19.27
C PRO A 331 -1.66 4.90 -20.18
N GLY A 332 -2.32 4.56 -21.27
CA GLY A 332 -1.81 3.53 -22.17
C GLY A 332 -0.59 3.99 -22.90
N ILE A 333 -0.61 5.24 -23.36
CA ILE A 333 0.48 5.79 -24.12
C ILE A 333 1.75 5.79 -23.30
N LYS A 335 2.42 4.16 -20.54
CA LYS A 335 2.85 2.87 -20.15
C LYS A 335 3.58 2.19 -21.32
N GLY A 336 3.04 2.32 -22.50
CA GLY A 336 3.68 1.68 -23.64
C GLY A 336 5.02 2.28 -23.91
N ALA A 337 5.06 3.59 -23.92
CA ALA A 337 6.27 4.33 -24.24
C ALA A 337 7.38 4.09 -23.26
N VAL A 338 7.03 4.06 -21.98
CA VAL A 338 8.06 3.90 -20.95
C VAL A 338 8.67 2.52 -21.00
N GLU A 339 7.85 1.53 -21.35
CA GLU A 339 8.33 0.15 -21.47
C GLU A 339 9.22 -0.03 -22.71
N LYS A 340 8.83 0.61 -23.82
CA LYS A 340 9.61 0.61 -25.06
C LYS A 340 10.90 1.39 -24.83
N ARG A 341 10.87 2.33 -23.90
CA ARG A 341 11.99 3.21 -23.62
C ARG A 341 12.36 4.17 -24.72
N SER A 342 11.71 4.14 -25.87
CA SER A 342 12.16 5.07 -26.92
C SER A 342 11.21 6.29 -26.99
N LYS A 343 11.65 7.21 -27.84
CA LYS A 343 10.94 8.41 -28.16
C LYS A 343 9.54 8.10 -28.64
N ILE A 344 8.55 8.89 -28.20
CA ILE A 344 7.18 8.73 -28.72
C ILE A 344 7.14 9.19 -30.17
N THR A 345 6.58 8.38 -31.07
CA THR A 345 6.58 8.65 -32.51
C THR A 345 5.18 8.80 -33.04
N LYS A 346 5.11 9.36 -34.24
CA LYS A 346 3.82 9.59 -34.92
C LYS A 346 3.09 8.27 -35.10
N ASN A 347 3.79 7.22 -35.50
CA ASN A 347 3.16 5.86 -35.57
C ASN A 347 2.56 5.37 -34.24
N LEU A 349 1.47 7.35 -31.73
CA LEU A 349 0.28 8.12 -31.42
C LEU A 349 -0.90 7.72 -32.35
N LEU A 350 -0.65 7.42 -33.61
CA LEU A 350 -1.75 6.99 -34.46
C LEU A 350 -2.27 5.60 -34.12
N SER A 351 -1.39 4.72 -33.65
CA SER A 351 -1.88 3.46 -33.13
C SER A 351 -2.85 3.70 -31.98
N ALA A 352 -2.52 4.64 -31.10
CA ALA A 352 -3.40 4.97 -29.99
C ALA A 352 -4.72 5.49 -30.53
N VAL A 353 -4.67 6.40 -31.50
CA VAL A 353 -5.90 6.94 -32.09
C VAL A 353 -6.77 5.79 -32.54
N GLU A 354 -6.21 4.89 -33.33
CA GLU A 354 -6.97 3.75 -33.85
C GLU A 354 -7.50 2.82 -32.75
N ALA A 355 -6.71 2.62 -31.72
CA ALA A 355 -7.07 1.73 -30.67
C ALA A 355 -8.25 2.30 -29.90
N ILE A 356 -8.23 3.60 -29.64
CA ILE A 356 -9.39 4.23 -28.94
C ILE A 356 -10.67 4.13 -29.82
N ALA A 357 -10.52 4.42 -31.11
CA ALA A 357 -11.69 4.41 -31.99
C ALA A 357 -12.30 3.03 -32.07
N ARG A 358 -11.48 1.99 -32.10
CA ARG A 358 -12.02 0.66 -32.33
C ARG A 358 -12.49 0.13 -30.97
N SER A 359 -12.26 0.88 -29.90
CA SER A 359 -12.59 0.31 -28.60
C SER A 359 -14.10 0.45 -28.30
N CYS A 360 -14.91 0.82 -29.30
CA CYS A 360 -16.35 0.77 -29.12
C CYS A 360 -17.00 0.65 -30.45
N GLU A 361 -18.30 0.33 -30.44
CA GLU A 361 -19.13 0.43 -31.65
C GLU A 361 -19.82 1.83 -31.65
N PRO A 362 -19.37 2.71 -32.53
CA PRO A 362 -19.81 4.08 -32.44
C PRO A 362 -21.28 4.24 -32.75
N GLU A 363 -21.93 5.09 -31.96
N GLU A 363 -21.93 5.09 -31.97
CA GLU A 363 -23.29 5.54 -32.18
CA GLU A 363 -23.26 5.58 -32.25
C GLU A 363 -23.27 7.05 -31.88
C GLU A 363 -23.27 7.05 -31.90
N PRO A 364 -24.26 7.78 -32.39
CA PRO A 364 -24.31 9.22 -32.14
C PRO A 364 -24.18 9.65 -30.66
N GLU A 365 -24.79 8.92 -29.75
CA GLU A 365 -24.71 9.26 -28.33
C GLU A 365 -23.53 8.61 -27.64
N ARG A 366 -22.74 7.86 -28.41
CA ARG A 366 -21.53 7.26 -27.88
C ARG A 366 -20.50 6.98 -28.98
N ILE A 367 -19.71 8.01 -29.34
CA ILE A 367 -18.72 7.93 -30.45
C ILE A 367 -17.33 7.47 -30.02
N ILE A 368 -17.13 7.42 -28.70
CA ILE A 368 -15.94 6.85 -28.09
C ILE A 368 -16.31 6.21 -26.78
N PRO A 369 -15.42 5.38 -26.24
CA PRO A 369 -15.65 4.75 -24.92
C PRO A 369 -15.51 5.77 -23.80
N GLU A 370 -15.94 5.39 -22.61
CA GLU A 370 -15.65 6.17 -21.40
C GLU A 370 -14.37 5.62 -20.79
N ALA A 371 -13.74 6.42 -19.93
CA ALA A 371 -12.45 6.16 -19.34
C ALA A 371 -12.45 5.03 -18.39
N PHE A 372 -13.58 4.79 -17.75
CA PHE A 372 -13.68 3.66 -16.81
C PHE A 372 -13.78 2.32 -17.49
N ASP A 373 -13.84 2.34 -18.81
CA ASP A 373 -13.76 1.09 -19.54
C ASP A 373 -12.32 0.62 -19.73
N LYS A 375 -10.86 -1.85 -20.81
CA LYS A 375 -10.42 -2.39 -22.10
C LYS A 375 -9.71 -1.31 -22.93
N VAL A 376 -10.14 -0.05 -22.83
CA VAL A 376 -9.50 0.98 -23.65
C VAL A 376 -8.01 1.09 -23.30
N HIS A 377 -7.73 1.14 -22.00
CA HIS A 377 -6.36 1.36 -21.54
C HIS A 377 -5.48 0.20 -21.89
N LEU A 378 -6.00 -1.00 -21.81
CA LEU A 378 -5.27 -2.14 -22.34
C LEU A 378 -5.00 -2.06 -23.85
N ASN A 379 -6.01 -1.67 -24.61
CA ASN A 379 -5.83 -1.59 -26.05
C ASN A 379 -4.86 -0.51 -26.47
N VAL A 380 -4.90 0.62 -25.82
CA VAL A 380 -3.99 1.71 -26.14
C VAL A 380 -2.55 1.27 -25.77
N TYR A 381 -2.39 0.74 -24.57
CA TYR A 381 -1.10 0.21 -24.17
C TYR A 381 -0.57 -0.77 -25.19
N THR A 382 -1.38 -1.74 -25.58
CA THR A 382 -0.91 -2.75 -26.54
C THR A 382 -0.52 -2.09 -27.88
N ALA A 383 -1.36 -1.16 -28.30
CA ALA A 383 -1.10 -0.51 -29.57
C ALA A 383 0.25 0.21 -29.54
N VAL A 384 0.48 0.96 -28.46
CA VAL A 384 1.66 1.77 -28.36
C VAL A 384 2.94 0.94 -28.20
N LYS A 385 2.87 -0.05 -27.32
CA LYS A 385 3.94 -1.00 -27.13
C LYS A 385 4.32 -1.65 -28.45
N GLY A 386 3.35 -1.96 -29.29
CA GLY A 386 3.61 -2.68 -30.55
C GLY A 386 4.14 -1.88 -31.73
N SER A 387 4.09 -0.55 -31.68
CA SER A 387 4.46 0.28 -32.84
C SER A 387 5.81 0.93 -32.85
N ALA A 388 6.38 1.07 -34.06
CA ALA A 388 7.45 2.05 -34.43
C ALA A 388 7.63 3.26 -33.50
N HIS B 12 21.69 -17.51 1.48
CA HIS B 12 22.53 -16.26 1.44
C HIS B 12 22.21 -15.46 0.17
N VAL B 13 21.14 -14.69 0.20
CA VAL B 13 20.67 -13.94 -0.98
C VAL B 13 21.51 -12.69 -1.31
N ASP B 14 21.74 -12.47 -2.61
CA ASP B 14 22.58 -11.42 -3.13
C ASP B 14 21.86 -10.06 -3.15
N ALA B 15 22.55 -8.96 -2.86
CA ALA B 15 21.97 -7.62 -3.00
C ALA B 15 21.43 -7.36 -4.41
N LEU B 16 22.16 -7.81 -5.42
CA LEU B 16 21.70 -7.63 -6.79
C LEU B 16 20.45 -8.42 -7.05
N GLU B 17 20.49 -9.70 -6.71
CA GLU B 17 19.37 -10.57 -7.00
C GLU B 17 18.10 -10.01 -6.35
N VAL B 18 18.20 -9.48 -5.14
CA VAL B 18 16.99 -8.96 -4.47
C VAL B 18 16.50 -7.61 -5.04
N HIS B 19 17.43 -6.76 -5.49
CA HIS B 19 17.07 -5.54 -6.19
C HIS B 19 16.35 -5.89 -7.49
N ARG B 20 16.86 -6.92 -8.19
CA ARG B 20 16.22 -7.38 -9.41
C ARG B 20 14.81 -7.86 -9.19
N PHE B 21 14.63 -8.72 -8.20
CA PHE B 21 13.31 -9.19 -7.86
C PHE B 21 12.37 -8.07 -7.40
N LEU B 22 12.85 -7.14 -6.60
CA LEU B 22 11.99 -6.05 -6.13
C LEU B 22 11.66 -5.03 -7.21
N LYS B 23 12.53 -4.91 -8.22
CA LYS B 23 12.45 -3.90 -9.28
C LYS B 23 12.27 -2.54 -8.63
N GLY B 24 13.14 -2.24 -7.69
CA GLY B 24 13.11 -0.96 -7.00
C GLY B 24 12.58 -1.09 -5.57
N LYS B 25 13.00 -0.16 -4.71
CA LYS B 25 12.62 -0.17 -3.31
C LYS B 25 11.53 0.87 -3.01
N ILE B 26 11.18 1.62 -4.03
CA ILE B 26 10.21 2.70 -4.02
C ILE B 26 8.86 2.29 -4.65
N ARG B 27 7.80 2.35 -3.88
CA ARG B 27 6.43 2.19 -4.40
C ARG B 27 5.73 3.57 -4.30
N THR B 28 4.70 3.82 -5.10
CA THR B 28 3.65 4.74 -4.65
C THR B 28 2.42 3.91 -4.27
N ALA B 29 1.44 4.58 -3.68
CA ALA B 29 0.19 3.93 -3.19
C ALA B 29 -0.99 4.94 -3.11
N LEU B 30 -2.20 4.46 -3.35
CA LEU B 30 -3.38 5.30 -3.45
C LEU B 30 -4.08 5.41 -2.10
N PRO B 31 -4.74 6.53 -1.79
CA PRO B 31 -5.56 6.60 -0.56
C PRO B 31 -6.76 5.67 -0.63
N VAL B 32 -7.32 5.51 -1.82
CA VAL B 32 -8.53 4.75 -1.98
C VAL B 32 -8.30 3.58 -2.90
N GLU B 33 -9.19 2.61 -2.82
CA GLU B 33 -9.08 1.40 -3.62
C GLU B 33 -9.93 1.62 -4.86
N LYS B 34 -11.24 1.74 -4.69
CA LYS B 34 -12.17 1.95 -5.79
C LYS B 34 -12.00 3.37 -6.32
N VAL B 35 -12.09 3.49 -7.65
CA VAL B 35 -11.94 4.73 -8.34
C VAL B 35 -13.14 4.86 -9.22
N ASP B 36 -14.02 5.81 -8.93
CA ASP B 36 -15.24 5.94 -9.72
C ASP B 36 -15.44 7.40 -10.11
N ARG B 37 -16.52 7.70 -10.83
CA ARG B 37 -16.87 9.05 -11.26
C ARG B 37 -16.76 10.01 -10.02
N GLU B 38 -17.41 9.64 -8.94
CA GLU B 38 -17.41 10.49 -7.77
C GLU B 38 -16.01 10.79 -7.26
N THR B 39 -15.20 9.74 -7.12
CA THR B 39 -13.85 9.92 -6.61
C THR B 39 -13.07 10.89 -7.48
N LEU B 40 -13.15 10.72 -8.79
CA LEU B 40 -12.45 11.62 -9.72
C LEU B 40 -12.93 13.06 -9.65
N SER B 41 -14.24 13.25 -9.49
CA SER B 41 -14.79 14.58 -9.35
C SER B 41 -14.28 15.24 -8.07
N LEU B 42 -13.89 14.48 -7.07
CA LEU B 42 -13.28 15.07 -5.87
C LEU B 42 -11.78 15.28 -5.93
N LEU B 43 -11.06 14.29 -6.44
CA LEU B 43 -9.60 14.32 -6.40
C LEU B 43 -8.97 14.85 -7.67
N TYR B 44 -9.75 14.98 -8.73
CA TYR B 44 -9.29 15.59 -9.98
C TYR B 44 -10.43 16.54 -10.36
N THR B 45 -10.68 16.76 -11.63
CA THR B 45 -11.63 17.77 -12.04
C THR B 45 -13.06 17.28 -11.81
N PRO B 46 -13.96 18.17 -11.43
CA PRO B 46 -13.66 19.61 -11.24
C PRO B 46 -13.26 20.02 -9.81
N GLY B 47 -13.47 19.17 -8.81
CA GLY B 47 -13.22 19.56 -7.41
C GLY B 47 -11.83 20.06 -7.15
N VAL B 48 -10.86 19.50 -7.85
CA VAL B 48 -9.47 19.84 -7.58
C VAL B 48 -9.17 21.31 -7.91
N ALA B 49 -10.03 21.94 -8.73
CA ALA B 49 -9.86 23.35 -9.06
C ALA B 49 -9.98 24.26 -7.83
N ASP B 50 -10.89 23.92 -6.91
CA ASP B 50 -10.99 24.66 -5.64
C ASP B 50 -9.68 24.65 -4.84
N VAL B 51 -9.02 23.49 -4.85
CA VAL B 51 -7.81 23.29 -4.10
C VAL B 51 -6.69 24.02 -4.79
N ALA B 52 -6.71 24.03 -6.12
CA ALA B 52 -5.74 24.81 -6.88
C ALA B 52 -5.84 26.29 -6.56
N ARG B 53 -7.04 26.83 -6.68
CA ARG B 53 -7.30 28.24 -6.35
C ARG B 53 -6.77 28.57 -4.96
N ALA B 54 -7.12 27.74 -3.98
CA ALA B 54 -6.67 27.94 -2.61
C ALA B 54 -5.15 27.97 -2.47
N CYS B 55 -4.45 27.08 -3.16
CA CYS B 55 -2.97 27.03 -3.06
C CYS B 55 -2.24 28.14 -3.79
N ALA B 56 -2.82 28.55 -4.90
CA ALA B 56 -2.30 29.69 -5.62
C ALA B 56 -2.44 30.95 -4.77
N GLU B 57 -3.63 31.18 -4.22
CA GLU B 57 -3.87 32.37 -3.38
C GLU B 57 -3.01 32.32 -2.11
N ASP B 58 -2.66 31.12 -1.64
CA ASP B 58 -1.85 31.03 -0.44
C ASP B 58 -1.02 29.72 -0.42
N PRO B 59 0.20 29.84 -0.93
CA PRO B 59 1.10 28.68 -1.02
C PRO B 59 1.26 27.89 0.28
N GLU B 60 1.14 28.53 1.44
CA GLU B 60 1.20 27.77 2.70
C GLU B 60 0.16 26.64 2.75
N LYS B 61 -0.93 26.79 2.01
CA LYS B 61 -1.97 25.79 2.05
C LYS B 61 -1.59 24.48 1.39
N THR B 62 -0.50 24.43 0.63
CA THR B 62 0.01 23.15 0.14
C THR B 62 0.32 22.22 1.31
N TYR B 63 0.68 22.78 2.45
CA TYR B 63 0.92 21.96 3.64
C TYR B 63 -0.37 21.33 4.23
N VAL B 64 -1.51 21.86 3.85
CA VAL B 64 -2.80 21.34 4.34
C VAL B 64 -3.48 20.38 3.35
N TYR B 65 -3.35 20.68 2.05
CA TYR B 65 -4.10 20.01 0.98
C TYR B 65 -3.29 19.04 0.08
N THR B 66 -1.95 19.07 0.20
CA THR B 66 -1.10 18.16 -0.55
C THR B 66 -0.20 17.39 0.40
N SER B 67 0.62 16.51 -0.16
CA SER B 67 1.58 15.72 0.60
C SER B 67 2.85 16.48 0.89
N ARG B 68 2.94 17.75 0.49
CA ARG B 68 4.15 18.56 0.68
C ARG B 68 4.66 18.57 2.12
N TRP B 69 3.75 18.47 3.07
CA TRP B 69 4.09 18.53 4.47
C TRP B 69 5.00 17.37 4.89
N ASN B 70 5.11 16.36 4.04
CA ASN B 70 5.82 15.13 4.41
C ASN B 70 6.62 14.55 3.25
N THR B 71 6.93 15.37 2.23
CA THR B 71 7.78 14.89 1.12
C THR B 71 9.17 15.55 1.09
N VAL B 72 10.17 14.74 0.78
CA VAL B 72 11.54 15.18 0.84
C VAL B 72 12.23 14.72 -0.42
N ALA B 73 13.00 15.62 -1.05
CA ALA B 73 13.75 15.23 -2.24
C ALA B 73 15.15 14.78 -1.81
N VAL B 74 15.58 13.63 -2.32
CA VAL B 74 16.88 13.10 -2.00
C VAL B 74 17.75 13.42 -3.18
N VAL B 75 18.54 14.49 -3.08
CA VAL B 75 19.17 15.08 -4.27
C VAL B 75 20.65 14.72 -4.35
N SER B 76 21.04 14.15 -5.48
CA SER B 76 22.44 13.87 -5.74
C SER B 76 22.82 14.06 -7.20
N ASP B 77 24.07 14.41 -7.46
CA ASP B 77 24.62 14.30 -8.84
C ASP B 77 25.53 13.08 -8.97
N GLY B 78 25.66 12.33 -7.91
CA GLY B 78 26.55 11.17 -7.90
C GLY B 78 28.03 11.51 -7.92
N SER B 79 28.39 12.70 -7.47
CA SER B 79 29.79 13.10 -7.52
C SER B 79 30.59 12.55 -6.32
N ALA B 80 29.93 11.96 -5.32
CA ALA B 80 30.63 11.30 -4.22
C ALA B 80 29.76 10.22 -3.58
N VAL B 81 29.62 9.10 -4.30
CA VAL B 81 28.69 8.06 -3.90
C VAL B 81 29.37 7.08 -2.96
N LEU B 82 28.81 6.97 -1.74
CA LEU B 82 29.30 6.04 -0.72
C LEU B 82 30.83 6.14 -0.68
N GLY B 83 31.50 4.99 -0.78
CA GLY B 83 32.94 4.96 -0.85
C GLY B 83 33.43 4.93 -2.28
N LEU B 84 32.54 5.05 -3.25
CA LEU B 84 32.90 4.73 -4.66
C LEU B 84 33.37 5.91 -5.49
N GLY B 85 33.14 7.13 -5.01
CA GLY B 85 33.58 8.32 -5.73
C GLY B 85 32.56 8.89 -6.70
N ASN B 86 33.07 9.51 -7.76
CA ASN B 86 32.24 10.20 -8.73
C ASN B 86 31.75 9.25 -9.79
N ILE B 87 30.74 8.46 -9.46
CA ILE B 87 30.21 7.48 -10.38
C ILE B 87 29.04 7.98 -11.17
N GLY B 88 28.46 9.11 -10.81
CA GLY B 88 27.39 9.71 -11.59
C GLY B 88 25.99 9.35 -11.12
N PRO B 89 25.00 10.01 -11.72
CA PRO B 89 23.60 9.95 -11.25
C PRO B 89 22.92 8.59 -11.36
N TYR B 90 23.33 7.81 -12.36
CA TYR B 90 22.76 6.47 -12.54
C TYR B 90 23.23 5.48 -11.48
N GLY B 91 24.53 5.50 -11.15
CA GLY B 91 25.03 4.70 -10.04
C GLY B 91 24.40 5.17 -8.75
N ALA B 92 24.18 6.48 -8.64
CA ALA B 92 23.61 7.03 -7.41
C ALA B 92 22.16 6.64 -7.19
N LEU B 93 21.43 6.37 -8.26
CA LEU B 93 19.99 6.10 -8.14
C LEU B 93 19.61 4.97 -7.14
N PRO B 94 20.16 3.75 -7.27
CA PRO B 94 19.83 2.69 -6.33
C PRO B 94 20.21 3.05 -4.91
N VAL B 95 21.21 3.92 -4.75
CA VAL B 95 21.60 4.37 -3.43
C VAL B 95 20.58 5.36 -2.92
N GLU B 97 17.51 5.51 -3.74
CA GLU B 97 16.35 4.69 -3.47
C GLU B 97 16.48 4.10 -2.08
N GLY B 98 17.66 3.61 -1.73
CA GLY B 98 17.91 3.11 -0.38
C GLY B 98 17.64 4.19 0.65
N LYS B 99 18.20 5.37 0.46
CA LYS B 99 17.97 6.44 1.41
C LYS B 99 16.48 6.76 1.55
N ALA B 100 15.74 6.76 0.43
CA ALA B 100 14.29 7.02 0.50
C ALA B 100 13.59 5.95 1.33
N PHE B 101 13.97 4.71 1.12
CA PHE B 101 13.44 3.59 1.88
C PHE B 101 13.64 3.85 3.38
N LEU B 102 14.86 4.23 3.76
CA LEU B 102 15.16 4.52 5.14
C LEU B 102 14.32 5.67 5.68
N PHE B 103 14.13 6.71 4.86
CA PHE B 103 13.31 7.86 5.27
C PHE B 103 11.89 7.44 5.64
N LYS B 104 11.30 6.58 4.83
CA LYS B 104 9.96 6.10 5.11
C LYS B 104 9.95 5.16 6.32
N ALA B 105 10.96 4.29 6.41
CA ALA B 105 10.98 3.30 7.45
C ALA B 105 11.16 3.93 8.80
N PHE B 106 12.05 4.91 8.90
CA PHE B 106 12.47 5.40 10.21
C PHE B 106 11.85 6.72 10.63
N ALA B 107 11.21 7.39 9.66
CA ALA B 107 10.53 8.66 9.93
C ALA B 107 9.17 8.78 9.29
N ASP B 108 8.79 7.78 8.49
CA ASP B 108 7.53 7.82 7.77
C ASP B 108 7.45 8.99 6.77
N ILE B 109 8.62 9.42 6.31
CA ILE B 109 8.67 10.52 5.37
C ILE B 109 8.60 9.93 3.97
N ASP B 110 7.83 10.59 3.11
CA ASP B 110 7.73 10.16 1.73
C ASP B 110 8.85 10.80 0.98
N ALA B 111 9.97 10.09 0.84
CA ALA B 111 11.15 10.67 0.17
C ALA B 111 11.24 10.14 -1.25
N PHE B 112 11.68 11.00 -2.17
N PHE B 112 11.78 10.94 -2.14
CA PHE B 112 11.79 10.69 -3.59
CA PHE B 112 11.83 10.55 -3.51
C PHE B 112 13.22 10.96 -4.05
C PHE B 112 13.16 10.96 -4.11
N PRO B 113 13.84 10.05 -4.83
CA PRO B 113 15.16 10.32 -5.37
C PRO B 113 15.17 11.31 -6.52
N ILE B 114 16.02 12.31 -6.41
CA ILE B 114 16.27 13.23 -7.51
C ILE B 114 17.76 13.22 -7.83
N CYS B 115 18.11 12.35 -8.77
CA CYS B 115 19.47 12.19 -9.24
C CYS B 115 19.61 12.96 -10.54
N LEU B 116 20.50 13.95 -10.50
CA LEU B 116 20.64 14.93 -11.54
C LEU B 116 21.79 14.62 -12.41
N SER B 117 21.62 14.80 -13.72
CA SER B 117 22.73 14.68 -14.66
C SER B 117 23.43 16.03 -14.89
N GLU B 118 23.56 16.83 -13.84
CA GLU B 118 24.23 18.12 -13.91
C GLU B 118 25.13 18.20 -12.69
N SER B 119 26.37 18.61 -12.89
CA SER B 119 27.27 18.69 -11.77
C SER B 119 28.00 20.05 -11.56
N GLU B 120 27.81 21.04 -12.45
CA GLU B 120 28.30 22.41 -12.16
C GLU B 120 27.50 22.93 -11.01
N GLU B 121 28.19 23.53 -10.03
CA GLU B 121 27.52 23.91 -8.78
C GLU B 121 26.41 24.92 -8.95
N GLU B 122 26.61 25.98 -9.75
CA GLU B 122 25.57 27.02 -9.88
C GLU B 122 24.33 26.46 -10.51
N LYS B 123 24.49 25.51 -11.42
CA LYS B 123 23.33 24.85 -12.07
C LYS B 123 22.59 23.92 -11.11
N ILE B 124 23.33 23.14 -10.35
CA ILE B 124 22.68 22.32 -9.34
C ILE B 124 21.84 23.22 -8.45
N ILE B 125 22.44 24.32 -7.99
CA ILE B 125 21.78 25.24 -7.09
C ILE B 125 20.48 25.76 -7.66
N SER B 126 20.49 26.18 -8.91
CA SER B 126 19.26 26.70 -9.46
C SER B 126 18.24 25.60 -9.79
N ILE B 127 18.70 24.37 -10.09
CA ILE B 127 17.75 23.27 -10.25
C ILE B 127 17.05 22.96 -8.93
N VAL B 128 17.80 22.83 -7.87
CA VAL B 128 17.15 22.50 -6.63
C VAL B 128 16.19 23.61 -6.19
N LYS B 129 16.60 24.87 -6.35
CA LYS B 129 15.73 26.01 -6.01
C LYS B 129 14.39 25.89 -6.72
N SER B 130 14.41 25.46 -7.97
CA SER B 130 13.20 25.42 -8.79
C SER B 130 12.23 24.34 -8.32
N LEU B 131 12.70 23.37 -7.53
CA LEU B 131 11.87 22.30 -7.01
C LEU B 131 11.15 22.63 -5.71
N GLU B 132 11.41 23.81 -5.16
CA GLU B 132 10.88 24.18 -3.85
C GLU B 132 9.37 23.92 -3.69
N PRO B 133 8.54 24.25 -4.68
CA PRO B 133 7.11 24.05 -4.57
C PRO B 133 6.72 22.60 -4.43
N SER B 134 7.56 21.67 -4.87
CA SER B 134 7.19 20.24 -4.86
C SER B 134 7.54 19.49 -3.59
N PHE B 135 8.24 20.10 -2.66
CA PHE B 135 8.72 19.36 -1.49
C PHE B 135 8.67 20.18 -0.23
N GLY B 136 8.63 19.48 0.88
CA GLY B 136 8.70 20.10 2.20
C GLY B 136 10.10 20.18 2.76
N GLY B 137 11.03 19.48 2.11
CA GLY B 137 12.43 19.45 2.55
C GLY B 137 13.34 18.90 1.46
N ILE B 138 14.62 19.24 1.54
CA ILE B 138 15.62 18.78 0.61
C ILE B 138 16.73 18.07 1.38
N ASN B 139 17.04 16.83 1.00
CA ASN B 139 18.17 16.08 1.55
C ASN B 139 19.23 15.96 0.48
N LEU B 140 20.27 16.79 0.56
CA LEU B 140 21.40 16.64 -0.35
C LEU B 140 22.17 15.41 0.10
N GLU B 141 22.69 14.69 -0.87
CA GLU B 141 23.33 13.44 -0.60
C GLU B 141 24.41 13.13 -1.63
N ASP B 142 25.59 12.71 -1.17
CA ASP B 142 26.64 12.19 -2.03
C ASP B 142 27.00 13.16 -3.15
N ILE B 143 27.21 14.41 -2.73
CA ILE B 143 27.72 15.48 -3.58
C ILE B 143 29.09 15.84 -3.06
N GLY B 144 30.07 15.84 -3.95
CA GLY B 144 31.48 16.01 -3.55
C GLY B 144 31.87 17.35 -2.94
N ALA B 145 32.92 17.31 -2.13
CA ALA B 145 33.54 18.53 -1.60
C ALA B 145 34.56 18.98 -2.60
N PRO B 146 34.93 20.26 -2.64
CA PRO B 146 34.35 21.30 -1.82
C PRO B 146 33.10 21.96 -2.38
N LYS B 147 32.64 21.57 -3.56
CA LYS B 147 31.41 22.25 -4.08
C LYS B 147 30.21 22.09 -3.11
N CYS B 148 30.11 20.98 -2.41
CA CYS B 148 28.94 20.82 -1.55
C CYS B 148 28.87 21.82 -0.39
N PHE B 149 29.96 22.50 -0.09
CA PHE B 149 29.92 23.51 0.98
C PHE B 149 29.13 24.73 0.52
N ARG B 150 29.43 25.19 -0.70
CA ARG B 150 28.70 26.31 -1.30
C ARG B 150 27.29 25.92 -1.58
N ILE B 151 27.08 24.71 -2.08
CA ILE B 151 25.73 24.28 -2.44
C ILE B 151 24.83 24.24 -1.21
N LEU B 152 25.31 23.62 -0.14
CA LEU B 152 24.55 23.63 1.12
C LEU B 152 24.23 25.04 1.61
N GLN B 153 25.25 25.89 1.73
CA GLN B 153 25.04 27.23 2.25
C GLN B 153 24.06 28.05 1.43
N ARG B 154 24.19 27.99 0.11
CA ARG B 154 23.34 28.77 -0.76
C ARG B 154 21.90 28.32 -0.67
N LEU B 155 21.69 27.02 -0.78
CA LEU B 155 20.33 26.51 -0.78
C LEU B 155 19.67 26.75 0.57
N SER B 156 20.37 26.50 1.65
CA SER B 156 19.75 26.74 2.94
C SER B 156 19.47 28.22 3.19
N GLU B 157 20.30 29.11 2.65
CA GLU B 157 20.06 30.52 2.85
C GLU B 157 18.89 31.03 1.93
N GLU B 158 18.80 30.50 0.72
CA GLU B 158 17.87 31.04 -0.29
C GLU B 158 16.54 30.33 -0.36
N ASN B 160 13.13 28.32 1.33
CA ASN B 160 12.34 28.45 2.51
C ASN B 160 11.78 27.11 2.95
N ILE B 161 12.44 26.01 2.60
CA ILE B 161 12.17 24.72 3.21
C ILE B 161 13.52 24.33 3.71
N PRO B 162 13.58 23.43 4.67
CA PRO B 162 14.88 23.03 5.23
C PRO B 162 15.68 22.26 4.23
N VAL B 163 16.98 22.51 4.21
CA VAL B 163 17.87 21.72 3.36
C VAL B 163 19.00 21.23 4.25
N PHE B 164 19.31 19.95 4.10
CA PHE B 164 20.21 19.20 4.97
C PHE B 164 21.06 18.34 4.06
N HIS B 165 22.38 18.28 4.36
CA HIS B 165 23.31 17.38 3.67
C HIS B 165 23.92 16.46 4.70
N ASP B 166 23.49 15.21 4.60
CA ASP B 166 23.94 14.10 5.41
C ASP B 166 25.42 14.06 5.78
N ASP B 167 26.25 13.95 4.75
CA ASP B 167 27.67 13.70 4.91
C ASP B 167 28.34 14.86 5.65
N GLN B 168 27.75 16.06 5.59
CA GLN B 168 28.19 17.18 6.38
C GLN B 168 27.52 17.14 7.75
N GLN B 169 26.23 17.39 7.79
CA GLN B 169 25.56 17.63 9.07
C GLN B 169 25.18 16.34 9.81
N GLY B 170 24.77 15.32 9.07
CA GLY B 170 24.43 14.03 9.66
C GLY B 170 25.64 13.34 10.22
N THR B 171 26.70 13.25 9.45
CA THR B 171 27.90 12.57 9.94
C THR B 171 28.48 13.32 11.14
N ALA B 172 28.48 14.64 11.10
CA ALA B 172 28.95 15.41 12.25
C ALA B 172 28.12 15.15 13.50
N VAL B 173 26.81 15.04 13.35
CA VAL B 173 25.95 14.77 14.49
C VAL B 173 26.27 13.43 15.12
N VAL B 174 26.33 12.41 14.28
CA VAL B 174 26.53 11.09 14.83
C VAL B 174 27.92 10.96 15.41
N VAL B 175 28.92 11.52 14.72
CA VAL B 175 30.30 11.41 15.20
C VAL B 175 30.42 12.10 16.56
N SER B 176 29.77 13.26 16.69
CA SER B 176 29.78 14.00 17.93
C SER B 176 29.15 13.23 19.07
N ALA B 177 28.00 12.63 18.84
CA ALA B 177 27.37 11.83 19.90
C ALA B 177 28.28 10.67 20.31
N ALA B 178 28.86 10.00 19.32
CA ALA B 178 29.76 8.89 19.58
C ALA B 178 30.95 9.39 20.40
N PHE B 179 31.50 10.52 19.97
CA PHE B 179 32.65 11.05 20.64
C PHE B 179 32.32 11.33 22.11
N LEU B 180 31.22 12.02 22.38
CA LEU B 180 30.85 12.39 23.76
C LEU B 180 30.75 11.17 24.65
N ASN B 181 30.12 10.11 24.15
CA ASN B 181 29.97 8.89 24.94
C ASN B 181 31.30 8.15 25.13
N ALA B 182 32.10 8.07 24.08
CA ALA B 182 33.44 7.52 24.19
C ALA B 182 34.25 8.32 25.23
N LEU B 183 34.11 9.65 25.21
CA LEU B 183 34.83 10.52 26.16
C LEU B 183 34.41 10.24 27.61
N LYS B 184 33.10 10.05 27.81
CA LYS B 184 32.57 9.68 29.12
C LYS B 184 33.25 8.41 29.64
N LEU B 185 33.32 7.38 28.80
CA LEU B 185 33.95 6.08 29.15
C LEU B 185 35.45 6.20 29.43
N THR B 186 36.09 7.08 28.69
CA THR B 186 37.48 7.48 28.86
C THR B 186 37.76 8.14 30.22
N GLU B 187 36.76 8.85 30.73
CA GLU B 187 36.86 9.60 31.99
C GLU B 187 37.65 10.93 31.93
N LYS B 188 37.53 11.69 30.82
CA LYS B 188 37.93 13.12 30.80
C LYS B 188 36.72 14.04 30.59
N VAL B 195 42.76 15.22 19.81
CA VAL B 195 41.83 14.61 18.85
C VAL B 195 42.23 14.82 17.38
N VAL B 196 42.50 13.71 16.71
CA VAL B 196 42.94 13.69 15.34
C VAL B 196 41.81 13.40 14.40
N VAL B 197 41.59 14.30 13.45
CA VAL B 197 40.56 14.12 12.44
C VAL B 197 41.22 14.00 11.07
N ASN B 198 41.05 12.86 10.41
CA ASN B 198 41.72 12.60 9.15
C ASN B 198 40.74 12.46 7.99
N GLY B 199 40.92 13.30 6.97
CA GLY B 199 40.02 13.35 5.82
C GLY B 199 39.10 14.54 5.98
N ILE B 200 39.50 15.68 5.44
CA ILE B 200 38.77 16.92 5.66
C ILE B 200 37.99 17.23 4.41
N GLY B 201 37.03 16.33 4.14
CA GLY B 201 36.05 16.48 3.10
C GLY B 201 34.76 16.97 3.75
N ALA B 202 33.64 16.53 3.20
CA ALA B 202 32.33 16.98 3.63
C ALA B 202 32.18 16.75 5.10
N ALA B 203 32.52 15.54 5.51
CA ALA B 203 32.36 15.15 6.89
C ALA B 203 33.40 15.82 7.77
N GLY B 204 34.66 15.64 7.40
CA GLY B 204 35.78 16.01 8.25
C GLY B 204 35.71 17.45 8.66
N TYR B 205 35.46 18.28 7.67
CA TYR B 205 35.28 19.70 7.87
C TYR B 205 34.28 19.97 9.02
N ASN B 206 33.12 19.34 8.94
CA ASN B 206 32.05 19.65 9.84
C ASN B 206 32.31 18.97 11.16
N ILE B 207 32.91 17.77 11.12
CA ILE B 207 33.33 17.11 12.38
C ILE B 207 34.26 17.99 13.21
N VAL B 208 35.26 18.56 12.56
CA VAL B 208 36.17 19.46 13.24
C VAL B 208 35.41 20.57 13.98
N LYS B 209 34.50 21.24 13.27
CA LYS B 209 33.79 22.38 13.83
C LYS B 209 32.86 21.97 14.96
N PHE B 210 32.20 20.84 14.86
CA PHE B 210 31.38 20.35 15.97
C PHE B 210 32.20 20.07 17.25
N LEU B 211 33.33 19.41 17.07
CA LEU B 211 34.20 19.12 18.17
C LEU B 211 34.66 20.40 18.84
N LEU B 212 34.89 21.43 18.04
CA LEU B 212 35.27 22.73 18.61
C LEU B 212 34.11 23.38 19.40
N ASP B 213 32.93 23.43 18.77
CA ASP B 213 31.69 23.89 19.42
C ASP B 213 31.45 23.11 20.68
N LEU B 214 31.72 21.82 20.67
CA LEU B 214 31.46 21.02 21.87
C LEU B 214 32.42 21.31 23.05
N GLY B 215 33.64 21.75 22.74
CA GLY B 215 34.59 22.13 23.75
C GLY B 215 36.00 21.59 23.58
N VAL B 216 36.23 20.74 22.58
CA VAL B 216 37.56 20.20 22.38
C VAL B 216 38.48 21.36 21.96
N LYS B 217 39.69 21.35 22.52
CA LYS B 217 40.66 22.39 22.29
C LYS B 217 41.77 21.90 21.38
N ASN B 218 42.28 20.68 21.61
CA ASN B 218 43.31 20.11 20.74
C ASN B 218 42.74 19.26 19.61
N VAL B 219 42.21 19.89 18.58
CA VAL B 219 41.82 19.14 17.40
C VAL B 219 42.97 19.21 16.41
N VAL B 220 43.35 18.08 15.83
CA VAL B 220 44.38 18.06 14.80
C VAL B 220 43.80 17.52 13.50
N ALA B 221 43.76 18.39 12.49
CA ALA B 221 43.20 18.04 11.20
C ALA B 221 44.30 17.50 10.28
N VAL B 222 44.01 16.44 9.54
CA VAL B 222 44.96 15.82 8.60
C VAL B 222 44.25 15.42 7.31
N ASP B 223 44.93 15.63 6.19
CA ASP B 223 44.40 15.23 4.86
C ASP B 223 45.61 14.65 4.09
N ARG B 224 45.46 14.50 2.77
CA ARG B 224 46.38 13.68 1.97
C ARG B 224 47.81 14.24 1.87
N LYS B 225 47.99 15.53 2.15
CA LYS B 225 49.35 16.13 2.19
C LYS B 225 49.84 16.38 3.63
N GLY B 226 49.26 15.74 4.64
CA GLY B 226 49.70 15.87 6.04
C GLY B 226 48.80 16.70 6.96
N ILE B 227 49.33 16.99 8.16
CA ILE B 227 48.63 17.80 9.17
C ILE B 227 48.44 19.22 8.65
N LEU B 228 47.21 19.74 8.75
CA LEU B 228 46.88 21.09 8.26
C LEU B 228 47.42 22.16 9.21
N ASN B 229 48.38 22.95 8.70
CA ASN B 229 49.07 24.02 9.43
C ASN B 229 49.24 25.17 8.42
N GLU B 230 48.65 26.32 8.69
CA GLU B 230 48.84 27.46 7.78
C GLU B 230 50.32 27.74 7.40
N ASN B 231 51.27 27.43 8.29
CA ASN B 231 52.71 27.62 8.01
C ASN B 231 53.36 26.59 7.05
N ASP B 232 52.65 25.50 6.74
CA ASP B 232 53.08 24.54 5.71
C ASP B 232 52.00 24.60 4.62
N PRO B 233 52.13 25.50 3.64
CA PRO B 233 51.02 25.82 2.70
C PRO B 233 50.59 24.67 1.78
N GLU B 234 51.54 23.79 1.48
CA GLU B 234 51.28 22.51 0.78
C GLU B 234 50.04 21.79 1.36
N THR B 235 49.82 21.90 2.67
CA THR B 235 48.70 21.20 3.35
C THR B 235 47.31 21.78 3.08
N CYS B 236 47.26 22.91 2.38
CA CYS B 236 45.99 23.62 2.12
C CYS B 236 45.50 23.55 0.70
N LEU B 237 44.69 22.50 0.49
CA LEU B 237 44.17 22.06 -0.80
C LEU B 237 43.00 22.94 -1.28
N ASN B 238 42.33 23.63 -0.35
CA ASN B 238 41.46 24.73 -0.74
C ASN B 238 41.36 25.69 0.40
N GLU B 239 40.65 26.76 0.14
CA GLU B 239 40.17 27.68 1.16
C GLU B 239 39.61 27.02 2.43
N TYR B 240 38.91 25.90 2.30
CA TYR B 240 38.29 25.32 3.47
C TYR B 240 39.31 24.64 4.41
N HIS B 241 40.36 24.06 3.85
CA HIS B 241 41.44 23.50 4.64
C HIS B 241 42.17 24.64 5.35
N LEU B 242 42.36 25.75 4.64
CA LEU B 242 42.97 26.93 5.25
C LEU B 242 42.16 27.37 6.45
N GLU B 243 40.84 27.43 6.27
CA GLU B 243 39.99 27.85 7.37
C GLU B 243 40.21 26.94 8.57
N ILE B 244 40.21 25.62 8.31
CA ILE B 244 40.35 24.63 9.38
C ILE B 244 41.71 24.73 10.08
N ALA B 245 42.77 24.90 9.29
CA ALA B 245 44.11 25.04 9.83
C ALA B 245 44.15 26.20 10.82
N ARG B 246 43.34 27.23 10.54
CA ARG B 246 43.32 28.45 11.35
C ARG B 246 42.63 28.27 12.69
N ILE B 247 41.79 27.26 12.83
CA ILE B 247 41.08 27.04 14.09
C ILE B 247 41.44 25.66 14.70
N THR B 248 42.45 25.00 14.12
CA THR B 248 42.96 23.69 14.57
C THR B 248 44.43 23.81 14.97
N ASN B 249 44.95 22.72 15.53
CA ASN B 249 46.38 22.54 15.80
C ASN B 249 46.93 23.54 16.82
N PRO B 250 46.90 23.13 18.09
CA PRO B 250 47.39 23.95 19.21
C PRO B 250 48.95 24.06 19.38
N GLU B 251 49.63 23.06 19.95
CA GLU B 251 51.05 22.87 19.68
C GLU B 251 51.08 22.90 18.15
N ARG B 252 51.42 24.09 17.59
CA ARG B 252 51.42 24.28 16.13
C ARG B 252 52.43 23.25 15.57
N LEU B 253 51.99 21.97 15.41
CA LEU B 253 52.91 20.88 15.05
C LEU B 253 52.72 20.65 13.58
N SER B 254 53.53 19.82 12.92
CA SER B 254 53.29 19.49 11.49
C SER B 254 54.07 18.29 10.89
N GLY B 255 53.41 17.58 9.97
CA GLY B 255 53.93 16.35 9.36
C GLY B 255 52.75 15.53 8.85
N ASP B 256 53.02 14.27 8.47
CA ASP B 256 51.97 13.36 7.96
C ASP B 256 51.01 12.85 9.08
N LEU B 257 50.47 11.64 8.93
CA LEU B 257 49.62 11.02 9.96
C LEU B 257 50.39 10.46 11.17
N GLU B 258 51.36 9.57 10.92
CA GLU B 258 52.09 8.90 12.01
C GLU B 258 52.52 9.94 13.06
N THR B 259 53.11 11.04 12.62
CA THR B 259 53.47 12.14 13.53
C THR B 259 52.19 12.79 14.04
N ALA B 260 51.27 13.05 13.12
CA ALA B 260 49.92 13.50 13.48
C ALA B 260 49.33 12.76 14.67
N LEU B 261 49.33 11.43 14.61
CA LEU B 261 48.64 10.61 15.61
C LEU B 261 49.39 10.28 16.92
N GLU B 262 50.68 10.63 17.05
CA GLU B 262 51.55 10.13 18.15
C GLU B 262 51.12 10.43 19.59
N GLY B 263 50.85 9.38 20.38
CA GLY B 263 50.23 9.51 21.71
C GLY B 263 48.96 10.36 21.67
N ALA B 264 47.87 9.76 21.18
CA ALA B 264 46.67 10.51 20.71
C ALA B 264 45.40 10.31 21.55
N ASP B 265 44.96 11.40 22.23
CA ASP B 265 43.60 11.42 22.78
C ASP B 265 42.65 10.53 21.85
N PHE B 266 42.28 10.96 20.63
CA PHE B 266 41.28 10.23 19.72
C PHE B 266 41.67 10.14 18.24
N PHE B 267 41.26 9.10 17.52
CA PHE B 267 41.37 9.16 16.04
C PHE B 267 40.04 9.06 15.31
N ILE B 268 39.72 10.08 14.50
CA ILE B 268 38.49 10.09 13.70
C ILE B 268 38.86 10.20 12.21
N GLY B 269 38.42 9.23 11.42
CA GLY B 269 38.81 9.14 10.01
C GLY B 269 37.64 9.07 9.03
N VAL B 270 37.71 9.89 7.98
CA VAL B 270 36.92 9.73 6.74
C VAL B 270 37.93 9.56 5.56
N SER B 271 38.42 8.32 5.38
CA SER B 271 39.86 8.04 5.13
C SER B 271 40.17 6.85 4.13
N ARG B 272 41.16 5.97 4.41
CA ARG B 272 41.47 4.83 3.54
C ARG B 272 42.96 4.41 3.54
N LYS B 277 50.02 3.21 11.38
CA LYS B 277 50.44 1.98 12.05
C LYS B 277 49.84 1.87 13.48
N PRO B 278 49.83 0.67 14.08
CA PRO B 278 49.10 0.48 15.35
C PRO B 278 49.73 1.21 16.58
N GLU B 279 50.95 0.74 17.00
CA GLU B 279 51.86 1.41 17.95
C GLU B 279 51.42 2.76 18.59
N TRP B 280 51.10 3.80 17.75
CA TRP B 280 50.65 5.13 18.30
C TRP B 280 49.17 5.13 19.00
N VAL B 289 40.82 6.28 21.42
CA VAL B 289 39.57 5.79 20.88
C VAL B 289 39.58 6.02 19.39
N ILE B 290 39.15 5.00 18.65
CA ILE B 290 39.32 4.98 17.21
C ILE B 290 38.00 4.89 16.43
N PHE B 291 37.53 6.04 15.94
CA PHE B 291 36.47 6.05 14.95
C PHE B 291 37.17 6.03 13.59
N ALA B 292 37.19 4.86 12.97
CA ALA B 292 37.73 4.69 11.64
C ALA B 292 36.52 4.42 10.79
N LEU B 293 36.10 5.42 10.04
CA LEU B 293 34.75 5.45 9.49
C LEU B 293 34.76 5.51 7.98
N ALA B 294 35.91 5.27 7.37
CA ALA B 294 35.96 5.28 5.92
C ALA B 294 35.05 4.19 5.44
N ASN B 295 34.48 4.36 4.24
CA ASN B 295 33.91 3.23 3.50
C ASN B 295 35.08 2.25 3.24
N PRO B 296 34.82 0.97 3.05
CA PRO B 296 35.59 -0.09 3.68
C PRO B 296 36.35 0.14 5.04
N VAL B 297 37.57 0.69 5.09
CA VAL B 297 38.36 0.79 6.36
C VAL B 297 39.50 1.78 6.24
N PRO B 298 40.03 2.31 7.34
CA PRO B 298 41.43 2.79 7.41
C PRO B 298 42.47 1.91 8.20
N GLU B 299 43.75 2.24 8.02
CA GLU B 299 44.88 1.65 8.75
C GLU B 299 45.08 0.14 8.42
N LEU B 304 42.87 -6.20 13.17
CA LEU B 304 43.52 -5.21 14.01
C LEU B 304 42.49 -4.16 14.38
N ALA B 305 41.53 -3.91 13.48
CA ALA B 305 40.27 -3.24 13.83
C ALA B 305 39.71 -3.93 15.08
N ARG B 306 40.30 -5.05 15.49
CA ARG B 306 40.21 -5.55 16.87
C ARG B 306 41.60 -5.97 17.42
N GLU B 307 41.99 -7.24 17.20
CA GLU B 307 43.12 -7.90 17.92
C GLU B 307 44.53 -7.27 17.77
N ALA B 308 44.57 -5.96 17.51
CA ALA B 308 45.80 -5.14 17.61
C ALA B 308 45.70 -4.17 18.80
N GLY B 309 45.03 -4.62 19.86
CA GLY B 309 44.80 -3.79 21.06
C GLY B 309 43.84 -2.66 20.77
N ALA B 310 43.88 -1.63 21.62
CA ALA B 310 43.24 -0.33 21.39
C ALA B 310 41.76 -0.29 21.80
N PHE B 311 41.41 0.70 22.62
CA PHE B 311 40.18 0.65 23.48
C PHE B 311 38.82 0.58 22.75
N ILE B 312 38.42 1.64 22.05
CA ILE B 312 37.09 1.67 21.41
C ILE B 312 37.24 1.84 19.89
N VAL B 313 36.47 1.03 19.15
CA VAL B 313 36.65 0.86 17.70
C VAL B 313 35.33 1.05 16.93
N ALA B 314 35.16 2.20 16.27
CA ALA B 314 33.94 2.41 15.51
C ALA B 314 34.12 2.30 13.99
N THR B 315 33.22 1.58 13.35
CA THR B 315 33.20 1.43 11.92
C THR B 315 32.13 2.36 11.35
N GLY B 316 32.11 2.42 10.02
CA GLY B 316 30.94 2.89 9.31
C GLY B 316 30.03 1.71 9.03
N ARG B 317 30.60 0.49 9.00
CA ARG B 317 29.90 -0.71 8.54
C ARG B 317 28.65 -1.08 9.35
N SER B 318 27.63 -1.57 8.64
CA SER B 318 26.48 -2.29 9.21
C SER B 318 26.85 -3.78 9.29
N ASP B 319 27.91 -4.05 10.05
CA ASP B 319 28.78 -5.21 9.91
C ASP B 319 29.42 -5.62 11.26
N HIS B 320 30.02 -4.63 11.94
CA HIS B 320 30.89 -4.88 13.10
C HIS B 320 30.34 -4.07 14.26
N PRO B 321 30.88 -4.24 15.47
CA PRO B 321 30.48 -3.39 16.58
C PRO B 321 30.66 -1.88 16.29
N ASN B 322 29.87 -1.09 17.01
CA ASN B 322 30.06 0.35 17.13
C ASN B 322 30.10 1.09 15.80
N GLN B 323 28.94 1.07 15.18
CA GLN B 323 28.75 1.67 13.90
C GLN B 323 28.30 3.14 14.01
N VAL B 324 29.15 4.05 13.59
CA VAL B 324 28.78 5.44 13.54
C VAL B 324 28.17 5.68 12.16
N ASN B 325 26.82 5.76 12.08
CA ASN B 325 26.14 5.97 10.79
C ASN B 325 25.07 7.06 10.82
N ASN B 326 25.03 7.79 9.71
CA ASN B 326 24.05 8.84 9.49
C ASN B 326 22.61 8.46 9.78
N LEU B 327 22.28 7.19 9.58
CA LEU B 327 20.94 6.68 9.78
C LEU B 327 20.37 7.08 11.12
N LEU B 328 21.22 7.17 12.13
CA LEU B 328 20.79 7.55 13.46
C LEU B 328 20.32 8.99 13.53
N ALA B 329 20.70 9.79 12.55
CA ALA B 329 20.46 11.23 12.61
C ALA B 329 19.39 11.75 11.64
N PHE B 330 19.51 11.41 10.36
CA PHE B 330 18.69 12.07 9.35
C PHE B 330 17.18 11.87 9.49
N PRO B 331 16.69 10.69 9.79
CA PRO B 331 15.25 10.52 9.94
C PRO B 331 14.64 11.57 10.88
N GLY B 332 15.15 11.60 12.12
CA GLY B 332 14.59 12.46 13.14
C GLY B 332 14.79 13.93 12.82
N ILE B 333 15.98 14.26 12.31
CA ILE B 333 16.31 15.65 12.06
C ILE B 333 15.40 16.20 10.97
N LYS B 335 12.46 14.96 10.03
CA LYS B 335 11.08 14.97 10.42
C LYS B 335 10.80 16.22 11.27
N GLY B 336 11.68 16.47 12.22
CA GLY B 336 11.54 17.63 13.09
C GLY B 336 11.57 18.91 12.29
N ALA B 337 12.55 19.04 11.39
CA ALA B 337 12.79 20.28 10.67
C ALA B 337 11.66 20.61 9.73
N VAL B 338 11.12 19.58 9.07
CA VAL B 338 10.05 19.79 8.11
C VAL B 338 8.79 20.22 8.83
N GLU B 339 8.55 19.65 10.02
CA GLU B 339 7.38 19.98 10.80
C GLU B 339 7.47 21.39 11.34
N LYS B 340 8.62 21.79 11.88
CA LYS B 340 8.84 23.17 12.35
C LYS B 340 8.87 24.15 11.13
N ARG B 341 9.14 23.63 9.94
CA ARG B 341 9.11 24.42 8.71
C ARG B 341 10.26 25.45 8.56
N SER B 342 11.10 25.57 9.61
CA SER B 342 12.22 26.52 9.60
C SER B 342 13.54 25.86 9.14
N LYS B 343 14.48 26.77 8.86
CA LYS B 343 15.82 26.42 8.46
C LYS B 343 16.43 25.66 9.63
N ILE B 344 17.24 24.65 9.30
CA ILE B 344 17.98 23.84 10.27
C ILE B 344 19.05 24.68 10.93
N THR B 345 19.14 24.68 12.26
CA THR B 345 20.08 25.52 13.01
C THR B 345 21.11 24.72 13.78
N LYS B 346 22.14 25.42 14.26
CA LYS B 346 23.16 24.83 15.10
C LYS B 346 22.50 24.20 16.32
N ASN B 347 21.61 24.96 16.97
CA ASN B 347 20.84 24.44 18.12
C ASN B 347 20.12 23.12 17.81
N LEU B 349 20.78 20.90 15.48
CA LEU B 349 21.74 19.84 15.26
C LEU B 349 22.37 19.37 16.55
N LEU B 350 22.64 20.29 17.47
CA LEU B 350 23.22 19.88 18.74
C LEU B 350 22.20 19.16 19.62
N SER B 351 20.93 19.55 19.56
CA SER B 351 19.85 18.77 20.16
C SER B 351 19.98 17.31 19.77
N ALA B 352 20.09 17.12 18.45
CA ALA B 352 20.23 15.78 17.92
C ALA B 352 21.44 15.08 18.50
N VAL B 353 22.56 15.77 18.54
CA VAL B 353 23.76 15.14 19.06
C VAL B 353 23.50 14.60 20.47
N GLU B 354 22.94 15.44 21.33
CA GLU B 354 22.65 15.10 22.71
C GLU B 354 21.61 13.98 22.81
N ALA B 355 20.60 14.03 21.95
CA ALA B 355 19.55 13.01 22.00
C ALA B 355 20.10 11.63 21.60
N ILE B 356 20.95 11.57 20.58
CA ILE B 356 21.59 10.30 20.21
C ILE B 356 22.48 9.79 21.34
N ALA B 357 23.27 10.69 21.93
CA ALA B 357 24.20 10.31 23.00
C ALA B 357 23.50 9.82 24.26
N ARG B 358 22.37 10.43 24.61
CA ARG B 358 21.63 10.03 25.78
C ARG B 358 20.71 8.84 25.47
N SER B 359 20.71 8.38 24.22
CA SER B 359 19.84 7.26 23.86
C SER B 359 20.37 5.90 24.27
N CYS B 360 21.50 5.83 24.95
CA CYS B 360 21.90 4.56 25.53
C CYS B 360 22.81 4.78 26.71
N GLU B 361 23.09 3.71 27.42
CA GLU B 361 24.12 3.75 28.43
C GLU B 361 25.44 3.27 27.82
N PRO B 362 26.40 4.17 27.62
CA PRO B 362 27.63 3.82 26.91
C PRO B 362 28.48 2.77 27.62
N GLU B 363 28.90 1.75 26.88
CA GLU B 363 29.94 0.79 27.32
C GLU B 363 30.88 0.60 26.13
N PRO B 364 32.19 0.43 26.37
CA PRO B 364 33.21 0.42 25.28
C PRO B 364 32.77 -0.27 23.98
N GLU B 365 32.01 -1.36 24.13
CA GLU B 365 31.49 -2.12 23.00
C GLU B 365 30.20 -1.58 22.39
N ARG B 366 29.61 -0.57 23.04
CA ARG B 366 28.38 0.09 22.53
C ARG B 366 28.33 1.53 23.04
N ILE B 367 28.96 2.43 22.28
CA ILE B 367 29.07 3.83 22.68
C ILE B 367 27.92 4.68 22.12
N ILE B 368 27.17 4.10 21.19
CA ILE B 368 25.91 4.67 20.72
C ILE B 368 24.93 3.53 20.44
N PRO B 369 23.64 3.85 20.37
CA PRO B 369 22.64 2.86 19.90
C PRO B 369 22.81 2.40 18.46
N GLU B 370 22.12 1.33 18.12
CA GLU B 370 21.97 0.87 16.75
C GLU B 370 20.80 1.59 16.10
N ALA B 371 20.79 1.62 14.77
CA ALA B 371 19.73 2.32 14.00
C ALA B 371 18.34 1.74 14.10
N PHE B 372 18.21 0.44 14.31
CA PHE B 372 16.82 -0.10 14.40
C PHE B 372 16.26 0.02 15.82
N ASP B 373 16.97 0.69 16.73
CA ASP B 373 16.32 1.06 17.99
C ASP B 373 15.49 2.31 17.73
N LYS B 375 13.56 3.99 19.52
CA LYS B 375 13.62 5.02 20.52
C LYS B 375 14.52 6.17 20.04
N VAL B 376 15.60 5.85 19.35
CA VAL B 376 16.55 6.88 18.94
C VAL B 376 15.91 7.89 18.01
N HIS B 377 15.21 7.41 17.00
CA HIS B 377 14.62 8.30 16.04
C HIS B 377 13.55 9.17 16.68
N LEU B 378 12.79 8.60 17.62
CA LEU B 378 11.80 9.36 18.37
C LEU B 378 12.46 10.48 19.18
N ASN B 379 13.55 10.14 19.84
CA ASN B 379 14.27 11.13 20.64
C ASN B 379 14.90 12.24 19.79
N VAL B 380 15.47 11.87 18.66
CA VAL B 380 16.05 12.87 17.76
C VAL B 380 14.95 13.78 17.25
N TYR B 381 13.86 13.17 16.78
CA TYR B 381 12.70 13.93 16.33
C TYR B 381 12.20 14.90 17.39
N THR B 382 11.96 14.39 18.59
CA THR B 382 11.48 15.22 19.69
C THR B 382 12.47 16.38 19.94
N ALA B 383 13.76 16.08 19.97
CA ALA B 383 14.75 17.09 20.33
C ALA B 383 14.76 18.22 19.32
N VAL B 384 14.75 17.86 18.04
CA VAL B 384 14.84 18.82 16.97
C VAL B 384 13.58 19.68 16.89
N LYS B 385 12.42 19.04 17.03
CA LYS B 385 11.13 19.74 17.10
C LYS B 385 11.19 20.84 18.15
N GLY B 386 11.73 20.46 19.30
CA GLY B 386 11.70 21.29 20.48
C GLY B 386 12.67 22.44 20.51
N SER B 387 13.68 22.43 19.64
CA SER B 387 14.67 23.49 19.62
C SER B 387 14.42 24.37 18.38
N ALA B 388 13.31 24.16 17.67
CA ALA B 388 13.10 24.79 16.33
C ALA B 388 12.64 26.26 16.43
N HIS C 12 -15.74 20.78 8.27
CA HIS C 12 -16.62 19.90 9.11
C HIS C 12 -17.00 18.63 8.34
N VAL C 13 -16.43 17.48 8.66
CA VAL C 13 -16.68 16.24 7.89
C VAL C 13 -17.29 15.12 8.72
N ASP C 14 -18.29 14.46 8.17
CA ASP C 14 -19.08 13.45 8.86
C ASP C 14 -18.26 12.15 8.97
N ALA C 15 -18.38 11.44 10.08
CA ALA C 15 -17.84 10.09 10.15
C ALA C 15 -18.41 9.19 9.05
N LEU C 16 -19.72 9.29 8.81
CA LEU C 16 -20.38 8.48 7.79
C LEU C 16 -19.88 8.82 6.42
N GLU C 17 -19.88 10.10 6.08
CA GLU C 17 -19.42 10.52 4.77
C GLU C 17 -18.01 9.98 4.52
N VAL C 18 -17.10 10.07 5.50
CA VAL C 18 -15.72 9.69 5.23
C VAL C 18 -15.59 8.19 5.13
N HIS C 19 -16.41 7.46 5.85
CA HIS C 19 -16.41 6.02 5.70
C HIS C 19 -16.89 5.63 4.30
N ARG C 20 -17.96 6.28 3.86
CA ARG C 20 -18.48 6.01 2.54
C ARG C 20 -17.40 6.26 1.49
N PHE C 21 -16.75 7.41 1.57
CA PHE C 21 -15.65 7.74 0.66
C PHE C 21 -14.51 6.74 0.70
N LEU C 22 -14.11 6.31 1.89
CA LEU C 22 -12.97 5.41 1.97
C LEU C 22 -13.33 3.96 1.59
N LYS C 23 -14.63 3.66 1.63
CA LYS C 23 -15.18 2.30 1.47
C LYS C 23 -14.31 1.40 2.27
N GLY C 24 -14.14 1.70 3.53
CA GLY C 24 -13.39 0.81 4.44
C GLY C 24 -12.04 1.36 4.80
N LYS C 25 -11.52 0.98 5.95
CA LYS C 25 -10.25 1.54 6.48
C LYS C 25 -9.07 0.56 6.32
N ILE C 26 -9.45 -0.62 5.82
CA ILE C 26 -8.60 -1.79 5.61
C ILE C 26 -8.19 -1.87 4.14
N ARG C 27 -6.90 -1.82 3.87
CA ARG C 27 -6.35 -2.18 2.54
C ARG C 27 -5.54 -3.48 2.70
N THR C 28 -5.39 -4.25 1.62
CA THR C 28 -4.20 -5.11 1.50
C THR C 28 -3.29 -4.45 0.49
N ALA C 29 -2.07 -4.95 0.41
CA ALA C 29 -1.04 -4.43 -0.50
C ALA C 29 0.06 -5.51 -0.75
N LEU C 30 0.64 -5.45 -1.95
CA LEU C 30 1.51 -6.47 -2.47
C LEU C 30 2.98 -6.10 -2.21
N PRO C 31 3.85 -7.09 -2.00
CA PRO C 31 5.28 -6.83 -1.89
C PRO C 31 5.87 -6.26 -3.15
N VAL C 32 5.40 -6.73 -4.30
CA VAL C 32 6.00 -6.37 -5.60
C VAL C 32 4.98 -5.67 -6.45
N GLU C 33 5.46 -4.93 -7.42
CA GLU C 33 4.60 -4.18 -8.30
C GLU C 33 4.29 -5.13 -9.44
N LYS C 34 5.31 -5.38 -10.28
CA LYS C 34 5.18 -6.20 -11.51
C LYS C 34 5.03 -7.68 -11.11
N VAL C 35 4.14 -8.36 -11.84
CA VAL C 35 3.78 -9.72 -11.60
C VAL C 35 3.97 -10.45 -12.91
N ASP C 36 4.96 -11.33 -12.96
CA ASP C 36 5.26 -12.02 -14.20
C ASP C 36 5.40 -13.53 -13.94
N ARG C 37 5.72 -14.29 -14.98
CA ARG C 37 5.93 -15.74 -14.90
C ARG C 37 6.86 -16.06 -13.73
N GLU C 38 7.99 -15.38 -13.66
CA GLU C 38 8.99 -15.64 -12.66
C GLU C 38 8.51 -15.39 -11.25
N THR C 39 7.88 -14.24 -11.04
CA THR C 39 7.34 -13.90 -9.74
C THR C 39 6.36 -14.96 -9.27
N LEU C 40 5.48 -15.42 -10.14
CA LEU C 40 4.52 -16.45 -9.72
C LEU C 40 5.16 -17.79 -9.43
N SER C 41 6.18 -18.16 -10.20
CA SER C 41 6.87 -19.42 -9.94
C SER C 41 7.56 -19.38 -8.56
N LEU C 42 7.91 -18.19 -8.07
CA LEU C 42 8.46 -18.09 -6.70
C LEU C 42 7.38 -18.01 -5.64
N LEU C 43 6.39 -17.15 -5.80
CA LEU C 43 5.45 -16.88 -4.71
C LEU C 43 4.24 -17.78 -4.77
N TYR C 44 4.05 -18.46 -5.89
CA TYR C 44 2.99 -19.44 -6.00
C TYR C 44 3.63 -20.71 -6.60
N THR C 45 2.94 -21.48 -7.42
CA THR C 45 3.47 -22.74 -7.88
C THR C 45 4.50 -22.52 -8.98
N PRO C 46 5.56 -23.31 -9.05
CA PRO C 46 5.85 -24.43 -8.14
C PRO C 46 6.64 -24.12 -6.85
N GLY C 47 7.28 -22.96 -6.76
CA GLY C 47 8.17 -22.67 -5.62
C GLY C 47 7.52 -22.75 -4.26
N VAL C 48 6.27 -22.33 -4.17
CA VAL C 48 5.58 -22.25 -2.89
C VAL C 48 5.35 -23.64 -2.29
N ALA C 49 5.50 -24.70 -3.08
CA ALA C 49 5.44 -26.06 -2.55
C ALA C 49 6.55 -26.35 -1.55
N ASP C 50 7.76 -25.84 -1.81
CA ASP C 50 8.87 -25.96 -0.84
C ASP C 50 8.50 -25.35 0.49
N VAL C 51 7.82 -24.22 0.43
CA VAL C 51 7.50 -23.46 1.62
C VAL C 51 6.40 -24.21 2.39
N ALA C 52 5.46 -24.76 1.65
CA ALA C 52 4.42 -25.56 2.23
C ALA C 52 5.03 -26.79 2.96
N ARG C 53 5.88 -27.53 2.26
CA ARG C 53 6.54 -28.70 2.87
C ARG C 53 7.24 -28.30 4.18
N ALA C 54 7.99 -27.21 4.15
CA ALA C 54 8.70 -26.74 5.35
C ALA C 54 7.76 -26.39 6.51
N CYS C 55 6.65 -25.73 6.21
CA CYS C 55 5.73 -25.33 7.28
C CYS C 55 4.93 -26.51 7.82
N ALA C 56 4.64 -27.48 6.97
CA ALA C 56 3.96 -28.67 7.42
C ALA C 56 4.88 -29.45 8.35
N GLU C 57 6.12 -29.69 7.90
CA GLU C 57 7.18 -30.34 8.71
C GLU C 57 7.40 -29.60 10.01
N ASP C 58 7.29 -28.29 10.04
CA ASP C 58 7.55 -27.54 11.25
C ASP C 58 6.70 -26.26 11.26
N PRO C 59 5.52 -26.33 11.88
CA PRO C 59 4.63 -25.15 11.99
C PRO C 59 5.29 -23.87 12.50
N GLU C 60 6.29 -23.93 13.36
CA GLU C 60 7.02 -22.73 13.77
C GLU C 60 7.55 -21.89 12.61
N LYS C 61 7.83 -22.54 11.49
CA LYS C 61 8.39 -21.86 10.34
C LYS C 61 7.42 -20.92 9.66
N THR C 62 6.13 -21.02 9.96
CA THR C 62 5.22 -20.00 9.51
C THR C 62 5.64 -18.61 9.99
N TYR C 63 6.32 -18.57 11.13
CA TYR C 63 6.81 -17.32 11.67
C TYR C 63 7.96 -16.74 10.84
N VAL C 64 8.61 -17.57 10.02
CA VAL C 64 9.69 -17.08 9.15
C VAL C 64 9.27 -16.84 7.70
N TYR C 65 8.34 -17.66 7.20
CA TYR C 65 7.98 -17.63 5.79
C TYR C 65 6.62 -17.04 5.43
N THR C 66 5.79 -16.76 6.43
CA THR C 66 4.51 -16.09 6.18
C THR C 66 4.41 -14.82 7.01
N SER C 67 3.26 -14.17 6.94
CA SER C 67 2.98 -12.95 7.71
C SER C 67 2.48 -13.26 9.14
N ARG C 68 2.41 -14.53 9.48
CA ARG C 68 1.89 -14.95 10.79
C ARG C 68 2.56 -14.22 11.96
N TRP C 69 3.84 -13.87 11.80
CA TRP C 69 4.62 -13.20 12.86
C TRP C 69 4.09 -11.83 13.24
N ASN C 70 3.19 -11.30 12.40
CA ASN C 70 2.72 -9.94 12.57
C ASN C 70 1.24 -9.77 12.27
N THR C 71 0.46 -10.87 12.24
CA THR C 71 -0.98 -10.79 11.98
C THR C 71 -1.77 -11.11 13.22
N VAL C 72 -2.84 -10.35 13.43
CA VAL C 72 -3.69 -10.43 14.58
C VAL C 72 -5.17 -10.44 14.19
N ALA C 73 -5.97 -11.31 14.79
CA ALA C 73 -7.39 -11.30 14.48
C ALA C 73 -8.08 -10.46 15.52
N VAL C 74 -8.91 -9.54 15.07
CA VAL C 74 -9.67 -8.72 15.99
C VAL C 74 -11.05 -9.33 16.00
N VAL C 75 -11.37 -10.08 17.05
CA VAL C 75 -12.54 -10.97 17.08
C VAL C 75 -13.65 -10.39 17.94
N SER C 76 -14.84 -10.28 17.36
CA SER C 76 -16.03 -9.88 18.10
C SER C 76 -17.25 -10.62 17.59
N ASP C 77 -18.24 -10.84 18.47
CA ASP C 77 -19.57 -11.23 18.05
C ASP C 77 -20.53 -10.06 18.14
N GLY C 78 -20.01 -8.89 18.52
CA GLY C 78 -20.79 -7.68 18.63
C GLY C 78 -21.73 -7.64 19.82
N SER C 79 -21.45 -8.43 20.86
CA SER C 79 -22.36 -8.48 22.01
C SER C 79 -22.17 -7.34 22.97
N ALA C 80 -21.13 -6.56 22.81
CA ALA C 80 -20.96 -5.33 23.63
C ALA C 80 -20.11 -4.30 22.90
N VAL C 81 -20.71 -3.69 21.89
CA VAL C 81 -19.97 -2.77 21.05
C VAL C 81 -19.98 -1.38 21.64
N LEU C 82 -18.76 -0.87 21.87
CA LEU C 82 -18.55 0.48 22.41
C LEU C 82 -19.57 0.68 23.51
N GLY C 83 -20.33 1.78 23.46
CA GLY C 83 -21.37 2.02 24.46
C GLY C 83 -22.73 1.62 23.95
N LEU C 84 -22.80 0.91 22.82
CA LEU C 84 -24.08 0.66 22.16
C LEU C 84 -24.76 -0.65 22.54
N GLY C 85 -24.00 -1.57 23.16
CA GLY C 85 -24.55 -2.85 23.59
C GLY C 85 -24.48 -3.95 22.54
N ASN C 86 -25.47 -4.83 22.59
CA ASN C 86 -25.44 -6.04 21.79
C ASN C 86 -26.08 -5.82 20.43
N ILE C 87 -25.33 -5.14 19.57
CA ILE C 87 -25.81 -4.75 18.25
C ILE C 87 -25.46 -5.75 17.15
N GLY C 88 -24.57 -6.69 17.45
CA GLY C 88 -24.26 -7.76 16.50
C GLY C 88 -23.02 -7.53 15.64
N PRO C 89 -22.68 -8.55 14.86
CA PRO C 89 -21.43 -8.58 14.12
C PRO C 89 -21.33 -7.58 12.96
N TYR C 90 -22.46 -7.21 12.37
CA TYR C 90 -22.46 -6.22 11.32
C TYR C 90 -22.20 -4.80 11.84
N GLY C 91 -22.84 -4.42 12.92
CA GLY C 91 -22.56 -3.14 13.56
C GLY C 91 -21.15 -3.14 14.08
N ALA C 92 -20.65 -4.30 14.48
CA ALA C 92 -19.30 -4.40 15.01
C ALA C 92 -18.24 -4.19 13.96
N LEU C 93 -18.54 -4.55 12.72
CA LEU C 93 -17.50 -4.55 11.67
C LEU C 93 -16.73 -3.24 11.46
N PRO C 94 -17.42 -2.11 11.35
CA PRO C 94 -16.72 -0.86 11.14
C PRO C 94 -15.91 -0.50 12.35
N VAL C 95 -16.32 -0.98 13.52
CA VAL C 95 -15.55 -0.72 14.75
C VAL C 95 -14.28 -1.55 14.75
N GLU C 97 -12.85 -2.66 12.14
CA GLU C 97 -11.99 -2.04 11.12
C GLU C 97 -11.19 -0.92 11.74
N GLY C 98 -11.87 -0.08 12.53
CA GLY C 98 -11.18 0.99 13.27
C GLY C 98 -10.08 0.47 14.16
N LYS C 99 -10.36 -0.59 14.93
CA LYS C 99 -9.35 -1.20 15.76
C LYS C 99 -8.17 -1.66 14.93
N ALA C 100 -8.46 -2.32 13.81
CA ALA C 100 -7.39 -2.81 12.91
C ALA C 100 -6.53 -1.66 12.44
N PHE C 101 -7.17 -0.55 12.11
CA PHE C 101 -6.46 0.68 11.74
C PHE C 101 -5.47 1.07 12.81
N LEU C 102 -5.96 1.13 14.04
CA LEU C 102 -5.12 1.50 15.18
C LEU C 102 -3.94 0.55 15.36
N PHE C 103 -4.19 -0.75 15.23
CA PHE C 103 -3.10 -1.73 15.35
C PHE C 103 -2.01 -1.44 14.33
N LYS C 104 -2.40 -1.15 13.10
CA LYS C 104 -1.42 -0.84 12.09
C LYS C 104 -0.72 0.49 12.40
N ALA C 105 -1.47 1.50 12.79
CA ALA C 105 -0.91 2.83 12.97
C ALA C 105 0.02 2.90 14.14
N PHE C 106 -0.31 2.24 15.24
CA PHE C 106 0.48 2.40 16.46
C PHE C 106 1.44 1.28 16.77
N ALA C 107 1.30 0.15 16.07
CA ALA C 107 2.20 -0.99 16.30
C ALA C 107 2.68 -1.64 15.02
N ASP C 108 2.24 -1.13 13.87
CA ASP C 108 2.57 -1.71 12.59
C ASP C 108 2.17 -3.19 12.50
N ILE C 109 1.09 -3.53 13.20
CA ILE C 109 0.56 -4.87 13.20
C ILE C 109 -0.50 -4.96 12.13
N ASP C 110 -0.45 -6.04 11.36
CA ASP C 110 -1.43 -6.31 10.35
C ASP C 110 -2.61 -7.00 10.99
N ALA C 111 -3.61 -6.23 11.38
CA ALA C 111 -4.77 -6.76 12.09
C ALA C 111 -5.90 -6.91 11.12
N PHE C 112 -6.77 -7.87 11.34
CA PHE C 112 -7.83 -8.12 10.41
C PHE C 112 -9.07 -8.46 11.21
N PRO C 113 -10.20 -7.82 10.96
CA PRO C 113 -11.43 -8.05 11.70
C PRO C 113 -12.10 -9.39 11.42
N ILE C 114 -12.48 -10.08 12.48
CA ILE C 114 -13.22 -11.33 12.44
C ILE C 114 -14.48 -11.19 13.30
N CYS C 115 -15.54 -10.75 12.65
CA CYS C 115 -16.80 -10.55 13.29
C CYS C 115 -17.65 -11.75 13.01
N LEU C 116 -18.06 -12.41 14.08
CA LEU C 116 -18.73 -13.69 14.05
C LEU C 116 -20.22 -13.61 14.22
N SER C 117 -20.95 -14.35 13.41
CA SER C 117 -22.37 -14.43 13.63
C SER C 117 -22.67 -15.65 14.54
N GLU C 118 -21.92 -15.81 15.60
CA GLU C 118 -22.21 -16.84 16.59
C GLU C 118 -21.93 -16.22 17.94
N SER C 119 -22.86 -16.38 18.86
CA SER C 119 -22.65 -15.78 20.14
C SER C 119 -22.71 -16.75 21.36
N GLU C 120 -23.01 -18.04 21.16
CA GLU C 120 -22.88 -19.02 22.26
C GLU C 120 -21.40 -19.17 22.60
N GLU C 121 -21.05 -19.09 23.88
CA GLU C 121 -19.64 -19.03 24.32
C GLU C 121 -18.78 -20.25 23.91
N GLU C 122 -19.31 -21.46 24.01
CA GLU C 122 -18.55 -22.65 23.64
C GLU C 122 -18.27 -22.67 22.14
N LYS C 123 -19.22 -22.20 21.34
CA LYS C 123 -19.03 -22.15 19.90
C LYS C 123 -18.05 -21.10 19.49
N ILE C 124 -18.12 -19.93 20.11
CA ILE C 124 -17.12 -18.93 19.86
C ILE C 124 -15.74 -19.50 20.15
N ILE C 125 -15.60 -20.12 21.30
CA ILE C 125 -14.31 -20.66 21.72
C ILE C 125 -13.76 -21.58 20.68
N SER C 126 -14.59 -22.50 20.21
CA SER C 126 -14.10 -23.47 19.27
C SER C 126 -13.81 -22.83 17.89
N ILE C 127 -14.56 -21.82 17.51
CA ILE C 127 -14.25 -21.11 16.25
C ILE C 127 -12.88 -20.47 16.36
N VAL C 128 -12.65 -19.72 17.43
CA VAL C 128 -11.40 -18.99 17.54
C VAL C 128 -10.22 -19.95 17.60
N LYS C 129 -10.37 -21.02 18.35
CA LYS C 129 -9.32 -22.03 18.39
C LYS C 129 -8.91 -22.51 17.01
N SER C 130 -9.88 -22.67 16.11
CA SER C 130 -9.62 -23.22 14.78
C SER C 130 -8.86 -22.23 13.91
N LEU C 131 -8.80 -20.98 14.33
CA LEU C 131 -8.11 -19.94 13.56
C LEU C 131 -6.64 -19.83 13.88
N GLU C 132 -6.17 -20.60 14.85
CA GLU C 132 -4.82 -20.47 15.37
C GLU C 132 -3.77 -20.45 14.29
N PRO C 133 -3.85 -21.35 13.32
CA PRO C 133 -2.85 -21.39 12.26
C PRO C 133 -2.74 -20.11 11.45
N SER C 134 -3.78 -19.32 11.36
CA SER C 134 -3.80 -18.14 10.48
C SER C 134 -3.36 -16.83 11.13
N PHE C 135 -3.02 -16.83 12.42
CA PHE C 135 -2.69 -15.61 13.13
C PHE C 135 -1.60 -15.81 14.17
N GLY C 136 -0.87 -14.74 14.45
CA GLY C 136 0.13 -14.73 15.50
C GLY C 136 -0.40 -14.24 16.82
N GLY C 137 -1.61 -13.72 16.83
CA GLY C 137 -2.25 -13.25 18.08
C GLY C 137 -3.75 -13.07 17.87
N ILE C 138 -4.51 -13.12 18.96
CA ILE C 138 -5.93 -12.89 18.94
C ILE C 138 -6.25 -11.73 19.86
N ASN C 139 -6.96 -10.74 19.33
CA ASN C 139 -7.51 -9.65 20.15
C ASN C 139 -9.02 -9.78 20.24
N LEU C 140 -9.50 -10.26 21.37
CA LEU C 140 -10.92 -10.28 21.62
C LEU C 140 -11.38 -8.87 21.92
N GLU C 141 -12.51 -8.48 21.35
CA GLU C 141 -13.00 -7.12 21.47
C GLU C 141 -14.54 -7.09 21.45
N ASP C 142 -15.09 -6.31 22.38
CA ASP C 142 -16.52 -6.00 22.43
C ASP C 142 -17.40 -7.25 22.52
N ILE C 143 -16.99 -8.15 23.41
CA ILE C 143 -17.73 -9.37 23.74
C ILE C 143 -18.22 -9.20 25.15
N GLY C 144 -19.52 -9.37 25.35
CA GLY C 144 -20.13 -9.06 26.65
C GLY C 144 -19.76 -9.94 27.83
N ALA C 145 -19.94 -9.36 29.00
CA ALA C 145 -19.78 -10.08 30.27
C ALA C 145 -21.12 -10.65 30.65
N PRO C 146 -21.15 -11.72 31.44
CA PRO C 146 -19.96 -12.46 31.90
C PRO C 146 -19.36 -13.50 30.94
N LYS C 147 -19.93 -13.74 29.76
CA LYS C 147 -19.39 -14.80 28.92
C LYS C 147 -17.92 -14.55 28.55
N CYS C 148 -17.51 -13.30 28.39
CA CYS C 148 -16.14 -13.04 27.98
C CYS C 148 -15.09 -13.45 29.03
N PHE C 149 -15.49 -13.66 30.25
CA PHE C 149 -14.52 -14.14 31.25
C PHE C 149 -14.05 -15.55 30.90
N ARG C 150 -15.02 -16.41 30.64
CA ARG C 150 -14.74 -17.78 30.31
C ARG C 150 -14.06 -17.86 28.97
N ILE C 151 -14.48 -17.02 28.04
CA ILE C 151 -13.90 -17.06 26.72
C ILE C 151 -12.43 -16.76 26.78
N LEU C 152 -12.09 -15.68 27.46
CA LEU C 152 -10.71 -15.27 27.59
C LEU C 152 -9.89 -16.36 28.26
N GLN C 153 -10.38 -16.85 29.38
CA GLN C 153 -9.66 -17.82 30.19
C GLN C 153 -9.36 -19.04 29.36
N ARG C 154 -10.37 -19.54 28.65
CA ARG C 154 -10.24 -20.78 27.91
C ARG C 154 -9.30 -20.65 26.75
N LEU C 155 -9.46 -19.58 25.98
CA LEU C 155 -8.65 -19.41 24.78
C LEU C 155 -7.22 -19.20 25.17
N SER C 156 -6.97 -18.38 26.18
CA SER C 156 -5.59 -18.14 26.57
C SER C 156 -4.97 -19.42 27.15
N GLU C 157 -5.74 -20.26 27.82
CA GLU C 157 -5.18 -21.53 28.36
C GLU C 157 -4.89 -22.57 27.26
N GLU C 158 -5.76 -22.58 26.23
CA GLU C 158 -5.78 -23.66 25.24
C GLU C 158 -5.09 -23.28 23.93
N ASN C 160 -1.90 -21.40 21.70
CA ASN C 160 -0.49 -21.17 21.84
C ASN C 160 -0.02 -19.94 21.14
N ILE C 161 -0.97 -19.06 20.82
CA ILE C 161 -0.66 -17.69 20.45
C ILE C 161 -1.34 -16.82 21.49
N PRO C 162 -0.82 -15.63 21.76
CA PRO C 162 -1.38 -14.80 22.83
C PRO C 162 -2.80 -14.39 22.53
N VAL C 163 -3.64 -14.35 23.55
CA VAL C 163 -4.97 -13.79 23.39
C VAL C 163 -5.18 -12.73 24.45
N PHE C 164 -5.73 -11.60 24.00
CA PHE C 164 -5.83 -10.37 24.77
C PHE C 164 -7.20 -9.80 24.52
N HIS C 165 -7.93 -9.48 25.60
CA HIS C 165 -9.23 -8.78 25.49
C HIS C 165 -9.12 -7.38 26.11
N ASP C 166 -9.17 -6.36 25.27
CA ASP C 166 -9.01 -4.96 25.67
C ASP C 166 -9.80 -4.57 26.90
N ASP C 167 -11.12 -4.75 26.83
CA ASP C 167 -12.00 -4.20 27.86
C ASP C 167 -11.68 -4.82 29.22
N GLN C 168 -11.13 -6.03 29.23
CA GLN C 168 -10.71 -6.66 30.47
C GLN C 168 -9.29 -6.25 30.80
N GLN C 169 -8.35 -6.74 30.00
CA GLN C 169 -6.94 -6.66 30.36
C GLN C 169 -6.34 -5.29 30.07
N GLY C 170 -6.73 -4.65 28.95
CA GLY C 170 -6.26 -3.31 28.64
C GLY C 170 -6.70 -2.31 29.69
N THR C 171 -7.99 -2.25 29.97
CA THR C 171 -8.48 -1.32 30.97
C THR C 171 -7.77 -1.53 32.29
N ALA C 172 -7.63 -2.77 32.70
CA ALA C 172 -6.97 -3.07 33.98
C ALA C 172 -5.52 -2.58 33.98
N VAL C 173 -4.81 -2.80 32.87
CA VAL C 173 -3.43 -2.32 32.78
C VAL C 173 -3.34 -0.80 32.95
N VAL C 174 -4.14 -0.07 32.19
CA VAL C 174 -4.07 1.38 32.24
C VAL C 174 -4.53 1.89 33.60
N VAL C 175 -5.61 1.31 34.12
CA VAL C 175 -6.14 1.74 35.41
C VAL C 175 -5.09 1.52 36.50
N SER C 176 -4.40 0.39 36.41
CA SER C 176 -3.34 0.06 37.38
C SER C 176 -2.21 1.10 37.34
N ALA C 177 -1.71 1.39 36.14
CA ALA C 177 -0.62 2.35 36.03
C ALA C 177 -1.05 3.72 36.56
N ALA C 178 -2.29 4.11 36.25
CA ALA C 178 -2.86 5.35 36.76
C ALA C 178 -2.91 5.32 38.27
N PHE C 179 -3.39 4.21 38.82
CA PHE C 179 -3.52 4.06 40.26
C PHE C 179 -2.17 4.16 40.95
N LEU C 180 -1.16 3.45 40.44
CA LEU C 180 0.19 3.51 41.04
C LEU C 180 0.75 4.92 41.12
N ASN C 181 0.61 5.68 40.04
CA ASN C 181 1.13 7.04 40.04
C ASN C 181 0.33 7.94 40.96
N ALA C 182 -0.99 7.81 40.91
CA ALA C 182 -1.84 8.56 41.82
C ALA C 182 -1.43 8.28 43.27
N LEU C 183 -1.17 7.01 43.57
CA LEU C 183 -0.75 6.59 44.91
C LEU C 183 0.60 7.20 45.31
N LYS C 184 1.54 7.23 44.37
CA LYS C 184 2.82 7.89 44.61
C LYS C 184 2.58 9.34 45.00
N LEU C 185 1.76 10.07 44.25
CA LEU C 185 1.50 11.50 44.54
C LEU C 185 0.74 11.69 45.85
N THR C 186 -0.12 10.72 46.20
CA THR C 186 -0.83 10.73 47.47
C THR C 186 0.09 10.42 48.69
N GLU C 187 1.23 9.79 48.44
CA GLU C 187 2.22 9.45 49.48
C GLU C 187 1.76 8.38 50.48
N LYS C 188 0.83 7.50 50.11
CA LYS C 188 0.27 6.44 51.00
C LYS C 188 0.86 5.04 50.70
N LYS C 189 0.78 4.13 51.68
CA LYS C 189 1.28 2.75 51.53
C LYS C 189 0.21 1.85 50.88
N ILE C 190 0.59 1.09 49.85
CA ILE C 190 -0.38 0.27 49.11
C ILE C 190 -1.11 -0.75 50.00
N GLU C 191 -0.38 -1.36 50.94
CA GLU C 191 -0.98 -2.31 51.87
C GLU C 191 -2.06 -1.64 52.72
N GLU C 192 -2.02 -0.32 52.85
CA GLU C 192 -2.86 0.38 53.83
C GLU C 192 -4.07 1.09 53.24
N VAL C 193 -4.13 1.26 51.93
CA VAL C 193 -5.23 2.01 51.31
C VAL C 193 -6.52 1.16 51.14
N LYS C 194 -7.68 1.83 51.27
CA LYS C 194 -9.00 1.25 50.93
C LYS C 194 -9.39 1.78 49.55
N VAL C 195 -9.59 0.85 48.62
CA VAL C 195 -9.93 1.13 47.24
C VAL C 195 -11.30 0.57 46.92
N VAL C 196 -12.21 1.43 46.49
CA VAL C 196 -13.55 0.98 46.15
C VAL C 196 -13.63 0.85 44.64
N VAL C 197 -13.93 -0.34 44.15
CA VAL C 197 -14.14 -0.55 42.72
C VAL C 197 -15.62 -0.75 42.46
N ASN C 198 -16.23 0.14 41.69
CA ASN C 198 -17.66 0.06 41.42
C ASN C 198 -17.97 -0.27 39.98
N GLY C 199 -18.69 -1.37 39.78
CA GLY C 199 -19.02 -1.88 38.46
C GLY C 199 -18.13 -3.06 38.15
N ILE C 200 -18.59 -4.26 38.46
CA ILE C 200 -17.78 -5.46 38.34
C ILE C 200 -18.20 -6.22 37.11
N GLY C 201 -17.94 -5.59 35.98
CA GLY C 201 -18.10 -6.21 34.71
C GLY C 201 -16.75 -6.56 34.17
N ALA C 202 -16.61 -6.40 32.85
CA ALA C 202 -15.43 -6.82 32.14
C ALA C 202 -14.21 -6.24 32.76
N ALA C 203 -14.27 -4.91 32.95
CA ALA C 203 -13.18 -4.13 33.50
C ALA C 203 -13.06 -4.37 35.00
N GLY C 204 -14.15 -4.14 35.73
CA GLY C 204 -14.12 -4.18 37.18
C GLY C 204 -13.49 -5.46 37.69
N TYR C 205 -13.97 -6.57 37.16
CA TYR C 205 -13.47 -7.88 37.55
C TYR C 205 -11.99 -7.90 37.51
N ASN C 206 -11.43 -7.41 36.41
CA ASN C 206 -9.99 -7.49 36.18
C ASN C 206 -9.24 -6.44 36.94
N ILE C 207 -9.82 -5.26 37.06
CA ILE C 207 -9.25 -4.21 37.90
C ILE C 207 -9.07 -4.70 39.38
N VAL C 208 -10.07 -5.38 39.93
CA VAL C 208 -9.94 -5.93 41.26
C VAL C 208 -8.72 -6.86 41.35
N LYS C 209 -8.61 -7.79 40.41
CA LYS C 209 -7.54 -8.78 40.46
C LYS C 209 -6.15 -8.15 40.32
N PHE C 210 -6.01 -7.17 39.45
CA PHE C 210 -4.74 -6.48 39.33
C PHE C 210 -4.37 -5.79 40.62
N LEU C 211 -5.30 -5.04 41.20
CA LEU C 211 -5.04 -4.35 42.46
C LEU C 211 -4.54 -5.32 43.54
N LEU C 212 -5.13 -6.51 43.54
CA LEU C 212 -4.72 -7.53 44.50
C LEU C 212 -3.30 -8.01 44.21
N ASP C 213 -3.06 -8.37 42.94
CA ASP C 213 -1.74 -8.79 42.48
C ASP C 213 -0.70 -7.73 42.82
N LEU C 214 -1.10 -6.46 42.72
CA LEU C 214 -0.20 -5.35 42.96
C LEU C 214 0.16 -5.20 44.42
N GLY C 215 -0.76 -5.58 45.31
CA GLY C 215 -0.49 -5.56 46.73
C GLY C 215 -1.52 -4.85 47.59
N VAL C 216 -2.61 -4.36 46.97
CA VAL C 216 -3.67 -3.77 47.79
C VAL C 216 -4.31 -4.88 48.63
N LYS C 217 -4.65 -4.55 49.86
CA LYS C 217 -5.27 -5.51 50.77
C LYS C 217 -6.75 -5.24 50.97
N ASN C 218 -7.10 -3.98 51.15
CA ASN C 218 -8.50 -3.62 51.31
C ASN C 218 -9.15 -3.18 50.00
N VAL C 219 -9.50 -4.13 49.14
CA VAL C 219 -10.30 -3.80 47.96
C VAL C 219 -11.75 -4.04 48.31
N VAL C 220 -12.62 -3.09 47.99
CA VAL C 220 -14.04 -3.28 48.20
C VAL C 220 -14.75 -3.15 46.89
N ALA C 221 -15.35 -4.26 46.45
CA ALA C 221 -16.10 -4.35 45.20
C ALA C 221 -17.55 -3.98 45.42
N VAL C 222 -18.12 -3.24 44.46
CA VAL C 222 -19.52 -2.82 44.52
C VAL C 222 -20.17 -2.92 43.12
N ASP C 223 -21.40 -3.39 43.08
CA ASP C 223 -22.18 -3.46 41.85
C ASP C 223 -23.58 -3.02 42.21
N ARG C 224 -24.55 -3.30 41.34
CA ARG C 224 -25.81 -2.59 41.43
C ARG C 224 -26.71 -3.06 42.56
N LYS C 225 -26.39 -4.17 43.19
CA LYS C 225 -27.09 -4.60 44.41
C LYS C 225 -26.28 -4.35 45.70
N GLY C 226 -25.25 -3.53 45.62
CA GLY C 226 -24.45 -3.17 46.79
C GLY C 226 -23.05 -3.77 46.76
N ILE C 227 -22.38 -3.63 47.91
CA ILE C 227 -21.04 -4.17 48.15
C ILE C 227 -21.08 -5.68 48.07
N LEU C 228 -20.10 -6.26 47.41
CA LEU C 228 -20.01 -7.70 47.26
C LEU C 228 -19.52 -8.32 48.57
N ASN C 229 -20.35 -9.20 49.13
CA ASN C 229 -20.02 -9.90 50.35
C ASN C 229 -20.69 -11.25 50.27
N GLU C 230 -19.90 -12.31 50.25
CA GLU C 230 -20.39 -13.70 50.29
C GLU C 230 -21.58 -14.01 51.22
N ASN C 231 -21.66 -13.32 52.33
CA ASN C 231 -22.73 -13.51 53.29
C ASN C 231 -24.04 -12.69 53.03
N ASP C 232 -24.09 -11.83 51.99
CA ASP C 232 -25.37 -11.23 51.49
C ASP C 232 -25.46 -11.68 50.05
N PRO C 233 -26.06 -12.83 49.81
CA PRO C 233 -25.96 -13.45 48.49
C PRO C 233 -26.71 -12.70 47.37
N GLU C 234 -27.67 -11.84 47.71
CA GLU C 234 -28.25 -10.85 46.77
C GLU C 234 -27.20 -10.13 45.94
N THR C 235 -26.07 -9.83 46.57
CA THR C 235 -25.01 -9.03 45.95
C THR C 235 -24.23 -9.79 44.88
N CYS C 236 -24.55 -11.08 44.70
CA CYS C 236 -23.86 -11.96 43.73
C CYS C 236 -24.67 -12.39 42.51
N LEU C 237 -24.47 -11.55 41.48
CA LEU C 237 -25.22 -11.60 40.22
C LEU C 237 -24.74 -12.69 39.25
N ASN C 238 -23.48 -13.14 39.40
CA ASN C 238 -23.06 -14.40 38.79
C ASN C 238 -21.98 -15.04 39.64
N GLU C 239 -21.55 -16.22 39.21
CA GLU C 239 -20.37 -16.85 39.79
C GLU C 239 -19.12 -15.95 39.89
N TYR C 240 -19.00 -14.99 38.98
CA TYR C 240 -17.80 -14.14 38.94
C TYR C 240 -17.83 -13.11 40.05
N HIS C 241 -19.01 -12.62 40.37
CA HIS C 241 -19.18 -11.73 41.49
C HIS C 241 -18.91 -12.49 42.81
N LEU C 242 -19.41 -13.72 42.88
CA LEU C 242 -19.13 -14.56 44.03
C LEU C 242 -17.61 -14.76 44.17
N GLU C 243 -16.93 -15.05 43.06
CA GLU C 243 -15.48 -15.21 43.14
C GLU C 243 -14.84 -13.93 43.73
N ILE C 244 -15.29 -12.77 43.25
CA ILE C 244 -14.74 -11.48 43.64
C ILE C 244 -15.02 -11.15 45.10
N ALA C 245 -16.21 -11.51 45.54
CA ALA C 245 -16.58 -11.37 46.95
C ALA C 245 -15.69 -12.19 47.86
N ARG C 246 -15.18 -13.31 47.37
CA ARG C 246 -14.36 -14.21 48.17
C ARG C 246 -12.90 -13.79 48.31
N ILE C 247 -12.46 -12.84 47.48
CA ILE C 247 -11.09 -12.39 47.56
C ILE C 247 -11.05 -10.90 47.85
N THR C 248 -12.17 -10.41 48.35
CA THR C 248 -12.41 -9.01 48.54
C THR C 248 -12.98 -8.72 49.93
N ASN C 249 -13.10 -7.44 50.25
CA ASN C 249 -13.85 -7.02 51.43
C ASN C 249 -13.35 -7.69 52.75
N PRO C 250 -12.10 -7.44 53.11
CA PRO C 250 -11.52 -8.02 54.32
C PRO C 250 -12.26 -7.64 55.58
N GLU C 251 -12.63 -6.36 55.72
CA GLU C 251 -13.44 -5.92 56.86
C GLU C 251 -14.90 -6.43 56.85
N ARG C 252 -15.29 -7.21 55.84
CA ARG C 252 -16.66 -7.78 55.73
C ARG C 252 -17.78 -6.72 55.77
N LEU C 253 -17.54 -5.58 55.15
CA LEU C 253 -18.51 -4.49 55.01
C LEU C 253 -19.73 -4.88 54.16
N SER C 254 -20.85 -4.21 54.43
CA SER C 254 -22.13 -4.51 53.81
C SER C 254 -23.03 -3.28 53.66
N GLY C 255 -23.59 -3.05 52.47
CA GLY C 255 -24.39 -1.85 52.21
C GLY C 255 -24.18 -1.35 50.79
N ASP C 256 -24.59 -0.12 50.55
CA ASP C 256 -24.54 0.44 49.21
C ASP C 256 -23.19 1.16 48.95
N LEU C 257 -23.04 1.71 47.75
CA LEU C 257 -21.81 2.44 47.39
C LEU C 257 -21.46 3.54 48.39
N GLU C 258 -22.48 4.23 48.91
CA GLU C 258 -22.23 5.32 49.85
C GLU C 258 -21.48 4.81 51.07
N THR C 259 -21.97 3.69 51.63
CA THR C 259 -21.34 3.04 52.78
C THR C 259 -19.91 2.59 52.48
N ALA C 260 -19.71 2.06 51.28
CA ALA C 260 -18.38 1.63 50.83
C ALA C 260 -17.37 2.75 50.95
N LEU C 261 -17.79 3.94 50.52
CA LEU C 261 -16.89 5.07 50.35
C LEU C 261 -16.45 5.71 51.66
N GLU C 262 -17.12 5.40 52.75
CA GLU C 262 -16.72 5.94 54.05
C GLU C 262 -15.26 5.56 54.30
N GLY C 263 -14.39 6.57 54.33
CA GLY C 263 -12.98 6.34 54.63
C GLY C 263 -12.16 5.83 53.48
N ALA C 264 -12.80 5.56 52.34
CA ALA C 264 -12.06 5.05 51.19
C ALA C 264 -11.01 6.05 50.72
N ASP C 265 -9.92 5.54 50.16
CA ASP C 265 -8.89 6.40 49.55
C ASP C 265 -9.12 6.54 48.05
N PHE C 266 -9.60 5.50 47.41
CA PHE C 266 -9.78 5.52 45.95
C PHE C 266 -11.15 5.02 45.60
N PHE C 267 -11.74 5.64 44.60
CA PHE C 267 -12.94 5.11 43.99
C PHE C 267 -12.57 4.86 42.56
N ILE C 268 -12.79 3.64 42.07
CA ILE C 268 -12.63 3.36 40.64
C ILE C 268 -13.96 2.86 40.10
N GLY C 269 -14.55 3.67 39.25
CA GLY C 269 -15.85 3.37 38.71
C GLY C 269 -15.76 3.04 37.25
N VAL C 270 -16.33 1.91 36.89
CA VAL C 270 -16.45 1.52 35.50
C VAL C 270 -17.87 1.05 35.39
N SER C 271 -18.80 2.00 35.43
CA SER C 271 -20.22 1.68 35.63
C SER C 271 -21.14 2.67 34.94
N ARG C 272 -21.91 3.47 35.67
CA ARG C 272 -22.93 4.33 35.06
C ARG C 272 -22.69 5.80 35.41
N GLY C 273 -23.46 6.68 34.81
CA GLY C 273 -23.24 8.11 34.94
C GLY C 273 -23.94 8.74 36.13
N ASN C 274 -23.33 9.79 36.67
CA ASN C 274 -23.88 10.58 37.82
C ASN C 274 -24.49 9.72 38.94
N ILE C 275 -23.64 8.88 39.52
CA ILE C 275 -23.99 7.95 40.55
C ILE C 275 -23.36 8.27 41.90
N LEU C 276 -22.20 8.93 41.87
CA LEU C 276 -21.49 9.31 43.08
C LEU C 276 -21.84 10.77 43.46
N LYS C 277 -22.58 10.94 44.57
CA LYS C 277 -23.01 12.27 45.04
C LYS C 277 -21.82 13.04 45.58
N PRO C 278 -21.66 14.29 45.16
CA PRO C 278 -20.53 15.10 45.62
C PRO C 278 -20.29 15.07 47.15
N GLU C 279 -21.34 15.18 47.96
CA GLU C 279 -21.14 15.18 49.40
C GLU C 279 -20.49 13.88 49.94
N TRP C 280 -20.63 12.76 49.27
CA TRP C 280 -19.96 11.53 49.73
C TRP C 280 -18.43 11.67 49.73
N ILE C 281 -17.89 12.48 48.83
CA ILE C 281 -16.45 12.74 48.75
C ILE C 281 -15.89 13.18 50.11
N LYS C 282 -16.64 14.03 50.79
CA LYS C 282 -16.22 14.57 52.07
C LYS C 282 -16.15 13.49 53.14
N LYS C 283 -16.78 12.33 52.91
CA LYS C 283 -16.79 11.23 53.87
C LYS C 283 -15.72 10.20 53.56
N SER C 285 -11.58 9.39 52.75
CA SER C 285 -10.41 9.82 53.52
C SER C 285 -9.83 11.11 52.93
N ARG C 286 -8.77 11.62 53.57
CA ARG C 286 -8.08 12.82 53.10
C ARG C 286 -7.37 12.53 51.77
N LYS C 287 -7.26 13.56 50.93
CA LYS C 287 -6.67 13.48 49.59
C LYS C 287 -7.20 12.27 48.76
N PRO C 288 -8.51 12.26 48.56
CA PRO C 288 -9.17 11.14 47.95
C PRO C 288 -9.05 11.19 46.43
N VAL C 289 -9.00 10.01 45.81
CA VAL C 289 -8.77 9.89 44.37
C VAL C 289 -10.00 9.24 43.70
N ILE C 290 -10.43 9.84 42.61
CA ILE C 290 -11.65 9.48 41.94
C ILE C 290 -11.36 9.15 40.47
N PHE C 291 -11.39 7.87 40.10
CA PHE C 291 -11.34 7.48 38.69
C PHE C 291 -12.77 7.21 38.30
N ALA C 292 -13.40 8.14 37.61
CA ALA C 292 -14.79 7.99 37.21
C ALA C 292 -14.81 7.74 35.70
N LEU C 293 -14.72 6.46 35.34
CA LEU C 293 -14.45 6.03 33.98
C LEU C 293 -15.68 5.58 33.17
N ALA C 294 -16.88 5.62 33.77
CA ALA C 294 -18.10 5.28 33.02
C ALA C 294 -18.13 6.06 31.70
N ASN C 295 -18.47 5.33 30.65
CA ASN C 295 -18.56 5.89 29.34
C ASN C 295 -19.99 5.83 28.85
N PRO C 296 -20.52 6.93 28.29
CA PRO C 296 -19.77 8.18 28.07
C PRO C 296 -19.88 9.27 29.15
N VAL C 297 -20.81 9.13 30.11
CA VAL C 297 -20.96 10.06 31.23
C VAL C 297 -20.25 9.47 32.48
N PRO C 298 -19.29 10.17 33.06
CA PRO C 298 -18.62 9.68 34.27
C PRO C 298 -19.58 9.53 35.47
N GLU C 299 -19.15 8.74 36.44
CA GLU C 299 -19.90 8.49 37.67
C GLU C 299 -20.19 9.77 38.43
N ILE C 300 -19.30 10.74 38.29
CA ILE C 300 -19.55 12.08 38.81
C ILE C 300 -18.89 13.06 37.84
N ASP C 301 -19.45 14.25 37.70
CA ASP C 301 -18.83 15.31 36.89
C ASP C 301 -17.46 15.64 37.50
N PRO C 302 -16.41 15.71 36.68
CA PRO C 302 -15.04 15.97 37.20
C PRO C 302 -14.83 17.31 37.94
N GLU C 303 -15.36 18.41 37.40
CA GLU C 303 -15.22 19.72 38.03
C GLU C 303 -15.93 19.67 39.38
N LEU C 304 -17.15 19.16 39.38
CA LEU C 304 -17.94 18.97 40.59
C LEU C 304 -17.18 18.18 41.68
N ALA C 305 -16.51 17.10 41.28
CA ALA C 305 -15.69 16.30 42.19
C ALA C 305 -14.51 17.11 42.75
N ARG C 306 -13.82 17.86 41.88
CA ARG C 306 -12.76 18.78 42.32
C ARG C 306 -13.32 19.74 43.36
N GLU C 307 -14.47 20.35 43.04
CA GLU C 307 -15.14 21.31 43.93
C GLU C 307 -15.47 20.73 45.28
N ALA C 308 -15.80 19.44 45.31
CA ALA C 308 -16.22 18.77 46.53
C ALA C 308 -15.03 18.26 47.33
N GLY C 309 -13.82 18.45 46.82
CA GLY C 309 -12.60 18.10 47.57
C GLY C 309 -11.73 16.99 47.00
N ALA C 310 -12.03 16.48 45.80
CA ALA C 310 -11.20 15.44 45.19
C ALA C 310 -9.76 15.92 44.98
N PHE C 311 -8.79 15.09 45.37
CA PHE C 311 -7.37 15.42 45.20
C PHE C 311 -6.92 15.12 43.76
N ILE C 312 -7.41 14.02 43.19
CA ILE C 312 -7.13 13.66 41.80
C ILE C 312 -8.39 13.07 41.14
N VAL C 313 -8.65 13.49 39.91
CA VAL C 313 -9.81 13.02 39.17
C VAL C 313 -9.37 12.53 37.80
N ALA C 314 -9.86 11.36 37.43
CA ALA C 314 -9.56 10.80 36.13
C ALA C 314 -10.84 10.27 35.51
N THR C 315 -10.95 10.35 34.19
CA THR C 315 -12.09 9.78 33.49
C THR C 315 -11.64 9.02 32.27
N GLY C 316 -12.64 8.46 31.61
CA GLY C 316 -12.47 7.82 30.33
C GLY C 316 -12.51 8.77 29.16
N ARG C 317 -12.82 10.05 29.34
CA ARG C 317 -12.94 10.99 28.18
C ARG C 317 -11.70 11.86 27.90
N SER C 318 -11.57 12.29 26.63
CA SER C 318 -10.48 13.18 26.16
C SER C 318 -10.77 14.65 26.51
N ASP C 319 -12.04 14.92 26.71
CA ASP C 319 -12.59 16.11 27.37
C ASP C 319 -11.85 16.65 28.61
N HIS C 320 -11.21 15.76 29.38
CA HIS C 320 -10.72 16.13 30.70
C HIS C 320 -9.29 15.62 30.86
N PRO C 321 -8.55 16.17 31.82
CA PRO C 321 -7.24 15.64 32.17
C PRO C 321 -7.35 14.21 32.69
N ASN C 322 -6.23 13.49 32.62
CA ASN C 322 -6.15 12.15 33.12
C ASN C 322 -7.15 11.21 32.38
N GLN C 323 -7.01 11.05 31.06
CA GLN C 323 -7.80 10.06 30.32
C GLN C 323 -7.18 8.64 30.40
N VAL C 324 -7.87 7.78 31.13
CA VAL C 324 -7.45 6.39 31.25
C VAL C 324 -7.99 5.71 30.01
N ASN C 325 -7.12 5.38 29.06
CA ASN C 325 -7.63 4.73 27.85
C ASN C 325 -6.75 3.55 27.39
N ASN C 326 -7.43 2.45 27.02
CA ASN C 326 -6.81 1.19 26.58
C ASN C 326 -5.74 1.35 25.54
N LEU C 327 -5.87 2.40 24.74
CA LEU C 327 -4.93 2.67 23.67
C LEU C 327 -3.49 2.77 24.15
N LEU C 328 -3.26 3.18 25.39
CA LEU C 328 -1.91 3.21 25.92
C LEU C 328 -1.31 1.82 26.04
N ALA C 329 -2.16 0.79 26.08
CA ALA C 329 -1.74 -0.56 26.47
C ALA C 329 -1.67 -1.58 25.33
N PHE C 330 -2.75 -1.70 24.59
CA PHE C 330 -2.83 -2.79 23.59
C PHE C 330 -1.75 -2.79 22.46
N PRO C 331 -1.34 -1.65 21.92
CA PRO C 331 -0.35 -1.73 20.89
C PRO C 331 0.90 -2.43 21.39
N GLY C 332 1.46 -1.91 22.46
CA GLY C 332 2.71 -2.44 22.98
C GLY C 332 2.58 -3.88 23.44
N ILE C 333 1.50 -4.17 24.14
CA ILE C 333 1.32 -5.46 24.71
C ILE C 333 1.23 -6.49 23.61
N LYS C 335 2.15 -6.25 20.44
CA LYS C 335 3.36 -6.35 19.66
C LYS C 335 4.36 -7.24 20.39
N GLY C 336 4.56 -6.98 21.67
CA GLY C 336 5.50 -7.77 22.44
C GLY C 336 5.08 -9.24 22.46
N ALA C 337 3.82 -9.48 22.75
CA ALA C 337 3.31 -10.84 22.94
C ALA C 337 3.38 -11.68 21.69
N VAL C 338 3.09 -11.08 20.54
CA VAL C 338 3.09 -11.82 19.31
C VAL C 338 4.52 -12.17 18.95
N GLU C 339 5.43 -11.25 19.22
CA GLU C 339 6.82 -11.45 18.93
C GLU C 339 7.39 -12.56 19.78
N LYS C 340 7.07 -12.55 21.07
CA LYS C 340 7.50 -13.62 22.00
C LYS C 340 6.80 -14.93 21.70
N ARG C 341 5.67 -14.88 21.02
CA ARG C 341 4.94 -16.06 20.60
C ARG C 341 4.34 -16.83 21.73
N SER C 342 4.54 -16.38 22.95
CA SER C 342 3.96 -17.09 24.07
C SER C 342 2.61 -16.51 24.54
N LYS C 343 2.00 -17.26 25.45
CA LYS C 343 0.83 -16.84 26.17
C LYS C 343 1.13 -15.56 26.97
N ILE C 344 0.18 -14.65 27.01
CA ILE C 344 0.29 -13.45 27.85
C ILE C 344 0.23 -13.82 29.35
N THR C 345 1.21 -13.35 30.15
CA THR C 345 1.31 -13.73 31.56
C THR C 345 1.14 -12.54 32.47
N LYS C 346 0.85 -12.83 33.74
CA LYS C 346 0.70 -11.81 34.79
C LYS C 346 1.94 -10.90 34.79
N ASN C 347 3.13 -11.51 34.78
CA ASN C 347 4.39 -10.79 34.58
C ASN C 347 4.38 -9.72 33.49
N LEU C 349 1.87 -8.42 31.85
CA LEU C 349 0.89 -7.37 32.04
C LEU C 349 1.37 -6.37 33.06
N LEU C 350 2.03 -6.84 34.13
CA LEU C 350 2.54 -5.94 35.15
C LEU C 350 3.71 -5.14 34.65
N SER C 351 4.54 -5.73 33.79
CA SER C 351 5.59 -4.95 33.09
C SER C 351 5.00 -3.75 32.40
N ALA C 352 3.90 -4.00 31.68
CA ALA C 352 3.23 -2.94 30.96
C ALA C 352 2.69 -1.88 31.91
N VAL C 353 2.13 -2.31 33.03
CA VAL C 353 1.62 -1.35 34.00
C VAL C 353 2.73 -0.41 34.40
N GLU C 354 3.87 -0.98 34.78
CA GLU C 354 5.04 -0.22 35.26
C GLU C 354 5.61 0.67 34.16
N ALA C 355 5.63 0.16 32.93
CA ALA C 355 6.17 0.95 31.81
C ALA C 355 5.28 2.17 31.54
N ILE C 356 3.96 2.00 31.55
CA ILE C 356 3.08 3.15 31.38
C ILE C 356 3.28 4.16 32.52
N ALA C 357 3.35 3.67 33.76
CA ALA C 357 3.44 4.55 34.91
C ALA C 357 4.74 5.34 34.88
N ARG C 358 5.82 4.69 34.47
CA ARG C 358 7.11 5.34 34.46
C ARG C 358 7.27 6.21 33.22
N SER C 359 6.27 6.19 32.33
CA SER C 359 6.34 6.95 31.09
C SER C 359 6.06 8.43 31.25
N CYS C 360 5.83 8.90 32.48
CA CYS C 360 5.78 10.34 32.67
C CYS C 360 6.15 10.69 34.08
N GLU C 361 6.31 11.99 34.34
CA GLU C 361 6.44 12.50 35.69
C GLU C 361 5.06 12.92 36.16
N PRO C 362 4.48 12.17 37.08
CA PRO C 362 3.08 12.39 37.46
C PRO C 362 2.87 13.69 38.23
N GLU C 363 1.78 14.36 37.93
CA GLU C 363 1.31 15.49 38.73
C GLU C 363 -0.19 15.26 38.70
N PRO C 364 -0.95 15.99 39.51
CA PRO C 364 -2.42 15.83 39.56
C PRO C 364 -3.21 16.00 38.25
N GLU C 365 -2.80 16.92 37.37
CA GLU C 365 -3.50 17.12 36.10
C GLU C 365 -2.93 16.22 34.97
N ARG C 366 -1.89 15.46 35.29
CA ARG C 366 -1.31 14.52 34.34
C ARG C 366 -0.72 13.35 35.13
N ILE C 367 -1.53 12.32 35.42
CA ILE C 367 -1.05 11.16 36.17
C ILE C 367 -0.56 10.03 35.26
N ILE C 368 -0.88 10.14 33.97
CA ILE C 368 -0.42 9.21 32.92
C ILE C 368 -0.13 9.97 31.64
N PRO C 369 0.62 9.35 30.72
CA PRO C 369 0.85 9.96 29.43
C PRO C 369 -0.40 9.96 28.54
N GLU C 370 -0.35 10.74 27.47
CA GLU C 370 -1.36 10.71 26.42
C GLU C 370 -0.97 9.59 25.46
N ALA C 371 -1.95 9.05 24.72
CA ALA C 371 -1.71 7.94 23.79
C ALA C 371 -0.93 8.32 22.52
N PHE C 372 -0.89 9.60 22.17
CA PHE C 372 -0.08 10.01 21.02
C PHE C 372 1.39 10.22 21.38
N ASP C 373 1.75 9.99 22.64
CA ASP C 373 3.14 9.98 23.03
C ASP C 373 3.72 8.60 22.65
N LYS C 375 6.62 7.36 22.76
CA LYS C 375 7.52 6.73 23.72
C LYS C 375 6.78 5.68 24.53
N VAL C 376 5.53 5.94 24.87
CA VAL C 376 4.76 5.01 25.69
C VAL C 376 4.68 3.64 25.02
N HIS C 377 4.30 3.62 23.75
CA HIS C 377 4.12 2.35 23.06
C HIS C 377 5.42 1.60 22.94
N LEU C 378 6.52 2.32 22.73
CA LEU C 378 7.83 1.67 22.67
C LEU C 378 8.18 1.07 24.05
N ASN C 379 7.95 1.84 25.11
CA ASN C 379 8.27 1.36 26.46
C ASN C 379 7.42 0.13 26.83
N VAL C 380 6.14 0.16 26.50
CA VAL C 380 5.28 -0.97 26.78
C VAL C 380 5.79 -2.18 26.01
N TYR C 381 6.01 -1.98 24.72
CA TYR C 381 6.52 -3.03 23.87
C TYR C 381 7.80 -3.63 24.44
N THR C 382 8.75 -2.78 24.78
CA THR C 382 10.03 -3.23 25.32
C THR C 382 9.86 -4.02 26.62
N ALA C 383 8.98 -3.53 27.50
CA ALA C 383 8.73 -4.19 28.78
C ALA C 383 8.16 -5.60 28.55
N VAL C 384 7.14 -5.68 27.72
CA VAL C 384 6.45 -6.92 27.50
C VAL C 384 7.39 -7.92 26.80
N LYS C 385 8.11 -7.47 25.78
CA LYS C 385 9.09 -8.33 25.08
C LYS C 385 10.00 -8.96 26.11
N GLY C 386 10.48 -8.16 27.06
CA GLY C 386 11.53 -8.55 28.00
C GLY C 386 11.14 -9.42 29.18
N SER C 387 9.86 -9.59 29.45
CA SER C 387 9.44 -10.44 30.59
C SER C 387 8.83 -11.78 30.10
N ALA C 388 9.37 -12.41 29.05
CA ALA C 388 8.59 -13.50 28.33
C ALA C 388 9.39 -14.77 27.99
N HIS D 12 20.72 -19.12 -8.33
CA HIS D 12 20.48 -19.70 -6.98
C HIS D 12 19.49 -18.81 -6.21
N VAL D 13 18.39 -18.37 -6.86
CA VAL D 13 17.27 -17.59 -6.21
C VAL D 13 16.03 -18.41 -5.82
N ASP D 14 15.98 -18.74 -4.56
CA ASP D 14 15.11 -19.79 -4.04
C ASP D 14 13.76 -19.24 -3.67
N ALA D 15 12.72 -20.03 -3.87
CA ALA D 15 11.41 -19.71 -3.32
C ALA D 15 11.45 -19.53 -1.81
N LEU D 16 12.20 -20.37 -1.12
CA LEU D 16 12.32 -20.26 0.33
C LEU D 16 13.03 -18.97 0.74
N GLU D 17 14.18 -18.70 0.12
CA GLU D 17 14.95 -17.50 0.41
C GLU D 17 14.06 -16.26 0.25
N VAL D 18 13.26 -16.20 -0.80
CA VAL D 18 12.48 -15.01 -1.06
C VAL D 18 11.29 -14.89 -0.10
N HIS D 19 10.70 -16.01 0.31
CA HIS D 19 9.67 -15.95 1.34
C HIS D 19 10.27 -15.46 2.67
N ARG D 20 11.44 -15.98 3.03
CA ARG D 20 12.13 -15.55 4.23
C ARG D 20 12.39 -14.06 4.24
N PHE D 21 12.95 -13.52 3.15
CA PHE D 21 13.17 -12.07 3.01
C PHE D 21 11.87 -11.24 3.03
N LEU D 22 10.80 -11.68 2.37
CA LEU D 22 9.57 -10.89 2.39
C LEU D 22 8.82 -11.02 3.70
N LYS D 23 9.09 -12.07 4.47
CA LYS D 23 8.37 -12.38 5.69
C LYS D 23 6.92 -12.26 5.34
N GLY D 24 6.48 -12.98 4.33
CA GLY D 24 5.05 -13.02 3.98
C GLY D 24 4.69 -12.17 2.78
N LYS D 25 3.64 -12.56 2.07
CA LYS D 25 3.27 -11.91 0.82
C LYS D 25 2.09 -10.95 1.02
N ILE D 26 1.60 -10.96 2.26
CA ILE D 26 0.42 -10.23 2.71
C ILE D 26 0.81 -8.98 3.51
N ARG D 27 0.47 -7.81 2.99
CA ARG D 27 0.61 -6.56 3.74
C ARG D 27 -0.82 -6.07 4.11
N THR D 28 -0.97 -5.31 5.21
CA THR D 28 -2.07 -4.36 5.28
C THR D 28 -1.52 -2.96 5.02
N ALA D 29 -2.44 -2.00 4.85
CA ALA D 29 -2.09 -0.61 4.49
C ALA D 29 -3.21 0.41 4.85
N LEU D 30 -2.77 1.60 5.27
CA LEU D 30 -3.67 2.60 5.83
C LEU D 30 -4.20 3.51 4.75
N PRO D 31 -5.44 3.96 4.84
CA PRO D 31 -5.91 5.00 3.93
C PRO D 31 -5.16 6.34 4.09
N VAL D 32 -4.75 6.65 5.31
CA VAL D 32 -4.16 7.95 5.61
C VAL D 32 -2.79 7.73 6.23
N GLU D 33 -1.95 8.76 6.12
CA GLU D 33 -0.57 8.67 6.58
C GLU D 33 -0.58 9.16 8.01
N LYS D 34 -0.86 10.45 8.19
CA LYS D 34 -0.89 11.08 9.53
C LYS D 34 -2.10 10.59 10.32
N VAL D 35 -1.90 10.36 11.59
CA VAL D 35 -2.95 9.92 12.46
C VAL D 35 -2.95 10.84 13.66
N ASP D 36 -4.00 11.65 13.75
CA ASP D 36 -4.14 12.67 14.80
C ASP D 36 -5.48 12.51 15.56
N ARG D 37 -5.67 13.39 16.54
CA ARG D 37 -6.91 13.40 17.33
C ARG D 37 -8.11 13.39 16.36
N GLU D 38 -8.11 14.26 15.36
CA GLU D 38 -9.26 14.36 14.47
C GLU D 38 -9.52 13.09 13.69
N THR D 39 -8.47 12.52 13.13
CA THR D 39 -8.59 11.27 12.39
C THR D 39 -9.25 10.20 13.23
N LEU D 40 -8.78 10.04 14.46
CA LEU D 40 -9.34 8.99 15.33
C LEU D 40 -10.76 9.24 15.68
N SER D 41 -11.11 10.50 15.93
CA SER D 41 -12.51 10.84 16.20
C SER D 41 -13.42 10.51 15.01
N LEU D 42 -12.88 10.53 13.79
CA LEU D 42 -13.66 10.09 12.63
C LEU D 42 -13.70 8.58 12.41
N LEU D 43 -12.54 7.94 12.39
CA LEU D 43 -12.43 6.54 12.01
C LEU D 43 -12.60 5.57 13.19
N TYR D 44 -12.51 6.09 14.41
CA TYR D 44 -12.75 5.32 15.62
C TYR D 44 -13.70 6.18 16.47
N THR D 45 -13.60 6.11 17.81
CA THR D 45 -14.60 6.78 18.64
C THR D 45 -14.33 8.27 18.68
N PRO D 46 -15.37 9.08 18.71
CA PRO D 46 -16.79 8.63 18.75
C PRO D 46 -17.48 8.47 17.40
N GLY D 47 -16.89 8.96 16.31
CA GLY D 47 -17.57 8.94 15.02
C GLY D 47 -17.98 7.56 14.52
N VAL D 48 -17.15 6.57 14.80
CA VAL D 48 -17.42 5.23 14.30
C VAL D 48 -18.74 4.65 14.88
N ALA D 49 -19.21 5.18 16.00
CA ALA D 49 -20.49 4.72 16.56
C ALA D 49 -21.60 4.89 15.57
N ASP D 50 -21.63 6.03 14.89
CA ASP D 50 -22.67 6.28 13.89
C ASP D 50 -22.65 5.23 12.82
N VAL D 51 -21.46 4.78 12.43
CA VAL D 51 -21.33 3.81 11.36
C VAL D 51 -21.74 2.47 11.85
N ALA D 52 -21.49 2.20 13.14
CA ALA D 52 -21.92 0.96 13.79
C ALA D 52 -23.44 0.90 13.83
N ARG D 53 -24.07 1.97 14.32
CA ARG D 53 -25.54 2.08 14.40
C ARG D 53 -26.12 1.76 13.04
N ALA D 54 -25.57 2.41 12.02
CA ALA D 54 -26.03 2.25 10.67
C ALA D 54 -25.96 0.82 10.15
N CYS D 55 -24.83 0.15 10.42
CA CYS D 55 -24.64 -1.23 9.95
C CYS D 55 -25.46 -2.27 10.75
N ALA D 56 -25.67 -2.02 12.03
CA ALA D 56 -26.56 -2.87 12.82
C ALA D 56 -27.96 -2.73 12.30
N GLU D 57 -28.45 -1.50 12.12
CA GLU D 57 -29.81 -1.24 11.60
C GLU D 57 -29.98 -1.88 10.21
N ASP D 58 -28.87 -1.96 9.45
CA ASP D 58 -28.96 -2.50 8.12
C ASP D 58 -27.63 -3.10 7.65
N PRO D 59 -27.47 -4.39 7.80
CA PRO D 59 -26.27 -5.09 7.39
C PRO D 59 -25.78 -4.85 5.99
N GLU D 60 -26.70 -4.66 5.05
CA GLU D 60 -26.27 -4.35 3.68
C GLU D 60 -25.34 -3.12 3.65
N LYS D 61 -25.44 -2.24 4.65
CA LYS D 61 -24.64 -1.03 4.65
C LYS D 61 -23.17 -1.29 4.93
N THR D 62 -22.83 -2.51 5.39
CA THR D 62 -21.41 -2.90 5.44
C THR D 62 -20.73 -2.80 4.09
N TYR D 63 -21.50 -3.00 3.02
CA TYR D 63 -20.98 -2.90 1.67
C TYR D 63 -20.68 -1.46 1.26
N VAL D 64 -21.22 -0.47 1.99
CA VAL D 64 -20.98 0.95 1.74
C VAL D 64 -19.88 1.54 2.64
N TYR D 65 -19.86 1.14 3.90
CA TYR D 65 -19.00 1.78 4.92
C TYR D 65 -17.80 0.97 5.38
N THR D 66 -17.69 -0.28 4.97
CA THR D 66 -16.50 -1.08 5.30
C THR D 66 -15.88 -1.62 4.04
N SER D 67 -14.86 -2.44 4.20
CA SER D 67 -14.18 -3.09 3.08
C SER D 67 -14.89 -4.36 2.65
N ARG D 68 -15.99 -4.72 3.32
CA ARG D 68 -16.65 -6.00 3.02
C ARG D 68 -17.01 -6.17 1.55
N TRP D 69 -17.14 -5.07 0.82
CA TRP D 69 -17.54 -5.12 -0.58
C TRP D 69 -16.43 -5.70 -1.46
N ASN D 70 -15.24 -5.84 -0.88
CA ASN D 70 -14.06 -6.28 -1.63
C ASN D 70 -13.16 -7.23 -0.87
N THR D 71 -13.64 -7.85 0.21
CA THR D 71 -12.82 -8.79 0.95
C THR D 71 -13.27 -10.24 0.75
N VAL D 72 -12.30 -11.14 0.65
CA VAL D 72 -12.58 -12.54 0.36
C VAL D 72 -11.74 -13.41 1.30
N ALA D 73 -12.37 -14.43 1.91
CA ALA D 73 -11.66 -15.35 2.77
C ALA D 73 -11.18 -16.51 1.94
N VAL D 74 -9.89 -16.82 2.02
CA VAL D 74 -9.36 -18.00 1.33
C VAL D 74 -9.28 -19.08 2.38
N VAL D 75 -10.20 -20.04 2.31
CA VAL D 75 -10.42 -20.98 3.37
C VAL D 75 -9.89 -22.36 3.05
N SER D 76 -9.05 -22.91 3.91
CA SER D 76 -8.60 -24.26 3.75
C SER D 76 -8.36 -24.93 5.10
N ASP D 77 -8.47 -26.25 5.13
CA ASP D 77 -7.99 -27.05 6.26
C ASP D 77 -6.72 -27.78 5.88
N GLY D 78 -6.25 -27.55 4.65
CA GLY D 78 -5.03 -28.18 4.17
C GLY D 78 -5.15 -29.67 3.94
N SER D 79 -6.37 -30.16 3.70
CA SER D 79 -6.57 -31.58 3.44
C SER D 79 -6.19 -32.01 2.00
N ALA D 80 -5.95 -31.05 1.11
CA ALA D 80 -5.47 -31.34 -0.26
C ALA D 80 -4.70 -30.16 -0.85
N VAL D 81 -3.48 -29.98 -0.33
CA VAL D 81 -2.69 -28.84 -0.75
C VAL D 81 -1.98 -29.20 -2.06
N LEU D 82 -2.21 -28.40 -3.07
CA LEU D 82 -1.45 -28.50 -4.34
C LEU D 82 -1.38 -29.97 -4.71
N GLY D 83 -0.19 -30.49 -5.02
CA GLY D 83 -0.02 -31.89 -5.28
C GLY D 83 0.39 -32.68 -4.04
N LEU D 84 0.46 -32.02 -2.87
CA LEU D 84 1.13 -32.63 -1.71
C LEU D 84 0.24 -33.42 -0.82
N GLY D 85 -1.08 -33.26 -0.96
CA GLY D 85 -2.04 -34.00 -0.13
C GLY D 85 -2.45 -33.33 1.17
N ASN D 86 -2.71 -34.12 2.18
CA ASN D 86 -3.25 -33.64 3.43
C ASN D 86 -2.11 -33.29 4.38
N ILE D 87 -1.50 -32.15 4.16
CA ILE D 87 -0.38 -31.70 5.00
C ILE D 87 -0.82 -30.78 6.15
N GLY D 88 -2.04 -30.27 6.11
CA GLY D 88 -2.55 -29.48 7.21
C GLY D 88 -2.50 -27.98 7.01
N PRO D 89 -3.05 -27.28 7.99
CA PRO D 89 -3.27 -25.83 7.87
C PRO D 89 -2.02 -24.99 7.86
N TYR D 90 -0.98 -25.46 8.53
CA TYR D 90 0.30 -24.74 8.57
C TYR D 90 1.04 -24.82 7.23
N GLY D 91 1.08 -25.99 6.61
CA GLY D 91 1.60 -26.12 5.26
C GLY D 91 0.77 -25.33 4.27
N ALA D 92 -0.53 -25.28 4.54
CA ALA D 92 -1.42 -24.61 3.63
C ALA D 92 -1.22 -23.11 3.65
N LEU D 93 -0.77 -22.56 4.77
CA LEU D 93 -0.74 -21.10 4.94
C LEU D 93 0.06 -20.32 3.90
N PRO D 94 1.29 -20.71 3.56
CA PRO D 94 2.03 -20.00 2.54
C PRO D 94 1.38 -20.14 1.18
N VAL D 95 0.67 -21.25 0.97
CA VAL D 95 -0.05 -21.42 -0.29
C VAL D 95 -1.27 -20.49 -0.35
N GLU D 97 -1.51 -17.70 1.27
CA GLU D 97 -0.97 -16.35 1.08
C GLU D 97 -0.72 -16.10 -0.42
N GLY D 98 -0.17 -17.07 -1.11
CA GLY D 98 0.03 -16.93 -2.55
C GLY D 98 -1.28 -16.71 -3.30
N LYS D 99 -2.31 -17.47 -2.95
CA LYS D 99 -3.59 -17.21 -3.57
C LYS D 99 -4.09 -15.80 -3.28
N ALA D 100 -3.92 -15.34 -2.04
CA ALA D 100 -4.34 -13.99 -1.69
C ALA D 100 -3.65 -12.98 -2.53
N PHE D 101 -2.34 -13.17 -2.72
CA PHE D 101 -1.55 -12.31 -3.59
C PHE D 101 -2.12 -12.30 -5.01
N LEU D 102 -2.47 -13.45 -5.53
CA LEU D 102 -3.08 -13.51 -6.86
C LEU D 102 -4.40 -12.77 -6.95
N PHE D 103 -5.22 -12.92 -5.91
CA PHE D 103 -6.49 -12.21 -5.84
C PHE D 103 -6.26 -10.71 -5.89
N LYS D 104 -5.31 -10.21 -5.13
CA LYS D 104 -5.03 -8.77 -5.20
C LYS D 104 -4.49 -8.38 -6.58
N ALA D 105 -3.59 -9.20 -7.13
CA ALA D 105 -2.89 -8.78 -8.32
C ALA D 105 -3.79 -8.84 -9.54
N PHE D 106 -4.66 -9.83 -9.63
CA PHE D 106 -5.41 -10.00 -10.86
C PHE D 106 -6.83 -9.47 -10.83
N ALA D 107 -7.33 -9.20 -9.62
CA ALA D 107 -8.69 -8.68 -9.42
C ALA D 107 -8.82 -7.49 -8.46
N ASP D 108 -7.72 -7.11 -7.81
CA ASP D 108 -7.68 -6.03 -6.84
C ASP D 108 -8.54 -6.35 -5.61
N ILE D 109 -8.75 -7.65 -5.37
CA ILE D 109 -9.53 -8.13 -4.26
C ILE D 109 -8.64 -8.28 -3.06
N ASP D 110 -9.16 -7.81 -1.92
CA ASP D 110 -8.46 -7.95 -0.66
C ASP D 110 -8.78 -9.33 -0.09
N ALA D 111 -7.91 -10.30 -0.33
CA ALA D 111 -8.14 -11.66 0.11
C ALA D 111 -7.30 -11.96 1.33
N PHE D 112 -7.81 -12.80 2.20
CA PHE D 112 -7.20 -13.03 3.46
C PHE D 112 -7.26 -14.53 3.78
N PRO D 113 -6.11 -15.14 4.05
CA PRO D 113 -6.04 -16.57 4.26
C PRO D 113 -6.57 -16.97 5.59
N ILE D 114 -7.51 -17.92 5.56
CA ILE D 114 -8.11 -18.51 6.74
C ILE D 114 -7.92 -20.02 6.71
N CYS D 115 -6.83 -20.41 7.34
CA CYS D 115 -6.41 -21.78 7.39
C CYS D 115 -6.80 -22.35 8.76
N LEU D 116 -7.63 -23.40 8.72
CA LEU D 116 -8.33 -23.90 9.88
C LEU D 116 -7.70 -25.14 10.42
N SER D 117 -7.59 -25.25 11.73
CA SER D 117 -7.12 -26.52 12.30
C SER D 117 -8.30 -27.39 12.67
N GLU D 118 -9.30 -27.46 11.82
CA GLU D 118 -10.43 -28.34 12.00
C GLU D 118 -10.73 -28.94 10.63
N SER D 119 -10.93 -30.27 10.60
CA SER D 119 -11.15 -30.96 9.32
C SER D 119 -12.42 -31.83 9.26
N GLU D 120 -13.18 -32.00 10.37
CA GLU D 120 -14.52 -32.62 10.28
C GLU D 120 -15.42 -31.65 9.45
N GLU D 121 -16.13 -32.19 8.47
CA GLU D 121 -17.00 -31.46 7.58
C GLU D 121 -17.91 -30.48 8.28
N GLU D 122 -18.73 -31.04 9.17
CA GLU D 122 -19.82 -30.25 9.80
C GLU D 122 -19.25 -29.09 10.55
N LYS D 123 -18.10 -29.32 11.17
CA LYS D 123 -17.42 -28.26 11.91
C LYS D 123 -16.85 -27.17 10.97
N ILE D 124 -16.21 -27.56 9.89
CA ILE D 124 -15.77 -26.56 8.90
C ILE D 124 -16.97 -25.74 8.50
N ILE D 125 -18.04 -26.41 8.12
CA ILE D 125 -19.22 -25.71 7.61
C ILE D 125 -19.72 -24.67 8.62
N SER D 126 -19.83 -25.05 9.87
CA SER D 126 -20.34 -24.09 10.82
C SER D 126 -19.30 -22.96 11.11
N ILE D 127 -18.01 -23.26 11.02
CA ILE D 127 -17.01 -22.20 11.17
C ILE D 127 -17.10 -21.19 10.06
N VAL D 128 -17.19 -21.66 8.84
CA VAL D 128 -17.20 -20.70 7.72
C VAL D 128 -18.49 -19.88 7.72
N LYS D 129 -19.60 -20.52 8.04
CA LYS D 129 -20.86 -19.76 8.17
C LYS D 129 -20.75 -18.59 9.14
N SER D 130 -20.03 -18.82 10.23
CA SER D 130 -19.90 -17.81 11.28
C SER D 130 -19.10 -16.59 10.80
N LEU D 131 -18.33 -16.76 9.74
CA LEU D 131 -17.48 -15.68 9.23
C LEU D 131 -18.20 -14.73 8.29
N GLU D 132 -19.45 -15.06 7.95
CA GLU D 132 -20.14 -14.34 6.88
C GLU D 132 -20.09 -12.83 7.06
N PRO D 133 -20.32 -12.32 8.25
CA PRO D 133 -20.32 -10.88 8.45
C PRO D 133 -19.04 -10.21 8.09
N SER D 134 -17.95 -10.96 8.09
CA SER D 134 -16.60 -10.40 7.91
C SER D 134 -16.08 -10.33 6.47
N PHE D 135 -16.82 -10.91 5.54
CA PHE D 135 -16.36 -11.08 4.18
C PHE D 135 -17.43 -10.86 3.16
N GLY D 136 -17.02 -10.42 1.97
CA GLY D 136 -17.94 -10.32 0.82
C GLY D 136 -18.00 -11.58 -0.04
N GLY D 137 -17.09 -12.53 0.21
CA GLY D 137 -17.05 -13.80 -0.53
C GLY D 137 -16.19 -14.80 0.16
N ILE D 138 -16.42 -16.09 -0.15
CA ILE D 138 -15.60 -17.18 0.37
C ILE D 138 -14.99 -17.95 -0.76
N ASN D 139 -13.68 -18.13 -0.73
CA ASN D 139 -13.00 -19.00 -1.63
C ASN D 139 -12.49 -20.22 -0.91
N LEU D 140 -13.20 -21.33 -1.08
CA LEU D 140 -12.72 -22.62 -0.60
C LEU D 140 -11.57 -23.05 -1.50
N GLU D 141 -10.53 -23.60 -0.90
CA GLU D 141 -9.33 -24.00 -1.60
C GLU D 141 -8.59 -25.12 -0.87
N ASP D 142 -8.24 -26.17 -1.63
CA ASP D 142 -7.38 -27.28 -1.19
C ASP D 142 -7.99 -28.03 -0.01
N ILE D 143 -9.27 -28.32 -0.17
CA ILE D 143 -10.03 -29.16 0.76
C ILE D 143 -10.35 -30.42 0.03
N GLY D 144 -10.00 -31.57 0.62
CA GLY D 144 -10.09 -32.87 -0.04
C GLY D 144 -11.48 -33.29 -0.46
N ALA D 145 -11.52 -34.18 -1.45
CA ALA D 145 -12.75 -34.84 -1.85
C ALA D 145 -12.81 -36.15 -1.09
N PRO D 146 -13.99 -36.67 -0.81
CA PRO D 146 -15.28 -36.11 -1.24
C PRO D 146 -15.90 -35.09 -0.29
N LYS D 147 -15.30 -34.81 0.88
CA LYS D 147 -15.95 -33.89 1.81
C LYS D 147 -16.21 -32.53 1.18
N CYS D 148 -15.35 -32.11 0.27
CA CYS D 148 -15.52 -30.80 -0.31
C CYS D 148 -16.77 -30.68 -1.17
N PHE D 149 -17.36 -31.79 -1.57
CA PHE D 149 -18.59 -31.71 -2.33
C PHE D 149 -19.71 -31.18 -1.43
N ARG D 150 -19.86 -31.79 -0.25
CA ARG D 150 -20.86 -31.42 0.74
C ARG D 150 -20.60 -30.04 1.29
N ILE D 151 -19.33 -29.71 1.54
CA ILE D 151 -19.00 -28.43 2.10
C ILE D 151 -19.39 -27.33 1.14
N LEU D 152 -19.01 -27.44 -0.13
CA LEU D 152 -19.38 -26.43 -1.10
C LEU D 152 -20.91 -26.31 -1.20
N GLN D 153 -21.61 -27.43 -1.33
CA GLN D 153 -23.06 -27.39 -1.53
C GLN D 153 -23.77 -26.70 -0.37
N ARG D 154 -23.37 -27.07 0.84
CA ARG D 154 -24.00 -26.52 2.03
C ARG D 154 -23.75 -25.03 2.21
N LEU D 155 -22.50 -24.62 2.08
CA LEU D 155 -22.16 -23.22 2.28
C LEU D 155 -22.79 -22.37 1.20
N SER D 156 -22.76 -22.80 -0.06
CA SER D 156 -23.39 -21.97 -1.06
C SER D 156 -24.89 -21.87 -0.84
N GLU D 157 -25.51 -22.96 -0.37
CA GLU D 157 -26.97 -23.00 -0.15
C GLU D 157 -27.35 -22.13 1.05
N GLU D 158 -26.52 -22.16 2.09
CA GLU D 158 -26.87 -21.54 3.36
C GLU D 158 -26.30 -20.16 3.62
N ASN D 160 -25.17 -16.18 2.31
CA ASN D 160 -25.65 -15.13 1.42
C ASN D 160 -24.53 -14.29 0.88
N ILE D 161 -23.32 -14.83 0.89
CA ILE D 161 -22.27 -14.32 0.09
C ILE D 161 -21.85 -15.47 -0.82
N PRO D 162 -21.25 -15.21 -1.96
CA PRO D 162 -20.87 -16.26 -2.87
C PRO D 162 -19.82 -17.13 -2.28
N VAL D 163 -19.90 -18.41 -2.58
CA VAL D 163 -18.92 -19.38 -2.16
C VAL D 163 -18.42 -20.10 -3.38
N PHE D 164 -17.09 -20.16 -3.56
CA PHE D 164 -16.47 -20.71 -4.76
C PHE D 164 -15.34 -21.63 -4.33
N HIS D 165 -15.27 -22.82 -4.92
CA HIS D 165 -14.17 -23.75 -4.71
C HIS D 165 -13.36 -23.96 -6.02
N ASP D 166 -12.19 -23.33 -6.13
CA ASP D 166 -11.38 -23.43 -7.33
C ASP D 166 -11.32 -24.80 -7.95
N ASP D 167 -10.81 -25.77 -7.20
CA ASP D 167 -10.46 -27.09 -7.75
C ASP D 167 -11.71 -27.80 -8.29
N GLN D 168 -12.89 -27.42 -7.84
CA GLN D 168 -14.15 -27.89 -8.45
C GLN D 168 -14.64 -27.02 -9.59
N GLN D 169 -15.11 -25.82 -9.28
CA GLN D 169 -15.80 -24.96 -10.25
C GLN D 169 -14.85 -24.23 -11.21
N GLY D 170 -13.68 -23.83 -10.70
CA GLY D 170 -12.65 -23.17 -11.51
C GLY D 170 -12.11 -24.07 -12.61
N THR D 171 -11.69 -25.26 -12.22
CA THR D 171 -11.18 -26.25 -13.17
C THR D 171 -12.25 -26.57 -14.19
N ALA D 172 -13.47 -26.74 -13.73
CA ALA D 172 -14.53 -27.08 -14.66
C ALA D 172 -14.75 -25.98 -15.70
N VAL D 173 -14.72 -24.74 -15.26
CA VAL D 173 -14.91 -23.61 -16.16
C VAL D 173 -13.80 -23.60 -17.22
N VAL D 174 -12.56 -23.67 -16.79
CA VAL D 174 -11.46 -23.55 -17.73
C VAL D 174 -11.36 -24.81 -18.61
N VAL D 175 -11.64 -25.99 -18.07
CA VAL D 175 -11.64 -27.18 -18.91
C VAL D 175 -12.69 -27.06 -19.99
N SER D 176 -13.86 -26.53 -19.63
CA SER D 176 -14.98 -26.41 -20.55
C SER D 176 -14.69 -25.45 -21.69
N ALA D 177 -14.10 -24.30 -21.38
CA ALA D 177 -13.72 -23.35 -22.44
C ALA D 177 -12.66 -23.94 -23.35
N ALA D 178 -11.66 -24.60 -22.78
CA ALA D 178 -10.68 -25.28 -23.63
C ALA D 178 -11.35 -26.33 -24.51
N PHE D 179 -12.25 -27.12 -23.92
CA PHE D 179 -12.93 -28.20 -24.63
C PHE D 179 -13.71 -27.62 -25.83
N LEU D 180 -14.48 -26.58 -25.57
CA LEU D 180 -15.27 -25.96 -26.62
C LEU D 180 -14.42 -25.48 -27.78
N ASN D 181 -13.29 -24.87 -27.51
CA ASN D 181 -12.42 -24.40 -28.58
C ASN D 181 -11.71 -25.56 -29.32
N ALA D 182 -11.21 -26.54 -28.58
CA ALA D 182 -10.63 -27.70 -29.23
C ALA D 182 -11.69 -28.34 -30.14
N LEU D 183 -12.92 -28.44 -29.64
CA LEU D 183 -14.00 -29.06 -30.41
C LEU D 183 -14.28 -28.30 -31.71
N LYS D 184 -14.27 -26.99 -31.65
CA LYS D 184 -14.40 -26.16 -32.85
C LYS D 184 -13.30 -26.55 -33.85
N LEU D 185 -12.06 -26.60 -33.37
CA LEU D 185 -10.93 -26.91 -34.25
C LEU D 185 -11.02 -28.28 -34.91
N THR D 186 -11.54 -29.21 -34.14
CA THR D 186 -11.82 -30.57 -34.53
C THR D 186 -12.89 -30.64 -35.61
N GLU D 187 -13.77 -29.66 -35.61
CA GLU D 187 -14.83 -29.60 -36.60
C GLU D 187 -15.90 -30.68 -36.42
N LYS D 188 -16.00 -31.22 -35.21
CA LYS D 188 -16.96 -32.27 -34.90
C LYS D 188 -18.17 -31.66 -34.15
N LYS D 189 -19.29 -32.38 -34.17
CA LYS D 189 -20.54 -31.94 -33.48
C LYS D 189 -20.52 -32.34 -31.99
N ILE D 190 -20.89 -31.45 -31.08
CA ILE D 190 -20.79 -31.76 -29.64
C ILE D 190 -21.67 -32.93 -29.18
N GLU D 191 -22.86 -33.04 -29.80
CA GLU D 191 -23.79 -34.16 -29.54
C GLU D 191 -23.19 -35.51 -30.01
N GLU D 192 -22.18 -35.50 -30.87
CA GLU D 192 -21.67 -36.74 -31.49
C GLU D 192 -20.35 -37.24 -30.94
N VAL D 193 -19.62 -36.43 -30.19
CA VAL D 193 -18.28 -36.82 -29.73
C VAL D 193 -18.33 -37.70 -28.49
N LYS D 194 -17.34 -38.59 -28.40
CA LYS D 194 -17.07 -39.46 -27.25
C LYS D 194 -15.94 -38.85 -26.47
N VAL D 195 -16.21 -38.49 -25.22
CA VAL D 195 -15.27 -37.79 -24.36
C VAL D 195 -15.03 -38.64 -23.15
N VAL D 196 -13.78 -39.02 -22.94
CA VAL D 196 -13.38 -39.83 -21.79
C VAL D 196 -12.81 -38.93 -20.72
N VAL D 197 -13.42 -38.94 -19.54
CA VAL D 197 -12.90 -38.15 -18.44
C VAL D 197 -12.36 -39.15 -17.46
N ASN D 198 -11.11 -38.96 -17.05
CA ASN D 198 -10.44 -39.87 -16.14
C ASN D 198 -10.05 -39.22 -14.84
N GLY D 199 -10.45 -39.80 -13.74
CA GLY D 199 -10.07 -39.28 -12.44
C GLY D 199 -11.22 -38.45 -11.92
N ILE D 200 -12.08 -39.08 -11.15
CA ILE D 200 -13.30 -38.42 -10.81
C ILE D 200 -13.36 -37.98 -9.36
N GLY D 201 -12.33 -37.23 -8.94
CA GLY D 201 -12.36 -36.43 -7.71
C GLY D 201 -13.02 -35.07 -7.94
N ALA D 202 -12.59 -34.04 -7.20
CA ALA D 202 -13.27 -32.74 -7.26
C ALA D 202 -13.45 -32.15 -8.68
N ALA D 203 -12.37 -32.12 -9.43
CA ALA D 203 -12.39 -31.63 -10.78
C ALA D 203 -13.25 -32.50 -11.73
N GLY D 204 -13.00 -33.80 -11.70
CA GLY D 204 -13.64 -34.72 -12.62
C GLY D 204 -15.14 -34.74 -12.47
N TYR D 205 -15.62 -34.92 -11.22
CA TYR D 205 -17.04 -34.81 -10.92
C TYR D 205 -17.64 -33.60 -11.65
N ASN D 206 -17.03 -32.44 -11.47
CA ASN D 206 -17.59 -31.17 -11.96
C ASN D 206 -17.41 -30.97 -13.45
N ILE D 207 -16.33 -31.54 -14.01
CA ILE D 207 -16.09 -31.53 -15.44
C ILE D 207 -17.18 -32.32 -16.18
N VAL D 208 -17.48 -33.52 -15.72
CA VAL D 208 -18.54 -34.32 -16.32
C VAL D 208 -19.87 -33.55 -16.26
N LYS D 209 -20.14 -32.90 -15.16
CA LYS D 209 -21.38 -32.17 -15.08
C LYS D 209 -21.42 -31.00 -16.10
N PHE D 210 -20.31 -30.27 -16.25
CA PHE D 210 -20.26 -29.18 -17.25
C PHE D 210 -20.46 -29.70 -18.64
N LEU D 211 -19.71 -30.74 -18.98
CA LEU D 211 -19.75 -31.33 -20.32
C LEU D 211 -21.18 -31.71 -20.70
N LEU D 212 -21.88 -32.36 -19.78
CA LEU D 212 -23.26 -32.70 -20.02
C LEU D 212 -24.16 -31.48 -20.16
N ASP D 213 -24.04 -30.49 -19.29
CA ASP D 213 -24.86 -29.25 -19.45
C ASP D 213 -24.64 -28.60 -20.78
N LEU D 214 -23.40 -28.62 -21.25
CA LEU D 214 -23.06 -28.01 -22.53
C LEU D 214 -23.65 -28.70 -23.74
N GLY D 215 -23.76 -30.03 -23.70
CA GLY D 215 -24.29 -30.79 -24.85
C GLY D 215 -23.63 -32.10 -25.17
N VAL D 216 -22.46 -32.36 -24.63
CA VAL D 216 -21.87 -33.68 -24.81
C VAL D 216 -22.84 -34.74 -24.28
N LYS D 217 -23.06 -35.77 -25.09
CA LYS D 217 -24.05 -36.83 -24.83
C LYS D 217 -23.36 -38.12 -24.49
N ASN D 218 -22.12 -38.29 -24.93
CA ASN D 218 -21.35 -39.51 -24.67
C ASN D 218 -20.11 -39.24 -23.82
N VAL D 219 -20.34 -39.08 -22.53
CA VAL D 219 -19.26 -38.90 -21.59
C VAL D 219 -19.03 -40.21 -20.92
N VAL D 220 -17.84 -40.76 -21.14
CA VAL D 220 -17.45 -41.98 -20.42
C VAL D 220 -16.54 -41.57 -19.29
N ALA D 221 -16.98 -41.80 -18.08
CA ALA D 221 -16.21 -41.54 -16.88
C ALA D 221 -15.36 -42.76 -16.48
N VAL D 222 -14.13 -42.51 -16.03
CA VAL D 222 -13.22 -43.51 -15.48
C VAL D 222 -12.52 -43.08 -14.19
N ASP D 223 -12.28 -44.02 -13.28
CA ASP D 223 -11.50 -43.75 -12.05
C ASP D 223 -10.74 -45.03 -11.73
N ARG D 224 -9.98 -45.01 -10.65
CA ARG D 224 -8.91 -46.00 -10.44
C ARG D 224 -9.31 -47.51 -10.50
N LYS D 225 -10.60 -47.86 -10.48
CA LYS D 225 -11.01 -49.26 -10.74
C LYS D 225 -11.87 -49.37 -12.00
N GLY D 226 -11.64 -48.46 -12.97
CA GLY D 226 -12.21 -48.56 -14.32
C GLY D 226 -13.46 -47.68 -14.60
N ILE D 227 -13.99 -47.84 -15.83
CA ILE D 227 -15.18 -47.13 -16.34
C ILE D 227 -16.35 -47.26 -15.41
N LEU D 228 -16.96 -46.14 -15.04
CA LEU D 228 -18.07 -46.17 -14.09
C LEU D 228 -19.32 -46.69 -14.77
N ASN D 229 -19.90 -47.70 -14.14
CA ASN D 229 -20.94 -48.50 -14.72
C ASN D 229 -21.75 -49.06 -13.55
N GLU D 230 -23.04 -48.76 -13.53
CA GLU D 230 -23.96 -49.29 -12.51
C GLU D 230 -23.82 -50.79 -12.36
N ASN D 231 -23.64 -51.48 -13.48
CA ASN D 231 -23.85 -52.94 -13.55
C ASN D 231 -22.70 -53.83 -13.04
N ASP D 232 -21.52 -53.24 -12.82
CA ASP D 232 -20.37 -53.97 -12.23
C ASP D 232 -19.75 -53.20 -11.03
N PRO D 233 -20.60 -52.65 -10.14
CA PRO D 233 -20.31 -51.41 -9.41
C PRO D 233 -19.14 -51.42 -8.40
N GLU D 234 -18.26 -52.43 -8.53
CA GLU D 234 -16.85 -52.30 -8.16
C GLU D 234 -16.19 -51.01 -8.73
N THR D 235 -16.86 -50.35 -9.67
CA THR D 235 -16.35 -49.15 -10.29
C THR D 235 -16.57 -47.88 -9.46
N CYS D 236 -17.09 -48.03 -8.24
CA CYS D 236 -17.58 -46.89 -7.42
C CYS D 236 -17.05 -46.75 -5.99
N LEU D 237 -15.99 -45.96 -5.84
CA LEU D 237 -15.44 -45.59 -4.54
C LEU D 237 -16.58 -45.02 -3.71
N ASN D 238 -17.26 -44.01 -4.27
CA ASN D 238 -18.12 -43.08 -3.55
C ASN D 238 -19.55 -43.11 -4.06
N GLU D 239 -20.42 -42.38 -3.37
CA GLU D 239 -21.77 -42.13 -3.86
C GLU D 239 -21.69 -41.22 -5.07
N TYR D 240 -20.65 -40.40 -5.15
CA TYR D 240 -20.60 -39.38 -6.17
C TYR D 240 -20.29 -40.02 -7.50
N HIS D 241 -19.49 -41.11 -7.45
CA HIS D 241 -19.28 -41.93 -8.65
C HIS D 241 -20.61 -42.64 -9.02
N LEU D 242 -21.38 -43.11 -8.03
CA LEU D 242 -22.74 -43.62 -8.29
C LEU D 242 -23.46 -42.62 -9.22
N GLU D 243 -23.53 -41.37 -8.77
CA GLU D 243 -24.29 -40.35 -9.46
C GLU D 243 -23.73 -40.15 -10.88
N ILE D 244 -22.40 -40.17 -11.03
CA ILE D 244 -21.82 -40.07 -12.36
C ILE D 244 -22.17 -41.22 -13.32
N ALA D 245 -22.33 -42.44 -12.84
CA ALA D 245 -22.66 -43.52 -13.75
C ALA D 245 -24.13 -43.45 -14.19
N ARG D 246 -24.99 -42.86 -13.35
CA ARG D 246 -26.40 -42.68 -13.70
C ARG D 246 -26.59 -41.82 -14.94
N ILE D 247 -25.64 -40.95 -15.23
CA ILE D 247 -25.86 -39.92 -16.25
C ILE D 247 -24.79 -40.01 -17.32
N THR D 248 -24.08 -41.12 -17.34
CA THR D 248 -22.91 -41.25 -18.18
C THR D 248 -22.97 -42.55 -19.00
N ASN D 249 -21.99 -42.75 -19.88
CA ASN D 249 -21.78 -44.01 -20.55
C ASN D 249 -23.05 -44.58 -21.19
N PRO D 250 -23.55 -43.89 -22.21
CA PRO D 250 -24.78 -44.29 -22.89
C PRO D 250 -24.66 -45.64 -23.58
N GLU D 251 -23.52 -45.90 -24.22
CA GLU D 251 -23.25 -47.22 -24.83
C GLU D 251 -23.04 -48.34 -23.80
N ARG D 252 -23.08 -48.01 -22.50
CA ARG D 252 -22.93 -49.01 -21.43
C ARG D 252 -21.62 -49.82 -21.58
N LEU D 253 -20.53 -49.12 -21.86
CA LEU D 253 -19.19 -49.68 -21.89
C LEU D 253 -18.67 -50.13 -20.52
N SER D 254 -17.74 -51.08 -20.52
CA SER D 254 -17.11 -51.54 -19.27
C SER D 254 -15.72 -52.10 -19.52
N GLY D 255 -14.80 -51.79 -18.59
CA GLY D 255 -13.39 -52.15 -18.72
C GLY D 255 -12.52 -50.99 -18.28
N ASP D 256 -11.25 -51.03 -18.66
CA ASP D 256 -10.26 -50.06 -18.16
C ASP D 256 -10.21 -48.81 -19.04
N LEU D 257 -9.34 -47.89 -18.65
CA LEU D 257 -9.12 -46.70 -19.44
C LEU D 257 -8.84 -47.00 -20.92
N GLU D 258 -8.04 -48.02 -21.17
CA GLU D 258 -7.63 -48.32 -22.52
C GLU D 258 -8.84 -48.64 -23.37
N THR D 259 -9.71 -49.48 -22.83
CA THR D 259 -10.97 -49.79 -23.49
C THR D 259 -11.82 -48.52 -23.73
N ALA D 260 -11.92 -47.66 -22.73
CA ALA D 260 -12.67 -46.41 -22.87
C ALA D 260 -12.23 -45.61 -24.08
N LEU D 261 -10.91 -45.60 -24.33
CA LEU D 261 -10.33 -44.69 -25.33
C LEU D 261 -10.54 -45.15 -26.74
N GLU D 262 -10.95 -46.40 -26.91
CA GLU D 262 -11.22 -46.89 -28.25
C GLU D 262 -12.27 -46.00 -28.91
N GLY D 263 -11.86 -45.29 -29.97
CA GLY D 263 -12.76 -44.44 -30.73
C GLY D 263 -13.01 -43.11 -30.10
N ALA D 264 -12.48 -42.88 -28.90
CA ALA D 264 -12.73 -41.61 -28.23
C ALA D 264 -12.18 -40.40 -29.03
N ASP D 265 -12.84 -39.28 -28.88
CA ASP D 265 -12.45 -38.09 -29.56
C ASP D 265 -11.65 -37.21 -28.59
N PHE D 266 -11.95 -37.30 -27.31
CA PHE D 266 -11.27 -36.51 -26.33
C PHE D 266 -10.93 -37.35 -25.13
N PHE D 267 -9.77 -37.07 -24.55
CA PHE D 267 -9.43 -37.59 -23.23
C PHE D 267 -9.21 -36.38 -22.40
N ILE D 268 -9.87 -36.33 -21.25
CA ILE D 268 -9.64 -35.30 -20.26
C ILE D 268 -9.27 -36.01 -18.98
N GLY D 269 -8.02 -35.80 -18.57
CA GLY D 269 -7.46 -36.44 -17.38
C GLY D 269 -7.15 -35.43 -16.30
N VAL D 270 -7.71 -35.68 -15.12
CA VAL D 270 -7.37 -34.91 -13.97
C VAL D 270 -7.06 -35.94 -12.90
N SER D 271 -5.94 -36.63 -13.05
CA SER D 271 -5.68 -37.85 -12.36
C SER D 271 -4.17 -38.02 -12.01
N ARG D 272 -3.51 -39.06 -12.54
CA ARG D 272 -2.14 -39.36 -12.15
C ARG D 272 -1.22 -39.28 -13.35
N GLY D 273 0.08 -39.31 -13.09
CA GLY D 273 1.06 -39.13 -14.15
C GLY D 273 1.39 -40.40 -14.94
N ASN D 274 1.73 -40.24 -16.22
CA ASN D 274 2.20 -41.32 -17.07
C ASN D 274 1.37 -42.58 -17.06
N ILE D 275 0.08 -42.45 -17.33
CA ILE D 275 -0.82 -43.62 -17.33
C ILE D 275 -1.46 -43.90 -18.69
N LEU D 276 -1.49 -42.90 -19.55
CA LEU D 276 -1.99 -43.05 -20.90
C LEU D 276 -0.81 -43.46 -21.82
N LYS D 277 -0.81 -44.72 -22.28
CA LYS D 277 0.28 -45.20 -23.13
C LYS D 277 0.13 -44.63 -24.55
N PRO D 278 1.23 -44.29 -25.20
CA PRO D 278 1.15 -43.61 -26.48
C PRO D 278 0.44 -44.41 -27.57
N GLU D 279 0.66 -45.72 -27.64
CA GLU D 279 -0.03 -46.48 -28.67
C GLU D 279 -1.58 -46.46 -28.52
N TRP D 280 -2.11 -46.18 -27.34
CA TRP D 280 -3.57 -46.04 -27.22
C TRP D 280 -4.16 -44.85 -28.03
N ILE D 281 -3.37 -43.80 -28.19
CA ILE D 281 -3.80 -42.69 -29.02
C ILE D 281 -4.16 -43.12 -30.44
N LYS D 282 -3.42 -44.08 -30.98
CA LYS D 282 -3.70 -44.52 -32.34
C LYS D 282 -5.03 -45.33 -32.43
N LYS D 283 -5.61 -45.72 -31.29
CA LYS D 283 -6.89 -46.43 -31.28
C LYS D 283 -8.01 -45.46 -30.98
N SER D 285 -10.14 -41.87 -31.93
CA SER D 285 -10.61 -41.46 -33.26
C SER D 285 -9.58 -40.57 -33.95
N ARG D 286 -9.88 -40.17 -35.19
CA ARG D 286 -9.03 -39.24 -35.94
C ARG D 286 -9.04 -37.88 -35.23
N LYS D 287 -7.92 -37.16 -35.38
CA LYS D 287 -7.72 -35.84 -34.78
C LYS D 287 -8.12 -35.83 -33.29
N PRO D 288 -7.52 -36.73 -32.53
CA PRO D 288 -7.86 -36.93 -31.12
C PRO D 288 -7.23 -35.86 -30.25
N VAL D 289 -7.95 -35.46 -29.22
CA VAL D 289 -7.55 -34.37 -28.34
C VAL D 289 -7.30 -34.94 -26.99
N ILE D 290 -6.20 -34.48 -26.39
CA ILE D 290 -5.69 -34.97 -25.13
C ILE D 290 -5.47 -33.82 -24.16
N PHE D 291 -6.32 -33.70 -23.14
CA PHE D 291 -6.12 -32.73 -22.02
C PHE D 291 -5.55 -33.56 -20.90
N ALA D 292 -4.26 -33.44 -20.67
CA ALA D 292 -3.60 -34.24 -19.65
C ALA D 292 -3.21 -33.33 -18.51
N LEU D 293 -4.15 -33.14 -17.62
CA LEU D 293 -4.03 -32.11 -16.60
C LEU D 293 -3.58 -32.62 -15.24
N ALA D 294 -3.22 -33.88 -15.12
CA ALA D 294 -2.62 -34.33 -13.84
C ALA D 294 -1.47 -33.40 -13.40
N ASN D 295 -1.49 -33.02 -12.13
CA ASN D 295 -0.48 -32.18 -11.55
C ASN D 295 0.32 -32.97 -10.53
N PRO D 296 1.66 -32.91 -10.61
CA PRO D 296 2.39 -32.10 -11.55
C PRO D 296 2.88 -32.79 -12.80
N VAL D 297 2.81 -34.12 -12.88
CA VAL D 297 3.20 -34.86 -14.09
C VAL D 297 1.95 -35.20 -14.88
N PRO D 298 1.84 -34.80 -16.13
CA PRO D 298 0.65 -35.14 -16.93
C PRO D 298 0.48 -36.64 -17.19
N GLU D 299 -0.76 -37.04 -17.53
CA GLU D 299 -1.12 -38.43 -17.78
C GLU D 299 -0.30 -39.04 -18.86
N ILE D 300 0.13 -38.20 -19.80
CA ILE D 300 1.11 -38.60 -20.81
C ILE D 300 1.96 -37.40 -21.12
N ASP D 301 3.23 -37.62 -21.44
CA ASP D 301 4.08 -36.52 -21.79
C ASP D 301 3.56 -35.88 -23.07
N PRO D 302 3.43 -34.57 -23.10
CA PRO D 302 2.87 -33.87 -24.26
C PRO D 302 3.56 -34.09 -25.59
N GLU D 303 4.87 -34.04 -25.65
CA GLU D 303 5.54 -34.31 -26.89
C GLU D 303 5.25 -35.74 -27.36
N LEU D 304 5.39 -36.68 -26.44
CA LEU D 304 5.14 -38.08 -26.75
C LEU D 304 3.77 -38.27 -27.34
N ALA D 305 2.80 -37.58 -26.77
CA ALA D 305 1.44 -37.61 -27.30
C ALA D 305 1.35 -37.03 -28.70
N ARG D 306 2.01 -35.89 -28.95
CA ARG D 306 2.11 -35.30 -30.32
C ARG D 306 2.71 -36.35 -31.25
N GLU D 307 3.82 -36.94 -30.84
CA GLU D 307 4.50 -37.92 -31.71
C GLU D 307 3.65 -39.13 -32.01
N ALA D 308 2.71 -39.45 -31.11
CA ALA D 308 1.88 -40.63 -31.28
C ALA D 308 0.62 -40.33 -32.04
N GLY D 309 0.46 -39.07 -32.44
CA GLY D 309 -0.64 -38.67 -33.31
C GLY D 309 -1.63 -37.68 -32.75
N ALA D 310 -1.44 -37.17 -31.55
CA ALA D 310 -2.42 -36.26 -30.99
C ALA D 310 -2.57 -35.00 -31.81
N PHE D 311 -3.81 -34.59 -32.00
CA PHE D 311 -4.13 -33.35 -32.75
C PHE D 311 -3.92 -32.14 -31.88
N ILE D 312 -4.40 -32.21 -30.64
CA ILE D 312 -4.27 -31.11 -29.69
C ILE D 312 -3.91 -31.65 -28.34
N VAL D 313 -2.97 -31.01 -27.67
CA VAL D 313 -2.53 -31.47 -26.35
C VAL D 313 -2.54 -30.31 -25.37
N ALA D 314 -3.13 -30.50 -24.23
CA ALA D 314 -3.17 -29.46 -23.24
C ALA D 314 -2.76 -30.09 -21.92
N THR D 315 -2.17 -29.28 -21.06
CA THR D 315 -1.82 -29.74 -19.71
C THR D 315 -2.10 -28.64 -18.71
N GLY D 316 -1.84 -28.99 -17.46
CA GLY D 316 -1.91 -28.06 -16.34
C GLY D 316 -0.63 -27.26 -16.09
N ARG D 317 0.42 -27.50 -16.87
CA ARG D 317 1.68 -26.79 -16.70
C ARG D 317 1.94 -25.57 -17.59
N SER D 318 2.71 -24.62 -17.06
CA SER D 318 3.14 -23.44 -17.79
C SER D 318 4.31 -23.77 -18.75
N ASP D 319 4.99 -24.87 -18.47
CA ASP D 319 5.96 -25.53 -19.36
C ASP D 319 5.54 -25.75 -20.80
N HIS D 320 4.24 -25.84 -21.06
CA HIS D 320 3.78 -26.27 -22.37
C HIS D 320 2.70 -25.36 -22.88
N PRO D 321 2.44 -25.41 -24.17
CA PRO D 321 1.28 -24.71 -24.70
C PRO D 321 -0.01 -25.28 -24.13
N ASN D 322 -1.06 -24.48 -24.22
CA ASN D 322 -2.38 -24.89 -23.85
C ASN D 322 -2.44 -25.31 -22.39
N GLN D 323 -2.06 -24.38 -21.54
CA GLN D 323 -2.20 -24.56 -20.13
C GLN D 323 -3.61 -24.29 -19.69
N VAL D 324 -4.29 -25.34 -19.25
CA VAL D 324 -5.61 -25.20 -18.62
C VAL D 324 -5.40 -24.86 -17.15
N ASN D 325 -5.64 -23.63 -16.79
CA ASN D 325 -5.26 -23.10 -15.50
C ASN D 325 -6.38 -22.31 -14.84
N ASN D 326 -6.79 -22.73 -13.64
CA ASN D 326 -7.81 -22.08 -12.81
C ASN D 326 -7.67 -20.57 -12.75
N LEU D 327 -6.43 -20.08 -12.86
CA LEU D 327 -6.17 -18.65 -12.80
C LEU D 327 -6.93 -17.84 -13.81
N LEU D 328 -7.29 -18.43 -14.95
CA LEU D 328 -8.07 -17.69 -15.93
C LEU D 328 -9.47 -17.44 -15.45
N ALA D 329 -9.93 -18.18 -14.43
CA ALA D 329 -11.32 -18.16 -14.00
C ALA D 329 -11.60 -17.41 -12.70
N PHE D 330 -10.87 -17.76 -11.64
CA PHE D 330 -11.25 -17.29 -10.32
C PHE D 330 -11.21 -15.78 -10.12
N PRO D 331 -10.26 -15.04 -10.65
CA PRO D 331 -10.31 -13.60 -10.40
C PRO D 331 -11.62 -12.96 -10.87
N GLY D 332 -11.98 -13.23 -12.11
CA GLY D 332 -13.17 -12.63 -12.67
C GLY D 332 -14.43 -13.14 -11.99
N ILE D 333 -14.52 -14.44 -11.78
CA ILE D 333 -15.72 -14.99 -11.23
C ILE D 333 -15.96 -14.40 -9.85
N LYS D 335 -14.75 -11.69 -8.53
CA LYS D 335 -15.00 -10.27 -8.53
C LYS D 335 -16.44 -9.99 -8.89
N GLY D 336 -16.90 -10.70 -9.91
CA GLY D 336 -18.27 -10.53 -10.36
C GLY D 336 -19.23 -10.91 -9.27
N ALA D 337 -19.00 -12.08 -8.69
CA ALA D 337 -19.91 -12.65 -7.72
C ALA D 337 -19.99 -11.83 -6.44
N VAL D 338 -18.87 -11.29 -6.02
CA VAL D 338 -18.84 -10.52 -4.80
C VAL D 338 -19.56 -9.21 -5.00
N GLU D 339 -19.41 -8.58 -6.16
CA GLU D 339 -20.16 -7.36 -6.47
C GLU D 339 -21.65 -7.60 -6.56
N LYS D 340 -22.02 -8.67 -7.24
CA LYS D 340 -23.42 -9.09 -7.33
C LYS D 340 -24.01 -9.37 -5.97
N ARG D 341 -23.17 -9.84 -5.07
CA ARG D 341 -23.56 -10.25 -3.73
C ARG D 341 -24.45 -11.46 -3.66
N SER D 342 -24.80 -12.11 -4.76
CA SER D 342 -25.65 -13.33 -4.65
C SER D 342 -24.84 -14.63 -4.90
N LYS D 343 -25.56 -15.71 -4.72
CA LYS D 343 -25.04 -17.05 -4.94
C LYS D 343 -24.51 -17.21 -6.33
N ILE D 344 -23.39 -17.89 -6.46
CA ILE D 344 -22.88 -18.25 -7.76
C ILE D 344 -23.84 -19.24 -8.42
N THR D 345 -24.27 -19.00 -9.65
CA THR D 345 -25.22 -19.88 -10.33
C THR D 345 -24.62 -20.53 -11.58
N LYS D 346 -25.33 -21.51 -12.09
CA LYS D 346 -24.94 -22.19 -13.29
C LYS D 346 -24.79 -21.20 -14.43
N ASN D 347 -25.74 -20.30 -14.59
CA ASN D 347 -25.65 -19.29 -15.64
C ASN D 347 -24.36 -18.46 -15.55
N LEU D 349 -21.47 -19.31 -14.15
CA LEU D 349 -20.31 -20.11 -14.46
C LEU D 349 -20.24 -20.35 -15.98
N LEU D 350 -21.38 -20.56 -16.63
CA LEU D 350 -21.36 -20.77 -18.10
C LEU D 350 -21.06 -19.50 -18.87
N SER D 351 -21.45 -18.34 -18.35
CA SER D 351 -20.99 -17.08 -18.92
C SER D 351 -19.46 -16.98 -18.87
N ALA D 352 -18.88 -17.44 -17.77
CA ALA D 352 -17.45 -17.43 -17.63
C ALA D 352 -16.81 -18.35 -18.66
N VAL D 353 -17.39 -19.54 -18.81
CA VAL D 353 -16.88 -20.50 -19.80
C VAL D 353 -16.83 -19.85 -21.16
N GLU D 354 -17.94 -19.28 -21.58
CA GLU D 354 -18.03 -18.63 -22.89
C GLU D 354 -17.11 -17.45 -23.00
N ALA D 355 -16.93 -16.69 -21.93
CA ALA D 355 -16.06 -15.53 -22.00
C ALA D 355 -14.61 -15.97 -22.22
N ILE D 356 -14.19 -16.96 -21.46
CA ILE D 356 -12.81 -17.45 -21.63
C ILE D 356 -12.64 -17.96 -23.07
N ALA D 357 -13.60 -18.73 -23.54
CA ALA D 357 -13.47 -19.32 -24.86
C ALA D 357 -13.37 -18.25 -25.94
N ARG D 358 -14.15 -17.17 -25.84
CA ARG D 358 -14.14 -16.16 -26.92
C ARG D 358 -13.01 -15.19 -26.70
N SER D 359 -12.26 -15.38 -25.63
CA SER D 359 -11.18 -14.44 -25.38
C SER D 359 -9.93 -14.74 -26.26
N CYS D 360 -10.01 -15.67 -27.20
CA CYS D 360 -8.92 -15.83 -28.14
C CYS D 360 -9.42 -16.42 -29.46
N GLU D 361 -8.63 -16.33 -30.53
CA GLU D 361 -8.94 -17.12 -31.74
C GLU D 361 -8.21 -18.45 -31.61
N PRO D 362 -8.97 -19.51 -31.43
CA PRO D 362 -8.34 -20.79 -31.18
C PRO D 362 -7.49 -21.28 -32.33
N GLU D 363 -6.30 -21.80 -32.00
N GLU D 363 -6.35 -21.86 -32.00
CA GLU D 363 -5.45 -22.57 -32.89
CA GLU D 363 -5.57 -22.65 -32.94
C GLU D 363 -5.07 -23.84 -32.12
C GLU D 363 -5.04 -23.84 -32.13
N PRO D 364 -4.65 -24.92 -32.81
CA PRO D 364 -4.18 -26.12 -32.09
C PRO D 364 -3.13 -25.88 -30.99
N GLU D 365 -2.23 -24.93 -31.21
CA GLU D 365 -1.20 -24.63 -30.21
C GLU D 365 -1.65 -23.54 -29.22
N ARG D 366 -2.84 -23.03 -29.40
CA ARG D 366 -3.35 -22.02 -28.49
C ARG D 366 -4.86 -22.01 -28.52
N ILE D 367 -5.48 -22.90 -27.73
CA ILE D 367 -6.93 -23.11 -27.70
C ILE D 367 -7.61 -22.30 -26.62
N ILE D 368 -6.84 -21.68 -25.74
CA ILE D 368 -7.30 -20.68 -24.79
C ILE D 368 -6.25 -19.61 -24.56
N PRO D 369 -6.62 -18.47 -23.99
CA PRO D 369 -5.63 -17.44 -23.66
C PRO D 369 -4.72 -17.85 -22.52
N GLU D 370 -3.63 -17.13 -22.32
CA GLU D 370 -2.80 -17.28 -21.15
C GLU D 370 -3.37 -16.35 -20.08
N ALA D 371 -3.02 -16.63 -18.83
CA ALA D 371 -3.50 -15.89 -17.64
C ALA D 371 -3.00 -14.46 -17.54
N PHE D 372 -1.86 -14.15 -18.14
CA PHE D 372 -1.38 -12.77 -18.10
C PHE D 372 -2.03 -11.92 -19.16
N ASP D 373 -2.93 -12.49 -19.91
CA ASP D 373 -3.72 -11.67 -20.79
C ASP D 373 -4.87 -11.03 -20.01
N LYS D 375 -7.15 -8.91 -20.59
CA LYS D 375 -8.49 -8.91 -21.18
C LYS D 375 -9.34 -10.08 -20.70
N VAL D 376 -8.72 -11.25 -20.46
CA VAL D 376 -9.51 -12.42 -20.06
C VAL D 376 -10.23 -12.11 -18.76
N HIS D 377 -9.51 -11.55 -17.80
CA HIS D 377 -10.05 -11.30 -16.48
C HIS D 377 -11.15 -10.27 -16.52
N LEU D 378 -10.97 -9.28 -17.37
CA LEU D 378 -12.02 -8.33 -17.65
C LEU D 378 -13.26 -8.97 -18.20
N ASN D 379 -13.08 -9.78 -19.22
CA ASN D 379 -14.25 -10.36 -19.87
C ASN D 379 -14.97 -11.34 -18.94
N VAL D 380 -14.23 -12.10 -18.16
CA VAL D 380 -14.88 -13.02 -17.21
C VAL D 380 -15.65 -12.22 -16.17
N TYR D 381 -15.01 -11.20 -15.60
CA TYR D 381 -15.66 -10.30 -14.68
C TYR D 381 -16.97 -9.78 -15.26
N THR D 382 -16.90 -9.24 -16.45
CA THR D 382 -18.08 -8.67 -17.05
C THR D 382 -19.15 -9.70 -17.22
N ALA D 383 -18.76 -10.88 -17.67
CA ALA D 383 -19.71 -11.93 -18.02
C ALA D 383 -20.47 -12.37 -16.77
N VAL D 384 -19.72 -12.55 -15.69
CA VAL D 384 -20.26 -12.98 -14.43
C VAL D 384 -21.11 -11.89 -13.77
N LYS D 385 -20.62 -10.66 -13.77
CA LYS D 385 -21.40 -9.51 -13.22
C LYS D 385 -22.77 -9.45 -13.93
N GLY D 386 -22.80 -9.64 -15.25
CA GLY D 386 -24.02 -9.44 -16.01
C GLY D 386 -25.04 -10.55 -15.99
N SER D 387 -24.70 -11.71 -15.44
CA SER D 387 -25.57 -12.89 -15.53
C SER D 387 -26.43 -13.23 -14.37
N ALA D 388 -27.64 -13.70 -14.65
CA ALA D 388 -28.53 -14.25 -13.60
C ALA D 388 -28.56 -15.79 -13.71
#